data_9UAA
#
_entry.id   9UAA
#
_cell.length_a   1.00
_cell.length_b   1.00
_cell.length_c   1.00
_cell.angle_alpha   90.00
_cell.angle_beta   90.00
_cell.angle_gamma   90.00
#
_symmetry.space_group_name_H-M   'P 1'
#
loop_
_entity.id
_entity.type
_entity.pdbx_description
1 polymer 'Fusion glycoprotein F0'
2 polymer 5C8-VL
3 polymer 5C8-VH
4 non-polymer 2-acetamido-2-deoxy-beta-D-glucopyranose
5 water water
#
loop_
_entity_poly.entity_id
_entity_poly.type
_entity_poly.pdbx_seq_one_letter_code
_entity_poly.pdbx_strand_id
1 'polypeptide(L)'
;ILHYEKLSKIGLVKGVTRKYKIKSNPLTKDIVIKMIPNVSNMSQCTGSVMENYKTRLNGILTPIKGALEIYKNNTHDLVG
DVRLAGVIMAGVAIGIATAAQITAGVALYEAMKNADNINKLKSSIESTNEAVVKLQETAEKTVYVLTALQDYINTNLVPT
IDKISCKQTELSLDLALSKYLSDLLFVFGPNLQDPVSNSMTIQAISQAFGGNYETLLRTLGYATEDFDDLLESDSITGQI
IYVDLSSYYIIVRVYFPILTEIQQAYIQELLPVSFNNDNSEWISIVPNFILVRNTLISNIEIGFCLITKRSVICNQDYAT
PMTNNMRECLTGSTEKCPRELVVSSHVPRFALSNGVLFANCISVTCQCQTTGRAISQSGEQTLLMIDNTTCPTAVLGNVI
ISLGKYLGSVNYNSEGIAIGPPVFTDKVDISSQISSMNQSLQQSK
;
A,B,C
2 'polypeptide(L)'
;DIQLTQSPSSLSASVGDTVTITCQASQGIGNNLHWYQQKPGKAPKLLIYRASSLQSGIPSRFSGSGSGTDYTLTISSLQP
EDFAYYCQQGYSYPFTFGPGTKVDIK
;
F,E,D
3 'polypeptide(L)'
;QVQLQESGPGVVKPSETLSLTCAVSGGSISDSYRWSWIRQPPGKGLEWIGYIYGSSTSTNYNPSLKSRVTISKDTSKNQF
SLNLSSLTAADTAVYYCVRVVQYLEWFVDLIEVNWFDVWGPGVLVTV
;
G,H,I
#
# COMPACT_ATOMS: atom_id res chain seq x y z
N ILE A 1 34.38 -5.94 13.78
CA ILE A 1 33.69 -5.15 14.80
C ILE A 1 32.54 -5.94 15.42
N LEU A 2 31.86 -6.76 14.63
CA LEU A 2 30.85 -7.67 15.13
C LEU A 2 31.48 -9.01 15.47
N HIS A 3 30.85 -9.73 16.40
CA HIS A 3 31.37 -11.02 16.88
C HIS A 3 30.52 -12.13 16.27
N TYR A 4 30.93 -12.58 15.08
CA TYR A 4 30.09 -13.50 14.31
C TYR A 4 30.03 -14.89 14.93
N GLU A 5 31.13 -15.37 15.50
CA GLU A 5 31.12 -16.72 16.07
C GLU A 5 30.15 -16.81 17.25
N LYS A 6 30.15 -15.82 18.13
CA LYS A 6 29.21 -15.82 19.25
C LYS A 6 27.78 -15.65 18.76
N LEU A 7 27.57 -14.87 17.69
CA LEU A 7 26.21 -14.63 17.22
C LEU A 7 25.63 -15.86 16.52
N SER A 8 26.47 -16.67 15.87
CA SER A 8 25.95 -17.84 15.18
C SER A 8 25.35 -18.85 16.15
N LYS A 9 25.77 -18.81 17.42
CA LYS A 9 25.27 -19.74 18.43
C LYS A 9 23.91 -19.36 18.98
N ILE A 10 23.42 -18.15 18.69
CA ILE A 10 22.05 -17.80 19.05
C ILE A 10 21.22 -17.66 17.78
N GLY A 11 21.61 -18.39 16.73
CA GLY A 11 20.83 -18.47 15.52
C GLY A 11 20.92 -17.31 14.57
N LEU A 12 21.97 -16.49 14.66
CA LEU A 12 22.15 -15.34 13.77
C LEU A 12 23.38 -15.61 12.90
N VAL A 13 23.14 -16.11 11.68
CA VAL A 13 24.21 -16.60 10.80
C VAL A 13 24.62 -15.48 9.86
N LYS A 14 25.91 -15.45 9.50
CA LYS A 14 26.44 -14.36 8.68
C LYS A 14 25.98 -14.47 7.23
N GLY A 15 25.39 -13.40 6.73
CA GLY A 15 24.92 -13.31 5.35
C GLY A 15 25.87 -12.55 4.45
N VAL A 16 25.31 -11.88 3.46
CA VAL A 16 26.05 -11.13 2.44
C VAL A 16 26.38 -9.73 2.95
N THR A 17 27.55 -9.22 2.56
CA THR A 17 27.96 -7.84 2.83
C THR A 17 27.74 -6.98 1.59
N ARG A 18 27.26 -5.74 1.78
CA ARG A 18 26.92 -4.87 0.66
C ARG A 18 27.47 -3.47 0.86
N LYS A 19 27.70 -2.78 -0.26
CA LYS A 19 28.15 -1.39 -0.29
C LYS A 19 26.98 -0.42 -0.09
N TYR A 20 27.31 0.85 0.12
CA TYR A 20 26.35 1.90 0.46
C TYR A 20 26.49 3.05 -0.53
N LYS A 21 25.40 3.40 -1.22
CA LYS A 21 25.43 4.43 -2.27
C LYS A 21 24.24 5.38 -2.14
N ILE A 22 24.48 6.67 -2.40
CA ILE A 22 23.47 7.71 -2.29
C ILE A 22 23.51 8.62 -3.53
N LYS A 23 22.34 9.12 -3.94
CA LYS A 23 22.24 9.98 -5.11
C LYS A 23 22.83 11.37 -4.86
N SER A 24 23.33 11.99 -5.94
CA SER A 24 23.92 13.34 -5.86
C SER A 24 24.11 13.90 -7.28
N ASN A 25 24.44 15.20 -7.33
CA ASN A 25 24.85 15.97 -8.51
C ASN A 25 23.92 15.78 -9.71
N PRO A 26 22.69 16.30 -9.67
CA PRO A 26 21.76 16.06 -10.77
C PRO A 26 22.04 16.89 -12.01
N LEU A 27 21.61 16.36 -13.16
CA LEU A 27 21.60 17.08 -14.43
C LEU A 27 20.14 17.39 -14.78
N THR A 28 19.88 18.60 -15.27
CA THR A 28 18.51 19.07 -15.44
C THR A 28 18.14 19.22 -16.92
N LYS A 29 16.89 18.87 -17.24
CA LYS A 29 16.35 19.07 -18.59
C LYS A 29 14.87 19.43 -18.52
N ASP A 30 14.39 20.19 -19.50
CA ASP A 30 13.01 20.68 -19.51
C ASP A 30 12.17 19.97 -20.58
N ILE A 31 10.88 19.79 -20.29
CA ILE A 31 9.96 19.15 -21.23
C ILE A 31 8.54 19.66 -21.02
N VAL A 32 7.77 19.72 -22.10
CA VAL A 32 6.40 20.25 -22.11
C VAL A 32 5.41 19.08 -22.16
N ILE A 33 4.37 19.15 -21.33
CA ILE A 33 3.27 18.18 -21.38
C ILE A 33 1.97 18.92 -21.57
N LYS A 34 1.27 18.61 -22.67
CA LYS A 34 -0.01 19.22 -22.99
C LYS A 34 -1.13 18.24 -22.66
N MET A 35 -2.09 18.68 -21.85
CA MET A 35 -3.10 17.81 -21.27
C MET A 35 -4.44 17.89 -22.00
N ILE A 36 -4.42 18.19 -23.29
CA ILE A 36 -5.64 18.21 -24.11
C ILE A 36 -5.28 17.82 -25.54
N PRO A 37 -5.96 16.85 -26.13
CA PRO A 37 -5.65 16.45 -27.51
C PRO A 37 -6.21 17.43 -28.53
N ASN A 38 -5.66 17.32 -29.75
CA ASN A 38 -6.06 18.14 -30.88
C ASN A 38 -7.14 17.39 -31.68
N VAL A 39 -8.28 18.05 -31.88
CA VAL A 39 -9.43 17.40 -32.50
C VAL A 39 -9.79 18.07 -33.82
N SER A 40 -8.78 18.62 -34.51
CA SER A 40 -9.04 19.32 -35.76
C SER A 40 -9.61 18.39 -36.83
N ASN A 41 -9.09 17.16 -36.93
CA ASN A 41 -9.48 16.24 -37.98
C ASN A 41 -10.79 15.51 -37.70
N MET A 42 -11.47 15.82 -36.59
CA MET A 42 -12.76 15.25 -36.26
C MET A 42 -13.66 16.30 -35.65
N SER A 43 -13.50 17.55 -36.09
CA SER A 43 -14.11 18.69 -35.40
C SER A 43 -15.63 18.63 -35.45
N GLN A 44 -16.19 17.91 -36.42
CA GLN A 44 -17.63 17.83 -36.54
C GLN A 44 -18.25 16.74 -35.67
N CYS A 45 -17.44 16.03 -34.87
CA CYS A 45 -17.95 14.97 -34.02
C CYS A 45 -17.69 15.21 -32.53
N THR A 46 -17.62 16.46 -32.08
CA THR A 46 -17.25 16.74 -30.70
C THR A 46 -18.41 17.22 -29.84
N GLY A 47 -19.42 17.88 -30.41
CA GLY A 47 -20.54 18.34 -29.61
C GLY A 47 -20.10 19.39 -28.59
N SER A 48 -20.51 19.18 -27.33
CA SER A 48 -20.15 20.06 -26.23
C SER A 48 -19.21 19.39 -25.24
N VAL A 49 -18.48 18.37 -25.68
CA VAL A 49 -17.60 17.61 -24.78
C VAL A 49 -16.39 18.45 -24.38
N MET A 50 -15.79 19.16 -25.32
CA MET A 50 -14.54 19.85 -25.06
C MET A 50 -14.72 21.02 -24.10
N GLU A 51 -15.83 21.77 -24.21
CA GLU A 51 -16.06 22.89 -23.30
C GLU A 51 -16.20 22.42 -21.86
N ASN A 52 -16.99 21.37 -21.64
CA ASN A 52 -17.14 20.81 -20.30
C ASN A 52 -15.80 20.29 -19.77
N TYR A 53 -15.04 19.60 -20.62
CA TYR A 53 -13.72 19.11 -20.22
C TYR A 53 -12.81 20.26 -19.80
N LYS A 54 -12.82 21.36 -20.57
CA LYS A 54 -11.94 22.48 -20.25
C LYS A 54 -12.35 23.16 -18.95
N THR A 55 -13.66 23.27 -18.69
CA THR A 55 -14.10 23.81 -17.40
C THR A 55 -13.58 22.96 -16.25
N ARG A 56 -13.72 21.63 -16.36
CA ARG A 56 -13.23 20.75 -15.30
C ARG A 56 -11.72 20.87 -15.12
N LEU A 57 -10.97 20.88 -16.23
CA LEU A 57 -9.51 20.93 -16.14
C LEU A 57 -9.04 22.27 -15.56
N ASN A 58 -9.69 23.37 -15.94
CA ASN A 58 -9.36 24.66 -15.36
C ASN A 58 -9.58 24.66 -13.85
N GLY A 59 -10.70 24.07 -13.41
CA GLY A 59 -10.92 23.92 -11.98
C GLY A 59 -9.81 23.16 -11.29
N ILE A 60 -9.30 22.12 -11.96
CA ILE A 60 -8.19 21.35 -11.38
C ILE A 60 -6.91 22.18 -11.32
N LEU A 61 -6.58 22.89 -12.40
CA LEU A 61 -5.25 23.48 -12.54
C LEU A 61 -5.10 24.85 -11.87
N THR A 62 -6.19 25.55 -11.56
CA THR A 62 -6.05 26.90 -11.00
C THR A 62 -5.27 26.95 -9.68
N PRO A 63 -5.55 26.11 -8.67
CA PRO A 63 -4.81 26.23 -7.40
C PRO A 63 -3.31 25.98 -7.52
N ILE A 64 -2.86 25.14 -8.45
CA ILE A 64 -1.43 24.90 -8.63
C ILE A 64 -0.73 26.19 -9.06
N LYS A 65 -1.30 26.88 -10.04
CA LYS A 65 -0.74 28.16 -10.47
C LYS A 65 -0.78 29.17 -9.34
N GLY A 66 -1.87 29.19 -8.57
CA GLY A 66 -1.93 30.06 -7.41
C GLY A 66 -0.80 29.81 -6.42
N ALA A 67 -0.48 28.53 -6.20
CA ALA A 67 0.59 28.19 -5.27
C ALA A 67 1.96 28.59 -5.82
N LEU A 68 2.17 28.47 -7.13
CA LEU A 68 3.45 28.90 -7.71
C LEU A 68 3.63 30.41 -7.63
N GLU A 69 2.54 31.17 -7.82
CA GLU A 69 2.66 32.62 -7.88
C GLU A 69 3.17 33.22 -6.58
N ILE A 70 2.94 32.54 -5.44
CA ILE A 70 3.40 33.07 -4.16
C ILE A 70 4.92 33.24 -4.16
N TYR A 71 5.64 32.20 -4.60
CA TYR A 71 7.08 32.32 -4.69
C TYR A 71 7.53 33.14 -5.89
N LYS A 72 6.79 33.09 -7.00
CA LYS A 72 7.24 33.84 -8.18
C LYS A 72 7.15 35.35 -7.97
N ASN A 73 6.15 35.83 -7.23
CA ASN A 73 5.95 37.26 -7.04
C ASN A 73 6.89 37.87 -6.00
N ASN A 74 7.61 37.08 -5.23
CA ASN A 74 8.36 37.56 -4.08
C ASN A 74 9.83 37.13 -4.14
N THR A 75 10.42 37.17 -5.33
CA THR A 75 11.80 36.72 -5.53
C THR A 75 12.42 37.53 -6.65
N HIS A 76 13.62 38.08 -6.41
CA HIS A 76 14.26 38.93 -7.42
C HIS A 76 15.76 38.96 -7.19
N ASP A 77 16.48 39.42 -8.22
CA ASP A 77 17.93 39.52 -8.17
C ASP A 77 18.37 40.54 -7.13
N LEU A 78 19.53 40.28 -6.53
CA LEU A 78 20.10 41.17 -5.52
C LEU A 78 20.52 42.49 -6.15
N GLY A 86 23.53 36.78 -6.36
CA GLY A 86 22.54 35.81 -5.95
C GLY A 86 21.12 36.35 -5.99
N VAL A 87 20.17 35.54 -5.54
CA VAL A 87 18.77 35.91 -5.53
C VAL A 87 18.29 36.01 -4.09
N ILE A 88 17.38 36.93 -3.83
CA ILE A 88 16.91 37.23 -2.49
C ILE A 88 15.41 37.04 -2.42
N MET A 89 14.95 36.28 -1.43
CA MET A 89 13.53 36.10 -1.14
C MET A 89 13.07 37.11 -0.10
N ALA A 90 11.77 37.40 -0.13
CA ALA A 90 11.15 38.32 0.83
C ALA A 90 10.45 37.49 1.90
N GLY A 91 11.07 37.39 3.08
CA GLY A 91 10.55 36.52 4.12
C GLY A 91 9.22 36.95 4.67
N VAL A 92 8.98 38.26 4.77
CA VAL A 92 7.72 38.76 5.33
C VAL A 92 6.54 38.32 4.48
N ALA A 93 6.67 38.42 3.15
CA ALA A 93 5.59 37.99 2.27
C ALA A 93 5.39 36.48 2.31
N ILE A 94 6.49 35.71 2.39
CA ILE A 94 6.38 34.26 2.42
C ILE A 94 5.70 33.80 3.71
N GLY A 95 6.16 34.32 4.85
CA GLY A 95 5.58 34.00 6.14
C GLY A 95 6.09 32.74 6.81
N ILE A 96 5.68 31.56 6.34
CA ILE A 96 5.99 30.29 6.98
C ILE A 96 6.45 29.31 5.91
N ALA A 97 7.58 28.64 6.15
CA ALA A 97 8.12 27.67 5.19
C ALA A 97 9.21 26.83 5.85
N THR A 98 9.41 25.64 5.29
CA THR A 98 10.54 24.78 5.65
C THR A 98 11.75 25.09 4.78
N ALA A 99 12.90 24.51 5.15
CA ALA A 99 14.12 24.70 4.37
C ALA A 99 13.99 24.11 2.98
N ALA A 100 13.36 22.94 2.86
CA ALA A 100 13.17 22.32 1.56
C ALA A 100 12.34 23.18 0.62
N GLN A 101 11.27 23.79 1.14
CA GLN A 101 10.45 24.67 0.33
C GLN A 101 11.23 25.88 -0.16
N ILE A 102 12.06 26.47 0.70
CA ILE A 102 12.84 27.65 0.33
C ILE A 102 13.84 27.31 -0.76
N THR A 103 14.55 26.19 -0.62
CA THR A 103 15.49 25.77 -1.65
C THR A 103 14.78 25.48 -2.97
N ALA A 104 13.61 24.85 -2.91
CA ALA A 104 12.85 24.61 -4.13
C ALA A 104 12.39 25.91 -4.79
N GLY A 105 12.07 26.92 -3.98
CA GLY A 105 11.74 28.22 -4.55
C GLY A 105 12.92 28.86 -5.27
N VAL A 106 14.11 28.75 -4.69
CA VAL A 106 15.31 29.22 -5.39
C VAL A 106 15.45 28.51 -6.73
N ALA A 107 15.23 27.19 -6.76
CA ALA A 107 15.35 26.45 -8.02
C ALA A 107 14.30 26.90 -9.04
N LEU A 108 13.08 27.15 -8.59
CA LEU A 108 12.03 27.65 -9.49
C LEU A 108 12.44 28.98 -10.13
N TYR A 109 12.97 29.89 -9.32
CA TYR A 109 13.44 31.16 -9.87
C TYR A 109 14.54 30.94 -10.89
N GLU A 110 15.44 29.98 -10.63
CA GLU A 110 16.49 29.69 -11.59
C GLU A 110 15.92 29.17 -12.91
N ALA A 111 14.81 28.43 -12.86
CA ALA A 111 14.24 27.84 -14.08
C ALA A 111 13.39 28.81 -14.90
N MET A 112 12.95 29.93 -14.31
CA MET A 112 12.07 30.84 -15.05
C MET A 112 12.64 31.38 -16.36
N LYS A 113 13.98 31.49 -16.50
CA LYS A 113 14.54 32.04 -17.73
C LYS A 113 14.27 31.14 -18.94
N ASN A 114 14.62 29.86 -18.82
CA ASN A 114 14.29 28.91 -19.88
C ASN A 114 12.78 28.76 -20.02
N ALA A 115 12.03 28.95 -18.93
CA ALA A 115 10.57 28.95 -19.06
C ALA A 115 10.09 30.04 -20.02
N ASP A 116 10.65 31.24 -19.91
CA ASP A 116 10.28 32.33 -20.81
C ASP A 116 10.67 32.02 -22.25
N ASN A 117 11.89 31.50 -22.45
CA ASN A 117 12.32 31.16 -23.79
C ASN A 117 11.38 30.13 -24.42
N ILE A 118 10.96 29.12 -23.66
CA ILE A 118 10.06 28.09 -24.20
C ILE A 118 8.67 28.67 -24.47
N ASN A 119 8.17 29.53 -23.56
CA ASN A 119 6.86 30.13 -23.73
C ASN A 119 6.80 31.09 -24.91
N LYS A 120 7.92 31.47 -25.49
CA LYS A 120 7.86 32.22 -26.75
C LYS A 120 7.24 31.41 -27.89
N LEU A 121 7.11 30.09 -27.76
CA LEU A 121 6.59 29.22 -28.82
C LEU A 121 5.18 28.69 -28.54
N LYS A 122 4.32 29.53 -27.96
CA LYS A 122 3.00 29.08 -27.54
C LYS A 122 2.13 28.62 -28.70
N SER A 123 2.13 29.39 -29.80
CA SER A 123 1.30 29.03 -30.94
C SER A 123 1.81 27.76 -31.62
N SER A 124 3.12 27.52 -31.60
CA SER A 124 3.66 26.27 -32.11
C SER A 124 3.27 25.10 -31.21
N ILE A 125 3.23 25.33 -29.90
CA ILE A 125 2.81 24.26 -28.97
C ILE A 125 1.36 23.88 -29.22
N GLU A 126 0.49 24.88 -29.40
CA GLU A 126 -0.94 24.59 -29.57
C GLU A 126 -1.26 23.79 -30.82
N SER A 127 -0.36 23.72 -31.80
CA SER A 127 -0.66 23.09 -33.08
C SER A 127 -0.16 21.65 -33.21
N THR A 128 0.52 21.10 -32.20
CA THR A 128 1.05 19.76 -32.34
C THR A 128 -0.07 18.75 -32.55
N ASN A 129 0.17 17.78 -33.44
N ASN A 129 0.17 17.79 -33.45
CA ASN A 129 -0.83 16.79 -33.79
CA ASN A 129 -0.83 16.79 -33.79
C ASN A 129 -0.31 15.36 -33.65
C ASN A 129 -0.33 15.36 -33.62
N GLU A 130 0.81 15.16 -32.97
CA GLU A 130 1.34 13.84 -32.70
C GLU A 130 1.60 13.68 -31.22
N ALA A 131 1.83 12.44 -30.79
CA ALA A 131 2.10 12.16 -29.40
C ALA A 131 3.45 12.72 -28.95
N VAL A 132 4.48 12.65 -29.81
CA VAL A 132 5.82 13.13 -29.50
C VAL A 132 6.28 14.05 -30.64
N VAL A 133 6.57 15.31 -30.30
CA VAL A 133 6.98 16.29 -31.31
C VAL A 133 8.21 17.03 -30.80
N LYS A 134 9.13 17.35 -31.73
CA LYS A 134 10.32 18.14 -31.44
C LYS A 134 10.17 19.54 -32.03
N LEU A 135 10.59 20.55 -31.27
CA LEU A 135 10.54 21.94 -31.71
C LEU A 135 11.89 22.62 -31.44
N GLN A 136 12.18 23.65 -32.22
CA GLN A 136 13.45 24.37 -32.15
C GLN A 136 13.31 25.57 -31.23
N GLU A 137 13.80 25.43 -30.00
CA GLU A 137 13.84 26.58 -29.09
C GLU A 137 14.88 27.59 -29.54
N THR A 138 16.05 27.10 -29.94
CA THR A 138 17.12 27.94 -30.48
C THR A 138 17.80 27.12 -31.58
N ALA A 139 18.72 27.76 -32.30
CA ALA A 139 19.46 27.04 -33.33
C ALA A 139 20.23 25.87 -32.76
N GLU A 140 20.61 25.94 -31.48
CA GLU A 140 21.33 24.87 -30.81
C GLU A 140 20.50 24.07 -29.82
N LYS A 141 19.38 24.62 -29.33
CA LYS A 141 18.59 23.98 -28.30
C LYS A 141 17.21 23.60 -28.83
N THR A 142 16.72 22.44 -28.40
CA THR A 142 15.43 21.92 -28.80
C THR A 142 14.58 21.60 -27.57
N VAL A 143 13.26 21.54 -27.77
CA VAL A 143 12.32 21.20 -26.70
C VAL A 143 11.28 20.22 -27.24
N TYR A 144 10.93 19.23 -26.41
CA TYR A 144 10.01 18.17 -26.79
C TYR A 144 8.62 18.39 -26.18
N VAL A 145 7.60 18.00 -26.93
CA VAL A 145 6.20 18.12 -26.51
C VAL A 145 5.56 16.73 -26.54
N LEU A 146 4.91 16.36 -25.44
CA LEU A 146 4.16 15.11 -25.30
C LEU A 146 2.69 15.44 -25.07
N THR A 147 1.81 14.84 -25.86
CA THR A 147 0.38 15.15 -25.81
C THR A 147 -0.42 13.92 -25.38
N ALA A 148 -1.23 14.07 -24.33
CA ALA A 148 -2.03 12.98 -23.82
C ALA A 148 -3.20 12.64 -24.74
N LEU A 149 -3.50 11.35 -24.84
CA LEU A 149 -4.62 10.78 -25.59
C LEU A 149 -4.53 11.01 -27.10
N GLN A 150 -3.43 11.58 -27.59
CA GLN A 150 -3.32 11.83 -29.03
C GLN A 150 -3.23 10.54 -29.83
N ASP A 151 -2.57 9.52 -29.29
CA ASP A 151 -2.47 8.23 -29.98
C ASP A 151 -3.85 7.60 -30.17
N TYR A 152 -4.71 7.67 -29.14
CA TYR A 152 -6.06 7.14 -29.25
C TYR A 152 -6.88 7.89 -30.30
N ILE A 153 -6.74 9.21 -30.36
CA ILE A 153 -7.44 9.98 -31.39
C ILE A 153 -6.94 9.60 -32.78
N ASN A 154 -5.61 9.52 -32.95
CA ASN A 154 -5.05 9.34 -34.29
C ASN A 154 -5.22 7.92 -34.81
N THR A 155 -5.25 6.92 -33.93
CA THR A 155 -5.24 5.52 -34.36
C THR A 155 -6.61 4.85 -34.31
N ASN A 156 -7.53 5.33 -33.49
CA ASN A 156 -8.81 4.66 -33.29
C ASN A 156 -10.01 5.46 -33.79
N LEU A 157 -10.17 6.69 -33.32
CA LEU A 157 -11.38 7.45 -33.63
C LEU A 157 -11.36 8.00 -35.05
N VAL A 158 -10.23 8.55 -35.49
CA VAL A 158 -10.15 9.09 -36.85
C VAL A 158 -10.34 8.01 -37.92
N PRO A 159 -9.68 6.85 -37.85
CA PRO A 159 -9.84 5.87 -38.95
C PRO A 159 -11.22 5.25 -39.07
N THR A 160 -12.11 5.41 -38.11
CA THR A 160 -13.43 4.78 -38.14
C THR A 160 -14.56 5.79 -38.26
N ILE A 161 -14.33 6.93 -38.90
CA ILE A 161 -15.30 8.04 -38.88
C ILE A 161 -16.61 7.62 -39.55
N ASP A 162 -16.53 7.00 -40.74
CA ASP A 162 -17.75 6.72 -41.48
C ASP A 162 -18.38 5.40 -41.07
N LYS A 163 -17.63 4.51 -40.42
CA LYS A 163 -18.17 3.20 -40.07
C LYS A 163 -19.18 3.28 -38.94
N ILE A 164 -19.04 4.28 -38.06
CA ILE A 164 -19.99 4.51 -36.99
C ILE A 164 -20.55 5.92 -37.12
N SER A 165 -21.60 6.20 -36.35
CA SER A 165 -22.27 7.48 -36.40
C SER A 165 -21.59 8.52 -35.53
N CYS A 166 -21.89 9.80 -35.79
CA CYS A 166 -21.21 10.90 -35.12
C CYS A 166 -21.44 10.85 -33.61
N LYS A 167 -22.66 10.52 -33.20
CA LYS A 167 -22.96 10.47 -31.77
C LYS A 167 -22.11 9.40 -31.08
N GLN A 168 -21.89 8.26 -31.73
CA GLN A 168 -21.06 7.21 -31.17
C GLN A 168 -19.62 7.68 -30.98
N THR A 169 -19.07 8.37 -31.97
CA THR A 169 -17.72 8.92 -31.84
C THR A 169 -17.63 9.90 -30.68
N GLU A 170 -18.63 10.76 -30.55
CA GLU A 170 -18.66 11.71 -29.45
C GLU A 170 -18.69 11.00 -28.09
N LEU A 171 -19.51 9.96 -27.97
CA LEU A 171 -19.61 9.22 -26.71
C LEU A 171 -18.30 8.50 -26.37
N SER A 172 -17.62 7.93 -27.37
CA SER A 172 -16.31 7.31 -27.10
C SER A 172 -15.30 8.35 -26.61
N LEU A 173 -15.27 9.53 -27.25
CA LEU A 173 -14.33 10.56 -26.83
C LEU A 173 -14.62 11.01 -25.40
N ASP A 174 -15.91 11.17 -25.07
CA ASP A 174 -16.29 11.57 -23.71
C ASP A 174 -15.83 10.55 -22.68
N LEU A 175 -16.04 9.25 -22.98
CA LEU A 175 -15.61 8.21 -22.06
C LEU A 175 -14.09 8.22 -21.87
N ALA A 176 -13.34 8.40 -22.97
CA ALA A 176 -11.88 8.39 -22.88
C ALA A 176 -11.38 9.55 -22.01
N LEU A 177 -11.93 10.75 -22.21
CA LEU A 177 -11.51 11.88 -21.39
C LEU A 177 -11.84 11.66 -19.92
N SER A 178 -13.02 11.11 -19.63
CA SER A 178 -13.40 10.89 -18.23
C SER A 178 -12.49 9.86 -17.57
N LYS A 179 -12.14 8.78 -18.28
CA LYS A 179 -11.18 7.81 -17.71
C LYS A 179 -9.82 8.46 -17.45
N TYR A 180 -9.36 9.31 -18.37
CA TYR A 180 -8.09 10.00 -18.17
C TYR A 180 -8.12 10.86 -16.91
N LEU A 181 -9.21 11.59 -16.70
CA LEU A 181 -9.35 12.40 -15.48
C LEU A 181 -9.39 11.53 -14.23
N SER A 182 -10.10 10.40 -14.29
CA SER A 182 -10.15 9.48 -13.15
C SER A 182 -8.76 9.00 -12.76
N ASP A 183 -7.92 8.70 -13.75
CA ASP A 183 -6.55 8.31 -13.43
C ASP A 183 -5.70 9.48 -12.94
N LEU A 184 -5.99 10.70 -13.40
CA LEU A 184 -5.15 11.85 -13.08
C LEU A 184 -5.38 12.38 -11.66
N LEU A 185 -6.61 12.29 -11.16
CA LEU A 185 -6.99 13.04 -9.97
C LEU A 185 -6.23 12.62 -8.70
N PHE A 186 -5.75 11.39 -8.60
CA PHE A 186 -5.04 11.01 -7.39
C PHE A 186 -3.73 11.79 -7.24
N VAL A 187 -3.02 11.99 -8.35
CA VAL A 187 -1.73 12.68 -8.29
C VAL A 187 -1.91 14.20 -8.35
N PHE A 188 -2.74 14.71 -9.26
CA PHE A 188 -2.78 16.15 -9.47
C PHE A 188 -3.95 16.85 -8.80
N GLY A 189 -4.69 16.16 -7.93
CA GLY A 189 -5.84 16.76 -7.29
C GLY A 189 -5.52 17.48 -5.99
N PRO A 190 -6.49 17.54 -5.08
CA PRO A 190 -6.27 18.23 -3.80
C PRO A 190 -5.17 17.62 -2.95
N ASN A 191 -4.73 16.40 -3.23
CA ASN A 191 -3.61 15.82 -2.51
C ASN A 191 -2.33 16.64 -2.70
N LEU A 192 -2.21 17.34 -3.82
CA LEU A 192 -1.03 18.15 -4.14
C LEU A 192 -1.21 19.54 -3.52
N GLN A 193 -0.90 19.66 -2.24
CA GLN A 193 -1.00 20.96 -1.57
C GLN A 193 0.28 21.78 -1.63
N ASP A 194 1.41 21.15 -1.95
CA ASP A 194 2.71 21.84 -2.00
C ASP A 194 3.43 21.49 -3.31
N PRO A 195 3.15 22.22 -4.39
CA PRO A 195 3.84 21.94 -5.66
C PRO A 195 5.22 22.57 -5.80
N VAL A 196 5.66 23.40 -4.86
CA VAL A 196 6.95 24.09 -5.04
C VAL A 196 8.11 23.10 -4.94
N SER A 197 7.97 22.03 -4.18
CA SER A 197 9.06 21.09 -3.91
C SER A 197 9.55 20.42 -5.19
N ASN A 198 10.64 19.65 -5.05
CA ASN A 198 11.20 18.85 -6.12
C ASN A 198 11.49 17.43 -5.66
N SER A 199 10.53 16.82 -4.96
CA SER A 199 10.69 15.45 -4.48
C SER A 199 9.70 14.46 -5.09
N MET A 200 8.81 14.90 -5.96
CA MET A 200 7.87 13.99 -6.61
C MET A 200 8.58 13.16 -7.67
N THR A 201 8.34 11.84 -7.66
CA THR A 201 9.03 10.95 -8.57
C THR A 201 8.53 11.11 -10.01
N ILE A 202 9.39 10.73 -10.96
CA ILE A 202 9.05 10.84 -12.38
C ILE A 202 7.92 9.88 -12.74
N GLN A 203 7.83 8.73 -12.07
CA GLN A 203 6.74 7.81 -12.31
C GLN A 203 5.38 8.45 -11.97
N ALA A 204 5.32 9.16 -10.84
CA ALA A 204 4.08 9.84 -10.46
C ALA A 204 3.75 10.98 -11.42
N ILE A 205 4.76 11.74 -11.86
CA ILE A 205 4.51 12.83 -12.80
C ILE A 205 4.01 12.32 -14.13
N SER A 206 4.49 11.14 -14.56
CA SER A 206 4.10 10.63 -15.87
C SER A 206 2.63 10.23 -15.96
N GLN A 207 1.85 10.32 -14.87
CA GLN A 207 0.42 10.08 -14.96
C GLN A 207 -0.28 11.10 -15.87
N ALA A 208 0.30 12.29 -16.05
CA ALA A 208 -0.23 13.26 -17.00
C ALA A 208 -0.02 12.81 -18.45
N PHE A 209 0.83 11.81 -18.69
CA PHE A 209 1.03 11.23 -20.02
C PHE A 209 0.65 9.75 -20.03
N GLY A 210 -0.37 9.38 -19.25
CA GLY A 210 -0.86 8.02 -19.23
C GLY A 210 0.00 7.02 -18.50
N GLY A 211 0.99 7.47 -17.72
CA GLY A 211 1.86 6.55 -17.01
C GLY A 211 3.01 5.98 -17.81
N ASN A 212 3.35 6.58 -18.96
CA ASN A 212 4.41 6.07 -19.82
C ASN A 212 5.69 6.88 -19.57
N TYR A 213 6.37 6.59 -18.47
CA TYR A 213 7.61 7.28 -18.14
C TYR A 213 8.79 6.81 -18.98
N GLU A 214 8.72 5.59 -19.53
CA GLU A 214 9.80 5.08 -20.35
C GLU A 214 9.99 5.92 -21.61
N THR A 215 8.88 6.28 -22.28
CA THR A 215 8.98 7.13 -23.46
C THR A 215 9.55 8.49 -23.11
N LEU A 216 9.12 9.08 -21.99
CA LEU A 216 9.61 10.38 -21.57
C LEU A 216 11.13 10.35 -21.39
N LEU A 217 11.62 9.38 -20.62
CA LEU A 217 13.07 9.31 -20.37
C LEU A 217 13.84 8.99 -21.64
N ARG A 218 13.29 8.15 -22.53
CA ARG A 218 13.99 7.85 -23.78
C ARG A 218 14.10 9.08 -24.66
N THR A 219 13.02 9.87 -24.80
CA THR A 219 13.09 11.06 -25.63
C THR A 219 14.06 12.09 -25.04
N LEU A 220 14.10 12.22 -23.72
CA LEU A 220 15.02 13.20 -23.14
C LEU A 220 16.47 12.87 -23.43
N GLY A 221 16.81 11.60 -23.67
CA GLY A 221 18.14 11.23 -24.10
C GLY A 221 19.09 10.80 -23.01
N TYR A 222 18.60 10.55 -21.80
CA TYR A 222 19.46 10.06 -20.72
C TYR A 222 19.95 8.65 -21.03
N ALA A 223 21.21 8.38 -20.69
CA ALA A 223 21.78 7.06 -20.92
C ALA A 223 22.97 6.83 -20.00
N THR A 224 22.84 5.86 -19.10
CA THR A 224 23.89 5.50 -18.15
C THR A 224 23.80 4.02 -17.85
N GLU A 225 24.82 3.50 -17.17
CA GLU A 225 24.81 2.11 -16.73
C GLU A 225 24.00 1.89 -15.46
N ASP A 226 23.76 2.93 -14.67
CA ASP A 226 22.98 2.84 -13.43
C ASP A 226 21.55 3.29 -13.61
N PHE A 227 21.02 3.22 -14.83
CA PHE A 227 19.71 3.78 -15.15
C PHE A 227 18.59 3.11 -14.35
N ASP A 228 18.51 1.78 -14.41
CA ASP A 228 17.41 1.09 -13.75
C ASP A 228 17.55 1.15 -12.23
N ASP A 229 18.78 1.14 -11.72
CA ASP A 229 19.00 1.31 -10.29
C ASP A 229 18.50 2.68 -9.83
N LEU A 230 18.74 3.73 -10.61
CA LEU A 230 18.23 5.05 -10.27
C LEU A 230 16.71 5.10 -10.35
N LEU A 231 16.12 4.44 -11.35
CA LEU A 231 14.66 4.39 -11.45
C LEU A 231 14.03 3.72 -10.23
N GLU A 232 14.50 2.53 -9.87
CA GLU A 232 13.80 1.75 -8.85
C GLU A 232 14.11 2.19 -7.42
N SER A 233 15.07 3.08 -7.21
CA SER A 233 15.31 3.65 -5.90
C SER A 233 14.56 4.97 -5.69
N ASP A 234 13.73 5.37 -6.64
CA ASP A 234 12.98 6.63 -6.60
C ASP A 234 13.91 7.83 -6.49
N SER A 235 14.95 7.84 -7.33
CA SER A 235 15.96 8.90 -7.33
C SER A 235 15.79 9.90 -8.47
N ILE A 236 14.88 9.66 -9.41
CA ILE A 236 14.65 10.57 -10.54
C ILE A 236 13.37 11.34 -10.28
N THR A 237 13.48 12.65 -10.11
CA THR A 237 12.35 13.50 -9.72
C THR A 237 12.11 14.58 -10.76
N GLY A 238 11.02 15.32 -10.57
CA GLY A 238 10.66 16.42 -11.45
C GLY A 238 9.90 17.49 -10.70
N GLN A 239 9.94 18.70 -11.24
CA GLN A 239 9.34 19.88 -10.63
C GLN A 239 8.54 20.66 -11.67
N ILE A 240 7.32 21.05 -11.32
CA ILE A 240 6.49 21.87 -12.19
C ILE A 240 6.95 23.32 -12.12
N ILE A 241 7.22 23.92 -13.28
CA ILE A 241 7.77 25.26 -13.35
C ILE A 241 6.79 26.29 -13.91
N TYR A 242 5.84 25.87 -14.76
CA TYR A 242 4.91 26.83 -15.36
C TYR A 242 3.63 26.11 -15.77
N VAL A 243 2.50 26.81 -15.59
CA VAL A 243 1.17 26.32 -15.92
C VAL A 243 0.49 27.34 -16.82
N ASP A 244 -0.01 26.90 -17.98
CA ASP A 244 -0.74 27.76 -18.92
C ASP A 244 -2.19 27.30 -18.99
N LEU A 245 -3.10 28.20 -18.57
CA LEU A 245 -4.51 27.93 -18.39
C LEU A 245 -5.37 28.27 -19.60
N SER A 246 -4.83 28.94 -20.60
CA SER A 246 -5.59 29.18 -21.83
C SER A 246 -5.29 28.14 -22.90
N SER A 247 -4.07 27.59 -22.91
CA SER A 247 -3.71 26.49 -23.78
C SER A 247 -3.63 25.17 -23.05
N TYR A 248 -3.70 25.18 -21.71
CA TYR A 248 -3.76 23.98 -20.89
C TYR A 248 -2.52 23.10 -21.09
N TYR A 249 -1.36 23.63 -20.71
CA TYR A 249 -0.16 22.81 -20.71
C TYR A 249 0.73 23.17 -19.53
N ILE A 250 1.68 22.27 -19.22
CA ILE A 250 2.63 22.50 -18.13
C ILE A 250 4.05 22.26 -18.62
N ILE A 251 5.00 22.88 -17.92
CA ILE A 251 6.42 22.71 -18.18
C ILE A 251 7.07 22.05 -16.96
N VAL A 252 7.83 20.99 -17.18
CA VAL A 252 8.40 20.17 -16.12
C VAL A 252 9.92 20.11 -16.29
N ARG A 253 10.65 20.32 -15.20
CA ARG A 253 12.10 20.16 -15.17
C ARG A 253 12.45 18.85 -14.48
N VAL A 254 13.28 18.04 -15.15
CA VAL A 254 13.65 16.69 -14.73
C VAL A 254 15.08 16.73 -14.19
N TYR A 255 15.28 16.10 -13.02
CA TYR A 255 16.58 15.99 -12.35
C TYR A 255 17.08 14.56 -12.45
N PHE A 256 18.26 14.38 -13.03
CA PHE A 256 18.84 13.06 -13.29
C PHE A 256 20.19 12.95 -12.59
N PRO A 257 20.27 12.29 -11.42
CA PRO A 257 21.52 12.30 -10.65
C PRO A 257 22.49 11.17 -10.97
N ILE A 258 23.63 11.18 -10.29
CA ILE A 258 24.58 10.08 -10.28
C ILE A 258 24.59 9.45 -8.88
N LEU A 259 25.28 8.33 -8.74
CA LEU A 259 25.39 7.62 -7.48
C LEU A 259 26.79 7.73 -6.91
N THR A 260 26.89 8.15 -5.65
CA THR A 260 28.14 8.30 -4.94
C THR A 260 28.26 7.21 -3.89
N GLU A 261 29.42 6.55 -3.85
CA GLU A 261 29.70 5.48 -2.90
C GLU A 261 30.39 6.05 -1.66
N ILE A 262 29.86 5.72 -0.49
CA ILE A 262 30.43 6.16 0.77
C ILE A 262 31.62 5.26 1.12
N GLN A 263 32.77 5.88 1.42
CA GLN A 263 34.05 5.18 1.31
C GLN A 263 34.21 4.05 2.31
N GLN A 264 33.98 4.32 3.59
CA GLN A 264 34.30 3.31 4.60
C GLN A 264 33.04 2.82 5.30
N ALA A 265 32.01 2.51 4.51
CA ALA A 265 30.71 2.11 5.03
C ALA A 265 30.28 0.80 4.39
N TYR A 266 29.52 0.01 5.14
CA TYR A 266 28.90 -1.17 4.55
C TYR A 266 27.69 -1.60 5.37
N ILE A 267 26.83 -2.40 4.73
CA ILE A 267 25.64 -2.97 5.36
C ILE A 267 25.79 -4.48 5.43
N GLN A 268 25.64 -5.03 6.63
CA GLN A 268 25.79 -6.45 6.89
C GLN A 268 24.43 -7.07 7.22
N GLU A 269 24.14 -8.21 6.59
CA GLU A 269 22.88 -8.93 6.77
C GLU A 269 23.09 -10.15 7.66
N LEU A 270 22.05 -10.46 8.45
CA LEU A 270 22.04 -11.63 9.34
C LEU A 270 20.86 -12.52 8.98
N LEU A 271 21.10 -13.84 8.97
CA LEU A 271 20.06 -14.82 8.65
C LEU A 271 19.60 -15.51 9.93
N PRO A 272 18.30 -15.43 10.27
CA PRO A 272 17.84 -15.99 11.54
C PRO A 272 17.45 -17.46 11.46
N VAL A 273 17.86 -18.21 12.49
CA VAL A 273 17.62 -19.65 12.61
C VAL A 273 17.20 -19.93 14.05
N SER A 274 16.24 -20.84 14.22
CA SER A 274 15.79 -21.19 15.56
C SER A 274 16.81 -22.05 16.29
N PHE A 275 16.70 -22.10 17.62
CA PHE A 275 17.64 -22.86 18.44
C PHE A 275 16.91 -23.42 19.65
N ASN A 276 17.57 -24.35 20.34
CA ASN A 276 16.98 -25.11 21.44
C ASN A 276 17.51 -24.62 22.78
N ASN A 277 16.60 -24.47 23.76
CA ASN A 277 16.99 -24.17 25.13
C ASN A 277 15.87 -24.56 26.07
N ASP A 278 16.15 -25.47 27.00
CA ASP A 278 15.21 -25.91 28.04
C ASP A 278 13.96 -26.54 27.45
N ASN A 279 14.17 -27.48 26.52
CA ASN A 279 13.07 -28.23 25.90
C ASN A 279 12.05 -27.31 25.23
N SER A 280 12.54 -26.28 24.55
CA SER A 280 11.68 -25.40 23.77
C SER A 280 12.50 -24.72 22.69
N GLU A 281 11.80 -24.07 21.77
CA GLU A 281 12.38 -23.47 20.59
C GLU A 281 12.27 -21.95 20.67
N TRP A 282 13.33 -21.25 20.28
CA TRP A 282 13.41 -19.80 20.47
C TRP A 282 13.99 -19.14 19.22
N ILE A 283 13.71 -17.85 19.09
CA ILE A 283 14.25 -17.03 18.00
C ILE A 283 14.75 -15.71 18.60
N SER A 284 15.83 -15.17 18.05
CA SER A 284 16.42 -13.95 18.57
C SER A 284 15.77 -12.71 17.96
N ILE A 285 15.56 -11.69 18.79
CA ILE A 285 14.90 -10.45 18.37
C ILE A 285 16.00 -9.41 18.19
N VAL A 286 16.57 -9.38 16.98
CA VAL A 286 17.72 -8.53 16.65
C VAL A 286 17.54 -8.06 15.21
N PRO A 287 17.85 -6.80 14.88
CA PRO A 287 17.71 -6.33 13.49
C PRO A 287 18.57 -7.12 12.52
N ASN A 288 18.05 -7.30 11.31
CA ASN A 288 18.71 -8.13 10.30
C ASN A 288 19.75 -7.37 9.47
N PHE A 289 19.63 -6.05 9.35
CA PHE A 289 20.58 -5.24 8.59
C PHE A 289 21.25 -4.24 9.53
N ILE A 290 22.58 -4.19 9.47
CA ILE A 290 23.37 -3.32 10.35
C ILE A 290 24.28 -2.45 9.51
N LEU A 291 24.29 -1.14 9.77
CA LEU A 291 25.14 -0.20 9.04
C LEU A 291 26.39 0.11 9.85
N VAL A 292 27.55 -0.01 9.23
CA VAL A 292 28.83 0.33 9.84
C VAL A 292 29.47 1.43 9.02
N ARG A 293 29.81 2.55 9.67
CA ARG A 293 30.50 3.68 9.06
C ARG A 293 31.66 4.09 9.95
N ASN A 294 32.88 3.88 9.48
CA ASN A 294 34.09 4.25 10.22
C ASN A 294 34.07 3.65 11.63
N THR A 295 33.75 2.36 11.71
CA THR A 295 33.64 1.60 12.95
C THR A 295 32.56 2.15 13.89
N LEU A 296 31.55 2.83 13.35
CA LEU A 296 30.40 3.26 14.12
C LEU A 296 29.17 2.49 13.65
N ILE A 297 28.47 1.86 14.60
CA ILE A 297 27.39 0.93 14.31
C ILE A 297 26.06 1.63 14.49
N SER A 298 25.14 1.42 13.55
CA SER A 298 23.80 1.99 13.69
C SER A 298 22.79 1.13 12.92
N ASN A 299 21.53 1.48 13.13
CA ASN A 299 20.40 0.93 12.40
C ASN A 299 20.23 1.68 11.07
N ILE A 300 19.36 1.13 10.23
CA ILE A 300 19.05 1.74 8.93
C ILE A 300 17.63 1.37 8.55
N GLU A 301 16.87 2.36 8.09
CA GLU A 301 15.49 2.15 7.65
C GLU A 301 15.52 1.67 6.20
N ILE A 302 15.85 0.39 6.05
CA ILE A 302 16.17 -0.16 4.73
C ILE A 302 14.94 -0.38 3.86
N GLY A 303 13.74 -0.28 4.43
CA GLY A 303 12.53 -0.42 3.64
C GLY A 303 12.33 0.67 2.59
N PHE A 304 13.03 1.80 2.73
CA PHE A 304 12.96 2.89 1.76
C PHE A 304 14.02 2.81 0.68
N CYS A 305 14.90 1.81 0.71
CA CYS A 305 16.00 1.70 -0.24
C CYS A 305 15.80 0.51 -1.17
N LEU A 306 16.68 0.42 -2.17
CA LEU A 306 16.71 -0.70 -3.09
C LEU A 306 17.87 -1.62 -2.74
N ILE A 307 17.59 -2.92 -2.63
CA ILE A 307 18.58 -3.91 -2.24
C ILE A 307 18.93 -4.75 -3.46
N THR A 308 20.19 -4.71 -3.87
CA THR A 308 20.74 -5.57 -4.91
C THR A 308 21.79 -6.49 -4.28
N LYS A 309 22.33 -7.41 -5.09
CA LYS A 309 23.32 -8.36 -4.57
C LYS A 309 24.61 -7.69 -4.13
N ARG A 310 24.97 -6.54 -4.72
CA ARG A 310 26.26 -5.94 -4.40
C ARG A 310 26.18 -4.66 -3.58
N SER A 311 25.03 -3.99 -3.54
CA SER A 311 24.99 -2.70 -2.85
C SER A 311 23.57 -2.38 -2.42
N VAL A 312 23.47 -1.40 -1.52
CA VAL A 312 22.20 -0.81 -1.09
C VAL A 312 22.16 0.62 -1.62
N ILE A 313 21.07 0.96 -2.32
CA ILE A 313 20.97 2.21 -3.06
C ILE A 313 19.80 3.02 -2.51
N CYS A 314 20.08 4.24 -2.03
CA CYS A 314 19.10 5.08 -1.36
C CYS A 314 19.13 6.50 -1.92
N ASN A 315 17.97 7.17 -1.86
CA ASN A 315 17.87 8.56 -2.29
C ASN A 315 18.20 9.55 -1.19
N GLN A 316 18.49 9.09 0.03
CA GLN A 316 18.95 9.94 1.12
C GLN A 316 19.66 9.06 2.14
N ASP A 317 20.25 9.72 3.14
CA ASP A 317 20.92 9.01 4.24
C ASP A 317 19.88 8.57 5.27
N TYR A 318 19.76 7.26 5.47
CA TYR A 318 18.69 6.68 6.29
C TYR A 318 19.20 6.10 7.61
N ALA A 319 20.36 6.51 8.09
CA ALA A 319 20.89 5.99 9.34
C ALA A 319 20.07 6.47 10.54
N THR A 320 19.84 5.57 11.50
CA THR A 320 19.10 5.83 12.72
C THR A 320 19.86 5.28 13.93
N PRO A 321 19.67 5.87 15.12
CA PRO A 321 20.50 5.50 16.27
C PRO A 321 20.12 4.15 16.88
N MET A 322 21.03 3.65 17.72
CA MET A 322 20.91 2.35 18.37
C MET A 322 21.30 2.47 19.84
N THR A 323 20.65 1.68 20.70
CA THR A 323 20.94 1.74 22.13
C THR A 323 22.26 1.05 22.47
N ASN A 324 22.80 1.41 23.64
CA ASN A 324 24.05 0.81 24.12
C ASN A 324 23.89 -0.69 24.39
N ASN A 325 22.73 -1.12 24.87
CA ASN A 325 22.54 -2.54 25.15
C ASN A 325 22.59 -3.37 23.87
N MET A 326 21.94 -2.91 22.80
CA MET A 326 21.97 -3.65 21.55
C MET A 326 23.37 -3.66 20.95
N ARG A 327 24.08 -2.53 21.05
CA ARG A 327 25.46 -2.47 20.59
C ARG A 327 26.34 -3.45 21.36
N GLU A 328 26.09 -3.61 22.67
CA GLU A 328 26.80 -4.61 23.45
C GLU A 328 26.43 -6.02 23.00
N CYS A 329 25.15 -6.25 22.71
CA CYS A 329 24.72 -7.53 22.13
C CYS A 329 25.53 -7.89 20.89
N LEU A 330 25.62 -6.96 19.94
CA LEU A 330 26.27 -7.28 18.67
C LEU A 330 27.78 -7.41 18.76
N THR A 331 28.40 -6.91 19.83
CA THR A 331 29.85 -7.00 19.98
C THR A 331 30.32 -8.13 20.90
N GLY A 332 29.41 -8.97 21.39
CA GLY A 332 29.85 -10.13 22.15
C GLY A 332 29.04 -10.52 23.37
N SER A 333 28.35 -9.58 24.00
CA SER A 333 27.59 -9.89 25.22
C SER A 333 26.25 -10.48 24.83
N THR A 334 26.21 -11.80 24.68
CA THR A 334 24.99 -12.47 24.22
C THR A 334 23.91 -12.51 25.29
N GLU A 335 24.24 -12.25 26.55
CA GLU A 335 23.22 -12.25 27.60
C GLU A 335 22.34 -11.00 27.56
N LYS A 336 22.70 -9.99 26.75
CA LYS A 336 21.88 -8.82 26.56
C LYS A 336 20.98 -8.90 25.32
N CYS A 337 21.03 -10.00 24.57
CA CYS A 337 20.21 -10.13 23.38
C CYS A 337 18.89 -10.81 23.75
N PRO A 338 17.75 -10.16 23.55
CA PRO A 338 16.47 -10.78 23.91
C PRO A 338 16.07 -11.89 22.94
N ARG A 339 15.03 -12.63 23.32
CA ARG A 339 14.58 -13.79 22.57
C ARG A 339 13.08 -13.96 22.74
N GLU A 340 12.49 -14.73 21.82
CA GLU A 340 11.05 -14.94 21.78
C GLU A 340 10.74 -16.40 21.49
N LEU A 341 9.67 -16.90 22.10
CA LEU A 341 9.26 -18.28 21.95
C LEU A 341 8.67 -18.54 20.55
N VAL A 342 8.88 -19.76 20.06
CA VAL A 342 8.41 -20.16 18.73
C VAL A 342 7.17 -21.02 18.90
N VAL A 343 6.08 -20.62 18.23
CA VAL A 343 4.84 -21.40 18.24
C VAL A 343 4.35 -21.73 16.84
N SER A 344 5.08 -21.34 15.79
CA SER A 344 4.69 -21.61 14.42
C SER A 344 5.68 -22.55 13.75
N SER A 345 5.19 -23.34 12.81
CA SER A 345 6.00 -24.34 12.12
C SER A 345 6.76 -23.78 10.93
N HIS A 346 6.62 -22.49 10.63
CA HIS A 346 7.22 -21.90 9.44
C HIS A 346 8.58 -21.26 9.69
N VAL A 347 9.07 -21.27 10.92
CA VAL A 347 10.35 -20.61 11.23
C VAL A 347 11.50 -21.44 10.66
N PRO A 348 12.54 -20.82 10.09
CA PRO A 348 13.66 -21.59 9.52
C PRO A 348 14.42 -22.37 10.58
N ARG A 349 14.97 -23.51 10.16
CA ARG A 349 15.69 -24.41 11.07
C ARG A 349 17.14 -24.68 10.68
N PHE A 350 17.63 -24.16 9.56
CA PHE A 350 19.05 -24.32 9.21
C PHE A 350 19.45 -23.28 8.18
N ALA A 351 20.76 -23.09 8.05
CA ALA A 351 21.31 -22.15 7.06
C ALA A 351 22.73 -22.55 6.68
N LEU A 352 23.20 -21.98 5.58
CA LEU A 352 24.53 -22.25 5.03
C LEU A 352 25.32 -20.95 4.94
N SER A 353 26.55 -20.95 5.47
CA SER A 353 27.39 -19.77 5.45
C SER A 353 28.83 -20.18 5.15
N ASN A 354 29.40 -19.62 4.09
CA ASN A 354 30.76 -19.92 3.64
C ASN A 354 30.98 -21.42 3.51
N GLY A 355 29.98 -22.11 2.99
CA GLY A 355 30.06 -23.55 2.79
C GLY A 355 29.94 -24.39 4.04
N VAL A 356 29.44 -23.84 5.13
CA VAL A 356 29.34 -24.55 6.41
C VAL A 356 27.90 -24.50 6.88
N LEU A 357 27.40 -25.61 7.42
CA LEU A 357 25.99 -25.71 7.77
C LEU A 357 25.80 -25.43 9.26
N PHE A 358 24.78 -24.63 9.58
CA PHE A 358 24.36 -24.39 10.95
C PHE A 358 22.91 -24.85 11.09
N ALA A 359 22.67 -25.82 11.98
CA ALA A 359 21.36 -26.47 12.00
C ALA A 359 20.95 -26.88 13.40
N ASN A 360 19.65 -26.75 13.67
CA ASN A 360 19.02 -27.23 14.91
C ASN A 360 18.60 -28.68 14.66
N CYS A 361 19.51 -29.61 14.92
CA CYS A 361 19.26 -31.02 14.62
C CYS A 361 18.35 -31.68 15.66
N ILE A 362 17.71 -30.91 16.52
CA ILE A 362 16.65 -31.43 17.39
C ILE A 362 15.29 -31.31 16.72
N SER A 363 15.03 -30.17 16.05
CA SER A 363 13.77 -30.00 15.32
C SER A 363 13.77 -30.77 14.00
N VAL A 364 14.91 -30.83 13.32
CA VAL A 364 15.02 -31.47 12.02
C VAL A 364 15.97 -32.66 12.14
N THR A 365 15.72 -33.68 11.31
CA THR A 365 16.52 -34.90 11.36
C THR A 365 17.74 -34.78 10.43
N CYS A 366 18.91 -35.08 10.97
CA CYS A 366 20.17 -34.90 10.25
C CYS A 366 20.89 -36.26 10.14
N GLN A 367 21.38 -36.58 8.95
CA GLN A 367 22.16 -37.79 8.75
C GLN A 367 23.48 -37.47 8.05
N CYS A 368 24.48 -38.31 8.28
CA CYS A 368 25.74 -38.24 7.54
C CYS A 368 25.68 -39.23 6.38
N GLN A 369 25.72 -38.71 5.16
CA GLN A 369 25.64 -39.57 3.99
C GLN A 369 26.90 -40.43 3.84
N THR A 370 28.05 -39.88 4.21
CA THR A 370 29.31 -40.57 3.97
C THR A 370 29.39 -41.90 4.73
N THR A 371 29.00 -41.90 6.00
CA THR A 371 29.10 -43.09 6.83
C THR A 371 27.76 -43.73 7.14
N GLY A 372 26.66 -43.12 6.73
CA GLY A 372 25.34 -43.67 7.01
C GLY A 372 24.89 -43.53 8.44
N ARG A 373 25.59 -42.76 9.27
CA ARG A 373 25.27 -42.65 10.69
C ARG A 373 24.52 -41.35 10.98
N ALA A 374 23.77 -41.38 12.08
CA ALA A 374 23.00 -40.22 12.51
C ALA A 374 23.90 -39.17 13.15
N ILE A 375 23.45 -37.92 13.07
CA ILE A 375 24.12 -36.78 13.68
C ILE A 375 23.22 -36.27 14.79
N SER A 376 23.69 -36.37 16.03
CA SER A 376 22.85 -36.16 17.20
C SER A 376 23.26 -34.91 17.96
N GLN A 377 22.26 -34.17 18.45
CA GLN A 377 22.45 -32.97 19.23
C GLN A 377 21.86 -33.19 20.62
N SER A 378 22.62 -32.86 21.65
CA SER A 378 22.17 -33.06 23.02
C SER A 378 21.28 -31.91 23.47
N GLY A 379 20.68 -32.09 24.66
CA GLY A 379 19.78 -31.08 25.20
C GLY A 379 20.48 -29.88 25.81
N GLU A 380 21.80 -29.92 25.89
CA GLU A 380 22.59 -28.80 26.40
C GLU A 380 23.04 -27.85 25.30
N GLN A 381 22.99 -28.28 24.04
CA GLN A 381 23.47 -27.48 22.92
C GLN A 381 22.33 -26.67 22.30
N THR A 382 22.69 -25.52 21.72
CA THR A 382 21.71 -24.69 21.02
C THR A 382 21.52 -25.15 19.58
N LEU A 383 22.61 -25.27 18.83
CA LEU A 383 22.58 -25.74 17.45
C LEU A 383 23.97 -26.27 17.10
N LEU A 384 24.04 -27.02 16.00
CA LEU A 384 25.26 -27.68 15.57
C LEU A 384 25.86 -26.99 14.34
N MET A 385 27.20 -26.92 14.34
CA MET A 385 27.99 -26.56 13.16
C MET A 385 28.46 -27.85 12.50
N ILE A 386 28.23 -27.97 11.20
CA ILE A 386 28.56 -29.17 10.44
C ILE A 386 29.45 -28.77 9.26
N ASP A 387 30.64 -29.36 9.20
CA ASP A 387 31.63 -29.14 8.16
C ASP A 387 32.30 -30.47 7.83
N ASN A 388 33.32 -30.43 6.96
CA ASN A 388 33.82 -31.69 6.40
C ASN A 388 34.90 -32.35 7.25
N THR A 389 35.26 -31.79 8.41
CA THR A 389 36.13 -32.50 9.33
C THR A 389 35.38 -33.65 9.99
N THR A 390 34.05 -33.60 10.00
CA THR A 390 33.23 -34.64 10.58
C THR A 390 32.21 -35.24 9.62
N CYS A 391 31.75 -34.47 8.63
CA CYS A 391 30.69 -34.91 7.73
C CYS A 391 30.92 -34.33 6.34
N PRO A 392 31.61 -35.05 5.46
CA PRO A 392 31.83 -34.53 4.10
C PRO A 392 30.55 -34.24 3.34
N THR A 393 29.52 -35.06 3.49
CA THR A 393 28.24 -34.85 2.83
C THR A 393 27.12 -35.14 3.83
N ALA A 394 26.17 -34.22 3.95
CA ALA A 394 25.09 -34.31 4.91
C ALA A 394 23.74 -34.44 4.21
N VAL A 395 22.79 -35.06 4.91
CA VAL A 395 21.43 -35.27 4.43
C VAL A 395 20.48 -34.66 5.45
N LEU A 396 19.64 -33.72 4.99
CA LEU A 396 18.64 -33.05 5.82
C LEU A 396 17.32 -33.12 5.07
N GLY A 397 16.44 -34.02 5.50
CA GLY A 397 15.17 -34.20 4.82
C GLY A 397 15.41 -34.61 3.37
N ASN A 398 14.94 -33.77 2.45
CA ASN A 398 15.13 -34.01 1.03
C ASN A 398 16.55 -33.66 0.57
N VAL A 399 17.20 -32.71 1.22
CA VAL A 399 18.40 -32.09 0.68
C VAL A 399 19.64 -32.94 0.99
N ILE A 400 20.50 -33.10 -0.01
CA ILE A 400 21.81 -33.71 0.14
C ILE A 400 22.84 -32.66 -0.27
N ILE A 401 23.79 -32.37 0.61
CA ILE A 401 24.70 -31.24 0.41
C ILE A 401 26.12 -31.61 0.82
N SER A 402 27.10 -31.21 0.01
CA SER A 402 28.52 -31.37 0.32
C SER A 402 29.07 -30.09 0.91
N LEU A 403 29.97 -30.23 1.88
CA LEU A 403 30.36 -29.13 2.76
C LEU A 403 31.86 -28.88 2.74
N GLY A 404 32.24 -27.68 3.13
CA GLY A 404 33.61 -27.23 3.22
C GLY A 404 34.15 -27.30 4.64
N LYS A 405 35.10 -26.42 4.95
CA LYS A 405 35.81 -26.43 6.22
C LYS A 405 35.59 -25.12 6.96
N TYR A 406 35.29 -25.22 8.26
CA TYR A 406 35.08 -24.05 9.09
C TYR A 406 36.40 -23.35 9.39
N LEU A 407 36.34 -22.03 9.56
CA LEU A 407 37.51 -21.20 9.77
C LEU A 407 37.58 -20.59 11.17
N GLY A 408 36.75 -21.05 12.09
CA GLY A 408 36.76 -20.59 13.47
C GLY A 408 37.42 -21.58 14.40
N SER A 409 36.94 -21.63 15.64
CA SER A 409 37.56 -22.47 16.64
C SER A 409 37.22 -23.94 16.40
N VAL A 410 38.22 -24.81 16.58
CA VAL A 410 38.02 -26.24 16.41
C VAL A 410 37.07 -26.81 17.46
N ASN A 411 36.93 -26.14 18.60
CA ASN A 411 36.12 -26.63 19.72
C ASN A 411 34.72 -26.01 19.73
N TYR A 412 34.16 -25.73 18.56
CA TYR A 412 32.90 -25.01 18.47
C TYR A 412 31.78 -25.76 19.20
N ASN A 413 31.69 -27.07 19.00
CA ASN A 413 30.54 -27.82 19.46
C ASN A 413 30.67 -28.32 20.88
N SER A 414 31.74 -27.96 21.59
CA SER A 414 31.91 -28.34 22.99
C SER A 414 31.88 -27.15 23.94
N GLU A 415 31.72 -25.92 23.44
CA GLU A 415 31.74 -24.73 24.26
C GLU A 415 30.38 -24.05 24.23
N GLY A 416 29.81 -23.78 25.41
CA GLY A 416 28.49 -23.22 25.52
C GLY A 416 28.50 -21.69 25.57
N ILE A 417 27.28 -21.14 25.65
CA ILE A 417 27.06 -19.70 25.59
C ILE A 417 26.12 -19.29 26.71
N ALA A 418 26.13 -18.00 27.03
CA ALA A 418 25.22 -17.41 28.01
C ALA A 418 24.01 -16.81 27.29
N ILE A 419 22.82 -17.10 27.79
CA ILE A 419 21.58 -16.78 27.10
C ILE A 419 21.01 -15.47 27.68
N GLY A 420 20.07 -14.88 26.93
CA GLY A 420 19.45 -13.64 27.33
C GLY A 420 18.02 -13.82 27.81
N PRO A 421 17.32 -12.71 28.04
CA PRO A 421 16.00 -12.77 28.67
C PRO A 421 14.88 -12.79 27.63
N PRO A 422 13.80 -13.52 27.92
CA PRO A 422 12.66 -13.56 26.99
C PRO A 422 11.95 -12.21 26.88
N VAL A 423 11.30 -12.00 25.73
CA VAL A 423 10.47 -10.82 25.49
C VAL A 423 9.24 -11.25 24.70
N PHE A 424 8.29 -10.31 24.56
CA PHE A 424 7.10 -10.48 23.74
C PHE A 424 6.91 -9.22 22.91
N THR A 425 6.79 -9.39 21.59
CA THR A 425 6.81 -8.27 20.66
C THR A 425 5.44 -7.90 20.10
N ASP A 426 4.37 -8.59 20.50
CA ASP A 426 3.04 -8.25 20.02
C ASP A 426 2.63 -6.87 20.52
N LYS A 427 1.82 -6.17 19.72
CA LYS A 427 1.52 -4.77 20.01
C LYS A 427 0.68 -4.60 21.27
N VAL A 428 -0.37 -5.42 21.43
CA VAL A 428 -1.17 -5.34 22.64
C VAL A 428 -0.39 -5.86 23.84
N ASP A 429 0.50 -6.83 23.61
CA ASP A 429 1.36 -7.33 24.68
C ASP A 429 2.30 -6.25 25.21
N ILE A 430 2.69 -5.29 24.36
CA ILE A 430 3.53 -4.18 24.82
C ILE A 430 2.80 -3.36 25.87
N SER A 431 1.54 -3.01 25.59
CA SER A 431 0.75 -2.26 26.56
C SER A 431 0.52 -3.08 27.83
N SER A 432 0.24 -4.37 27.68
CA SER A 432 0.04 -5.22 28.86
C SER A 432 1.29 -5.27 29.73
N GLN A 433 2.46 -5.44 29.11
CA GLN A 433 3.71 -5.51 29.87
C GLN A 433 4.03 -4.17 30.53
N ILE A 434 3.80 -3.06 29.84
CA ILE A 434 4.08 -1.75 30.43
C ILE A 434 3.17 -1.52 31.63
N SER A 435 1.90 -1.88 31.51
CA SER A 435 0.97 -1.73 32.64
C SER A 435 1.38 -2.58 33.82
N SER A 436 1.75 -3.84 33.57
CA SER A 436 2.17 -4.72 34.67
C SER A 436 3.44 -4.21 35.34
N MET A 437 4.39 -3.71 34.55
CA MET A 437 5.61 -3.18 35.13
C MET A 437 5.34 -1.95 35.99
N ASN A 438 4.44 -1.07 35.54
CA ASN A 438 4.10 0.09 36.35
C ASN A 438 3.41 -0.34 37.65
N GLN A 439 2.53 -1.34 37.58
CA GLN A 439 1.87 -1.81 38.79
C GLN A 439 2.88 -2.41 39.77
N SER A 440 3.85 -3.19 39.26
CA SER A 440 4.88 -3.74 40.14
C SER A 440 5.73 -2.62 40.75
N LEU A 441 6.07 -1.61 39.96
CA LEU A 441 6.85 -0.48 40.48
C LEU A 441 6.10 0.25 41.58
N GLN A 442 4.79 0.41 41.42
CA GLN A 442 3.99 1.01 42.50
C GLN A 442 3.91 0.09 43.72
N GLN A 443 3.80 -1.21 43.49
CA GLN A 443 3.69 -2.16 44.60
C GLN A 443 4.96 -2.18 45.44
N SER A 444 6.13 -2.09 44.81
CA SER A 444 7.38 -2.04 45.57
C SER A 444 7.43 -0.80 46.45
N LYS A 445 6.99 0.35 45.92
CA LYS A 445 6.96 1.58 46.70
C LYS A 445 5.78 1.56 47.67
N ASP B 1 -32.70 20.68 -4.53
CA ASP B 1 -33.32 20.95 -3.24
C ASP B 1 -34.27 19.83 -2.83
N ILE B 2 -34.51 19.69 -1.53
CA ILE B 2 -35.50 18.73 -1.04
C ILE B 2 -36.87 19.39 -1.10
N GLN B 3 -37.84 18.66 -1.66
CA GLN B 3 -39.19 19.17 -1.83
C GLN B 3 -40.13 18.52 -0.82
N LEU B 4 -40.99 19.34 -0.22
CA LEU B 4 -41.94 18.89 0.78
C LEU B 4 -43.37 19.06 0.27
N THR B 5 -44.21 18.06 0.58
CA THR B 5 -45.64 18.12 0.29
C THR B 5 -46.41 17.92 1.60
N GLN B 6 -47.67 18.36 1.61
CA GLN B 6 -48.51 18.22 2.79
C GLN B 6 -49.88 17.72 2.40
N SER B 7 -50.54 17.04 3.35
CA SER B 7 -51.89 16.52 3.14
C SER B 7 -52.64 16.39 4.47
N PRO B 8 -53.87 16.91 4.57
CA PRO B 8 -54.55 17.68 3.53
C PRO B 8 -54.15 19.14 3.55
N SER B 9 -54.92 20.00 2.89
CA SER B 9 -54.60 21.42 2.78
C SER B 9 -55.74 22.31 3.28
N SER B 10 -56.62 21.79 4.13
CA SER B 10 -57.78 22.54 4.60
C SER B 10 -57.88 22.42 6.11
N LEU B 11 -57.81 23.57 6.81
CA LEU B 11 -57.99 23.62 8.26
C LEU B 11 -58.97 24.76 8.57
N SER B 12 -60.27 24.44 8.53
CA SER B 12 -61.32 25.38 8.89
C SER B 12 -62.06 24.80 10.09
N ALA B 13 -61.71 25.27 11.28
CA ALA B 13 -62.20 24.64 12.51
C ALA B 13 -62.48 25.71 13.54
N SER B 14 -63.27 25.33 14.54
CA SER B 14 -63.65 26.18 15.66
C SER B 14 -63.11 25.59 16.95
N VAL B 15 -63.53 26.15 18.08
CA VAL B 15 -63.03 25.69 19.37
C VAL B 15 -63.48 24.26 19.62
N GLY B 16 -62.52 23.39 19.96
CA GLY B 16 -62.82 22.02 20.31
C GLY B 16 -62.83 21.05 19.16
N ASP B 17 -61.77 21.04 18.36
CA ASP B 17 -61.69 20.18 17.18
C ASP B 17 -60.34 19.47 17.15
N THR B 18 -60.36 18.24 16.63
CA THR B 18 -59.18 17.37 16.58
C THR B 18 -58.81 17.09 15.12
N VAL B 19 -57.54 17.27 14.79
CA VAL B 19 -57.06 17.10 13.42
C VAL B 19 -55.73 16.36 13.41
N THR B 20 -55.42 15.78 12.25
CA THR B 20 -54.12 15.18 11.98
C THR B 20 -53.71 15.52 10.55
N ILE B 21 -52.45 15.92 10.38
CA ILE B 21 -51.92 16.29 9.07
C ILE B 21 -50.58 15.60 8.85
N THR B 22 -50.17 15.50 7.59
CA THR B 22 -48.97 14.78 7.21
C THR B 22 -48.10 15.64 6.29
N CYS B 23 -46.79 15.52 6.47
CA CYS B 23 -45.79 16.17 5.65
C CYS B 23 -44.87 15.09 5.09
N GLN B 24 -44.68 15.09 3.77
CA GLN B 24 -43.87 14.12 3.06
C GLN B 24 -42.68 14.81 2.41
N ALA B 25 -41.57 14.08 2.29
CA ALA B 25 -40.31 14.61 1.80
C ALA B 25 -39.83 13.82 0.58
N SER B 26 -39.02 14.49 -0.25
CA SER B 26 -38.51 13.85 -1.45
C SER B 26 -37.51 12.75 -1.14
N GLN B 27 -36.91 12.77 0.05
CA GLN B 27 -36.09 11.65 0.53
C GLN B 27 -36.09 11.67 2.04
N GLY B 28 -35.50 10.64 2.64
CA GLY B 28 -35.36 10.57 4.07
C GLY B 28 -34.53 11.70 4.65
N ILE B 29 -35.02 12.33 5.71
CA ILE B 29 -34.34 13.46 6.34
C ILE B 29 -34.12 13.23 7.84
N GLY B 30 -34.10 11.98 8.27
CA GLY B 30 -33.94 11.69 9.69
C GLY B 30 -35.11 12.23 10.47
N ASN B 31 -34.84 13.13 11.41
CA ASN B 31 -35.87 13.85 12.14
C ASN B 31 -35.65 15.36 12.05
N ASN B 32 -35.00 15.80 10.97
CA ASN B 32 -34.70 17.22 10.75
C ASN B 32 -35.91 17.95 10.15
N LEU B 33 -37.07 17.77 10.77
CA LEU B 33 -38.30 18.40 10.31
C LEU B 33 -38.98 19.08 11.49
N HIS B 34 -39.45 20.29 11.29
CA HIS B 34 -39.98 21.10 12.37
C HIS B 34 -41.32 21.71 12.00
N TRP B 35 -42.24 21.74 12.96
CA TRP B 35 -43.53 22.39 12.78
C TRP B 35 -43.48 23.76 13.44
N TYR B 36 -43.53 24.81 12.63
CA TYR B 36 -43.30 26.19 13.07
C TYR B 36 -44.59 26.91 13.42
N GLN B 37 -44.40 28.09 14.02
CA GLN B 37 -45.48 28.98 14.43
C GLN B 37 -45.17 30.38 13.91
N GLN B 38 -45.79 30.75 12.80
CA GLN B 38 -45.52 32.03 12.15
C GLN B 38 -46.50 33.08 12.67
N LYS B 39 -45.98 34.28 12.95
CA LYS B 39 -46.79 35.34 13.50
C LYS B 39 -46.89 36.48 12.49
N PRO B 40 -48.10 36.99 12.23
CA PRO B 40 -48.26 37.97 11.13
C PRO B 40 -47.68 39.33 11.49
N GLY B 41 -46.75 39.79 10.65
CA GLY B 41 -46.23 41.14 10.74
C GLY B 41 -45.14 41.37 11.78
N LYS B 42 -44.53 40.32 12.29
CA LYS B 42 -43.42 40.44 13.24
C LYS B 42 -42.71 39.10 13.32
N ALA B 43 -41.91 38.93 14.38
CA ALA B 43 -41.09 37.73 14.52
C ALA B 43 -41.97 36.51 14.77
N PRO B 44 -41.81 35.43 14.01
CA PRO B 44 -42.54 34.19 14.28
C PRO B 44 -42.00 33.43 15.49
N LYS B 45 -42.50 32.21 15.69
CA LYS B 45 -42.10 31.35 16.81
C LYS B 45 -42.15 29.91 16.34
N LEU B 46 -42.15 28.96 17.27
CA LEU B 46 -42.01 27.54 16.96
C LEU B 46 -42.99 26.72 17.79
N LEU B 47 -43.44 25.59 17.21
CA LEU B 47 -44.28 24.63 17.91
C LEU B 47 -43.50 23.38 18.30
N ILE B 48 -42.90 22.69 17.32
CA ILE B 48 -42.21 21.43 17.55
C ILE B 48 -40.92 21.42 16.75
N TYR B 49 -39.80 21.18 17.43
CA TYR B 49 -38.50 21.03 16.77
C TYR B 49 -38.02 19.59 16.95
N ARG B 50 -37.19 19.15 16.01
CA ARG B 50 -36.64 17.79 15.98
C ARG B 50 -37.75 16.74 15.85
N ALA B 51 -38.93 17.16 15.39
CA ALA B 51 -40.03 16.31 14.95
C ALA B 51 -40.77 15.60 16.09
N SER B 52 -40.26 15.69 17.32
CA SER B 52 -40.96 15.10 18.45
C SER B 52 -40.87 15.90 19.74
N SER B 53 -40.25 17.07 19.74
CA SER B 53 -39.99 17.82 20.96
C SER B 53 -40.89 19.04 21.01
N LEU B 54 -41.59 19.20 22.13
CA LEU B 54 -42.52 20.30 22.33
C LEU B 54 -41.76 21.56 22.74
N GLN B 55 -42.04 22.67 22.08
CA GLN B 55 -41.46 23.95 22.45
C GLN B 55 -42.08 24.43 23.76
N SER B 56 -41.33 25.26 24.48
CA SER B 56 -41.84 25.87 25.70
C SER B 56 -42.99 26.81 25.38
N GLY B 57 -43.91 26.96 26.34
CA GLY B 57 -45.05 27.84 26.17
C GLY B 57 -46.12 27.32 25.26
N ILE B 58 -46.08 26.04 24.89
CA ILE B 58 -47.02 25.46 23.93
C ILE B 58 -47.93 24.49 24.67
N PRO B 59 -49.24 24.49 24.37
CA PRO B 59 -50.14 23.52 25.01
C PRO B 59 -49.71 22.09 24.70
N SER B 60 -49.87 21.21 25.69
CA SER B 60 -49.45 19.82 25.58
C SER B 60 -50.36 18.98 24.69
N ARG B 61 -51.37 19.59 24.07
CA ARG B 61 -52.25 18.83 23.18
C ARG B 61 -51.56 18.46 21.88
N PHE B 62 -50.63 19.29 21.40
CA PHE B 62 -49.96 19.03 20.14
C PHE B 62 -48.99 17.86 20.27
N SER B 63 -48.90 17.05 19.22
CA SER B 63 -47.95 15.94 19.20
C SER B 63 -47.46 15.74 17.77
N GLY B 64 -46.27 15.16 17.66
CA GLY B 64 -45.68 14.89 16.35
C GLY B 64 -44.87 13.62 16.32
N SER B 65 -44.88 12.92 15.18
CA SER B 65 -44.15 11.66 15.07
C SER B 65 -43.98 11.31 13.60
N GLY B 66 -42.87 10.64 13.28
CA GLY B 66 -42.67 10.24 11.90
C GLY B 66 -41.37 9.49 11.73
N SER B 67 -41.16 9.04 10.49
CA SER B 67 -39.95 8.30 10.15
C SER B 67 -39.71 8.41 8.65
N GLY B 68 -38.43 8.26 8.28
CA GLY B 68 -38.07 8.23 6.87
C GLY B 68 -38.49 9.45 6.10
N THR B 69 -39.51 9.29 5.26
CA THR B 69 -40.01 10.37 4.43
C THR B 69 -41.37 10.90 4.88
N ASP B 70 -42.01 10.26 5.86
CA ASP B 70 -43.37 10.60 6.24
C ASP B 70 -43.42 11.04 7.69
N TYR B 71 -44.02 12.20 7.94
CA TYR B 71 -44.13 12.73 9.30
C TYR B 71 -45.56 13.22 9.51
N THR B 72 -46.02 13.17 10.75
CA THR B 72 -47.41 13.48 11.08
C THR B 72 -47.47 14.38 12.31
N LEU B 73 -48.48 15.25 12.32
CA LEU B 73 -48.76 16.15 13.41
C LEU B 73 -50.22 15.99 13.83
N THR B 74 -50.46 16.00 15.14
CA THR B 74 -51.78 15.77 15.71
C THR B 74 -52.13 16.90 16.67
N ILE B 75 -53.34 17.44 16.52
CA ILE B 75 -53.83 18.59 17.28
C ILE B 75 -55.20 18.25 17.84
N SER B 76 -55.52 18.83 19.01
CA SER B 76 -56.82 18.63 19.62
C SER B 76 -57.31 19.93 20.25
N SER B 77 -58.62 20.13 20.22
CA SER B 77 -59.29 21.21 20.97
C SER B 77 -58.75 22.59 20.58
N LEU B 78 -59.00 22.95 19.33
CA LEU B 78 -58.41 24.16 18.77
C LEU B 78 -58.86 25.42 19.51
N GLN B 79 -57.93 26.37 19.63
CA GLN B 79 -58.24 27.76 19.97
C GLN B 79 -57.97 28.61 18.74
N PRO B 80 -58.97 29.34 18.22
CA PRO B 80 -58.82 29.94 16.89
C PRO B 80 -58.11 31.28 16.88
N GLU B 81 -57.44 31.65 17.97
CA GLU B 81 -56.71 32.92 17.99
C GLU B 81 -55.39 32.84 17.21
N ASP B 82 -54.70 31.70 17.29
CA ASP B 82 -53.44 31.54 16.58
C ASP B 82 -53.68 31.53 15.08
N PHE B 83 -52.62 31.81 14.31
CA PHE B 83 -52.79 32.11 12.89
C PHE B 83 -52.07 31.14 11.96
N ALA B 84 -50.76 30.93 12.09
CA ALA B 84 -49.98 30.33 11.01
C ALA B 84 -49.06 29.23 11.49
N TYR B 85 -49.02 28.12 10.75
CA TYR B 85 -48.16 26.98 11.06
C TYR B 85 -47.74 26.28 9.76
N TYR B 86 -46.57 25.63 9.80
CA TYR B 86 -45.95 25.04 8.60
C TYR B 86 -45.06 23.86 9.01
N CYS B 87 -44.69 23.04 8.03
CA CYS B 87 -43.63 22.04 8.19
C CYS B 87 -42.41 22.47 7.38
N GLN B 88 -41.22 22.42 8.00
CA GLN B 88 -39.99 22.96 7.44
C GLN B 88 -38.85 21.97 7.63
N GLN B 89 -37.93 21.94 6.67
CA GLN B 89 -36.77 21.05 6.71
C GLN B 89 -35.49 21.86 6.88
N GLY B 90 -34.54 21.29 7.63
CA GLY B 90 -33.23 21.87 7.78
C GLY B 90 -32.13 20.86 7.47
N TYR B 91 -32.44 19.90 6.61
CA TYR B 91 -31.50 18.83 6.27
C TYR B 91 -30.53 19.26 5.17
N SER B 92 -30.99 20.02 4.19
CA SER B 92 -30.16 20.39 3.06
C SER B 92 -30.28 21.88 2.78
N TYR B 93 -29.20 22.45 2.25
CA TYR B 93 -29.12 23.86 1.87
C TYR B 93 -29.65 24.07 0.46
N PRO B 94 -30.52 25.05 0.23
CA PRO B 94 -31.05 26.00 1.21
C PRO B 94 -32.24 25.46 2.01
N PHE B 95 -32.51 26.05 3.18
CA PHE B 95 -33.65 25.65 3.98
C PHE B 95 -34.95 26.08 3.29
N THR B 96 -35.93 25.17 3.26
CA THR B 96 -37.18 25.41 2.54
C THR B 96 -38.38 25.00 3.38
N PHE B 97 -39.55 25.47 2.94
CA PHE B 97 -40.82 25.22 3.61
C PHE B 97 -41.75 24.43 2.70
N GLY B 98 -42.74 23.77 3.31
CA GLY B 98 -43.77 23.08 2.56
C GLY B 98 -44.93 23.99 2.21
N PRO B 99 -45.93 23.42 1.54
CA PRO B 99 -47.12 24.21 1.19
C PRO B 99 -47.89 24.70 2.41
N GLY B 100 -48.30 23.79 3.29
CA GLY B 100 -48.83 24.17 4.58
C GLY B 100 -50.34 24.32 4.68
N THR B 101 -50.86 24.05 5.88
CA THR B 101 -52.23 24.39 6.25
C THR B 101 -52.19 24.99 7.65
N LYS B 102 -52.85 26.14 7.82
CA LYS B 102 -52.78 26.89 9.07
C LYS B 102 -54.19 27.15 9.59
N VAL B 103 -54.26 27.79 10.75
CA VAL B 103 -55.54 28.11 11.37
C VAL B 103 -56.25 29.15 10.50
N ASP B 104 -57.46 28.80 10.04
CA ASP B 104 -58.22 29.64 9.13
C ASP B 104 -59.57 29.99 9.74
N ILE B 105 -60.01 31.22 9.53
CA ILE B 105 -61.26 31.73 10.06
C ILE B 105 -62.31 31.61 8.96
N LYS B 106 -63.43 30.97 9.27
CA LYS B 106 -64.52 30.85 8.31
C LYS B 106 -65.62 31.87 8.61
N GLN C 1 -32.77 38.13 26.90
CA GLN C 1 -32.04 37.41 25.86
C GLN C 1 -31.54 38.36 24.77
N VAL C 2 -31.32 37.84 23.56
CA VAL C 2 -30.71 38.62 22.50
C VAL C 2 -31.76 39.50 21.83
N GLN C 3 -31.44 40.79 21.69
CA GLN C 3 -32.26 41.75 20.98
C GLN C 3 -31.56 42.17 19.69
N LEU C 4 -32.34 42.48 18.67
CA LEU C 4 -31.81 42.77 17.35
C LEU C 4 -32.49 44.00 16.76
N GLN C 5 -31.77 44.69 15.89
CA GLN C 5 -32.38 45.83 15.19
C GLN C 5 -31.79 45.96 13.79
N GLU C 6 -32.64 45.99 12.78
CA GLU C 6 -32.19 46.22 11.41
C GLU C 6 -32.23 47.72 11.09
N SER C 7 -31.16 48.21 10.46
CA SER C 7 -31.08 49.60 10.06
C SER C 7 -30.55 49.67 8.63
N GLY C 8 -31.02 50.68 7.89
CA GLY C 8 -30.59 50.88 6.53
C GLY C 8 -31.45 51.92 5.82
N PRO C 9 -31.10 52.24 4.58
CA PRO C 9 -31.89 53.21 3.82
C PRO C 9 -33.28 52.67 3.51
N GLY C 10 -34.31 53.44 3.88
CA GLY C 10 -35.67 53.00 3.68
C GLY C 10 -36.04 52.87 2.22
N VAL C 11 -35.64 53.84 1.40
CA VAL C 11 -35.97 53.86 -0.02
C VAL C 11 -34.68 53.99 -0.81
N VAL C 12 -34.48 53.11 -1.79
CA VAL C 12 -33.33 53.16 -2.68
C VAL C 12 -33.81 53.00 -4.12
N LYS C 13 -33.10 53.61 -5.04
CA LYS C 13 -33.46 53.52 -6.45
C LYS C 13 -33.16 52.12 -6.98
N PRO C 14 -33.86 51.69 -8.03
CA PRO C 14 -33.59 50.37 -8.61
C PRO C 14 -32.17 50.27 -9.13
N SER C 15 -31.62 49.05 -9.06
CA SER C 15 -30.27 48.72 -9.49
C SER C 15 -29.20 49.40 -8.66
N GLU C 16 -29.57 49.96 -7.51
CA GLU C 16 -28.62 50.57 -6.59
C GLU C 16 -28.35 49.62 -5.43
N THR C 17 -27.11 49.65 -4.93
CA THR C 17 -26.69 48.74 -3.88
C THR C 17 -27.46 49.01 -2.59
N LEU C 18 -27.77 47.93 -1.86
CA LEU C 18 -28.49 48.01 -0.60
C LEU C 18 -27.61 47.45 0.51
N SER C 19 -27.35 48.27 1.52
CA SER C 19 -26.59 47.87 2.70
C SER C 19 -27.52 47.86 3.90
N LEU C 20 -27.56 46.73 4.60
CA LEU C 20 -28.41 46.58 5.77
C LEU C 20 -27.56 46.11 6.95
N THR C 21 -27.59 46.86 8.04
CA THR C 21 -26.78 46.55 9.21
C THR C 21 -27.70 46.17 10.36
N CYS C 22 -27.52 44.96 10.89
CA CYS C 22 -28.26 44.51 12.07
C CYS C 22 -27.36 44.66 13.29
N ALA C 23 -27.83 45.43 14.26
CA ALA C 23 -27.14 45.67 15.51
C ALA C 23 -27.71 44.75 16.59
N VAL C 24 -26.81 44.13 17.35
CA VAL C 24 -27.15 43.06 18.29
C VAL C 24 -26.89 43.56 19.70
N SER C 25 -27.91 43.46 20.56
CA SER C 25 -27.77 43.70 21.98
C SER C 25 -28.17 42.43 22.72
N GLY C 26 -27.95 42.42 24.04
CA GLY C 26 -28.24 41.24 24.80
C GLY C 26 -27.35 40.06 24.52
N GLY C 27 -26.24 40.26 23.84
CA GLY C 27 -25.32 39.18 23.54
C GLY C 27 -24.18 39.67 22.68
N SER C 28 -23.15 38.84 22.58
CA SER C 28 -21.97 39.13 21.78
C SER C 28 -22.07 38.47 20.42
N ILE C 29 -21.71 39.21 19.37
CA ILE C 29 -21.76 38.66 18.02
C ILE C 29 -20.73 37.57 17.79
N SER C 30 -19.73 37.46 18.66
CA SER C 30 -18.75 36.39 18.58
C SER C 30 -19.24 35.09 19.20
N ASP C 31 -20.54 34.97 19.43
CA ASP C 31 -21.11 33.73 19.94
C ASP C 31 -20.94 32.61 18.91
N SER C 32 -21.02 31.38 19.40
CA SER C 32 -20.91 30.22 18.53
C SER C 32 -22.26 29.92 17.88
N TYR C 33 -22.86 30.92 17.26
CA TYR C 33 -24.13 30.80 16.55
C TYR C 33 -23.94 31.24 15.09
N ARG C 34 -25.06 31.31 14.37
CA ARG C 34 -25.08 31.78 12.99
C ARG C 34 -26.08 32.92 12.86
N TRP C 35 -25.64 33.99 12.20
CA TRP C 35 -26.44 35.19 11.99
C TRP C 35 -26.89 35.23 10.54
N SER C 36 -28.20 35.11 10.33
CA SER C 36 -28.76 34.90 9.01
C SER C 36 -29.65 36.07 8.62
N TRP C 37 -29.93 36.16 7.32
CA TRP C 37 -30.88 37.10 6.77
C TRP C 37 -32.00 36.34 6.07
N ILE C 38 -33.23 36.78 6.29
CA ILE C 38 -34.42 36.18 5.69
C ILE C 38 -35.24 37.27 5.02
N ARG C 39 -35.70 36.99 3.80
CA ARG C 39 -36.43 37.95 2.98
C ARG C 39 -37.87 37.50 2.86
N GLN C 40 -38.80 38.44 3.10
CA GLN C 40 -40.24 38.17 3.04
C GLN C 40 -40.91 39.23 2.17
N PRO C 41 -40.95 39.02 0.86
CA PRO C 41 -41.69 39.94 -0.02
C PRO C 41 -43.15 40.00 0.36
N PRO C 42 -43.74 41.19 0.37
CA PRO C 42 -45.18 41.31 0.65
C PRO C 42 -46.00 40.54 -0.38
N GLY C 43 -47.06 39.88 0.10
CA GLY C 43 -47.82 38.97 -0.73
C GLY C 43 -47.18 37.61 -0.90
N LYS C 44 -46.02 37.38 -0.29
CA LYS C 44 -45.32 36.10 -0.36
C LYS C 44 -44.83 35.73 1.03
N GLY C 45 -44.16 34.59 1.12
CA GLY C 45 -43.70 34.05 2.38
C GLY C 45 -42.26 34.42 2.69
N LEU C 46 -41.58 33.51 3.37
CA LEU C 46 -40.20 33.71 3.80
C LEU C 46 -39.26 32.93 2.90
N GLU C 47 -38.04 33.44 2.76
CA GLU C 47 -37.00 32.67 2.08
C GLU C 47 -35.64 33.07 2.62
N TRP C 48 -34.81 32.07 2.87
CA TRP C 48 -33.49 32.24 3.47
C TRP C 48 -32.52 32.85 2.48
N ILE C 49 -31.54 33.61 3.00
CA ILE C 49 -30.55 34.28 2.16
C ILE C 49 -29.14 33.74 2.41
N GLY C 50 -28.69 33.74 3.65
CA GLY C 50 -27.34 33.29 3.95
C GLY C 50 -26.98 33.62 5.37
N TYR C 51 -25.73 33.34 5.71
CA TYR C 51 -25.24 33.59 7.05
C TYR C 51 -23.72 33.68 7.06
N ILE C 52 -23.20 34.16 8.20
CA ILE C 52 -21.77 34.16 8.52
C ILE C 52 -21.61 33.58 9.92
N TYR C 53 -20.55 32.82 10.13
CA TYR C 53 -20.30 32.22 11.43
C TYR C 53 -19.88 33.29 12.45
N GLY C 54 -20.25 33.07 13.71
CA GLY C 54 -19.88 34.02 14.74
C GLY C 54 -18.47 33.83 15.26
N SER C 55 -18.02 32.58 15.34
CA SER C 55 -16.70 32.26 15.86
C SER C 55 -15.67 31.95 14.78
N SER C 56 -15.98 32.26 13.51
CA SER C 56 -15.04 32.08 12.42
C SER C 56 -15.48 32.99 11.27
N THR C 57 -14.70 32.98 10.19
CA THR C 57 -14.90 33.87 9.07
C THR C 57 -15.67 33.21 7.91
N SER C 58 -16.14 31.98 8.07
CA SER C 58 -16.82 31.29 6.99
C SER C 58 -18.19 31.91 6.73
N THR C 59 -18.65 31.79 5.49
CA THR C 59 -19.93 32.32 5.06
C THR C 59 -20.66 31.30 4.20
N ASN C 60 -21.98 31.45 4.11
CA ASN C 60 -22.81 30.59 3.28
C ASN C 60 -23.92 31.42 2.64
N TYR C 61 -24.22 31.17 1.37
CA TYR C 61 -25.18 31.98 0.63
C TYR C 61 -26.14 31.11 -0.17
N ASN C 62 -27.33 31.65 -0.42
CA ASN C 62 -28.33 30.96 -1.23
C ASN C 62 -27.87 30.91 -2.69
N PRO C 63 -28.06 29.77 -3.37
CA PRO C 63 -27.65 29.69 -4.79
C PRO C 63 -28.36 30.68 -5.70
N SER C 64 -29.62 31.03 -5.41
CA SER C 64 -30.37 31.87 -6.34
C SER C 64 -29.85 33.30 -6.36
N LEU C 65 -29.37 33.81 -5.23
CA LEU C 65 -28.90 35.18 -5.11
C LEU C 65 -27.44 35.27 -4.71
N LYS C 66 -26.64 34.23 -5.00
CA LYS C 66 -25.27 34.17 -4.49
C LYS C 66 -24.39 35.26 -5.11
N SER C 67 -24.51 35.49 -6.41
CA SER C 67 -23.55 36.37 -7.08
C SER C 67 -23.69 37.82 -6.63
N ARG C 68 -24.88 38.23 -6.22
CA ARG C 68 -25.15 39.64 -5.92
C ARG C 68 -24.95 40.00 -4.45
N VAL C 69 -24.63 39.04 -3.58
CA VAL C 69 -24.74 39.25 -2.14
C VAL C 69 -23.36 39.15 -1.48
N THR C 70 -23.21 39.85 -0.36
CA THR C 70 -22.03 39.78 0.48
C THR C 70 -22.45 39.97 1.92
N ILE C 71 -21.75 39.32 2.86
CA ILE C 71 -22.05 39.42 4.29
C ILE C 71 -20.76 39.68 5.05
N SER C 72 -20.83 40.58 6.03
CA SER C 72 -19.67 40.91 6.85
C SER C 72 -20.11 41.15 8.28
N LYS C 73 -19.16 41.05 9.22
CA LYS C 73 -19.45 41.25 10.63
C LYS C 73 -18.41 42.17 11.25
N ASP C 74 -18.81 42.85 12.32
CA ASP C 74 -17.97 43.80 13.04
C ASP C 74 -18.16 43.57 14.54
N THR C 75 -17.08 43.14 15.20
CA THR C 75 -17.13 42.84 16.63
C THR C 75 -17.15 44.10 17.49
N SER C 76 -16.54 45.19 17.02
CA SER C 76 -16.46 46.40 17.82
C SER C 76 -17.84 46.96 18.13
N LYS C 77 -18.68 47.09 17.11
CA LYS C 77 -20.04 47.56 17.28
C LYS C 77 -21.04 46.42 17.44
N ASN C 78 -20.58 45.17 17.36
CA ASN C 78 -21.45 44.00 17.39
C ASN C 78 -22.56 44.11 16.36
N GLN C 79 -22.17 44.37 15.11
CA GLN C 79 -23.13 44.57 14.03
C GLN C 79 -22.71 43.74 12.83
N PHE C 80 -23.69 43.14 12.15
CA PHE C 80 -23.37 42.44 10.91
C PHE C 80 -24.19 43.01 9.77
N SER C 81 -23.56 43.14 8.62
CA SER C 81 -24.14 43.83 7.47
C SER C 81 -24.24 42.89 6.27
N LEU C 82 -25.27 43.13 5.47
CA LEU C 82 -25.47 42.46 4.20
C LEU C 82 -25.49 43.50 3.09
N ASN C 83 -24.85 43.17 1.98
CA ASN C 83 -24.78 44.01 0.79
C ASN C 83 -25.43 43.27 -0.36
N LEU C 84 -26.42 43.90 -0.99
CA LEU C 84 -27.13 43.34 -2.13
C LEU C 84 -26.94 44.28 -3.32
N SER C 85 -26.80 43.71 -4.51
CA SER C 85 -26.51 44.47 -5.71
C SER C 85 -27.61 44.28 -6.75
N SER C 86 -27.82 45.32 -7.55
CA SER C 86 -28.77 45.32 -8.67
C SER C 86 -30.19 44.99 -8.21
N LEU C 87 -30.74 45.89 -7.40
CA LEU C 87 -32.09 45.71 -6.89
C LEU C 87 -33.10 45.84 -8.03
N THR C 88 -34.14 45.00 -7.98
CA THR C 88 -35.09 44.89 -9.08
C THR C 88 -36.53 45.03 -8.62
N ALA C 89 -37.48 44.69 -9.50
CA ALA C 89 -38.89 44.95 -9.23
C ALA C 89 -39.40 44.15 -8.03
N ALA C 90 -38.99 42.90 -7.91
CA ALA C 90 -39.49 42.02 -6.85
C ALA C 90 -38.72 42.14 -5.54
N ASP C 91 -37.62 42.90 -5.53
CA ASP C 91 -36.76 42.97 -4.36
C ASP C 91 -37.39 43.71 -3.20
N THR C 92 -38.53 44.37 -3.39
CA THR C 92 -39.25 44.96 -2.29
C THR C 92 -39.70 43.88 -1.32
N ALA C 93 -39.29 43.99 -0.07
CA ALA C 93 -39.54 42.95 0.93
C ALA C 93 -39.25 43.53 2.31
N VAL C 94 -39.35 42.68 3.32
CA VAL C 94 -38.91 42.97 4.68
C VAL C 94 -37.76 42.03 5.00
N TYR C 95 -36.71 42.56 5.62
CA TYR C 95 -35.49 41.82 5.89
C TYR C 95 -35.37 41.56 7.38
N TYR C 96 -35.13 40.29 7.75
CA TYR C 96 -35.00 39.87 9.14
C TYR C 96 -33.60 39.36 9.39
N CYS C 97 -32.99 39.82 10.47
CA CYS C 97 -31.71 39.29 10.95
C CYS C 97 -31.99 38.33 12.09
N VAL C 98 -31.47 37.11 11.98
CA VAL C 98 -31.97 35.95 12.71
C VAL C 98 -30.81 35.25 13.39
N ARG C 99 -31.05 34.74 14.60
CA ARG C 99 -30.13 33.80 15.23
C ARG C 99 -30.57 32.39 14.86
N VAL C 100 -29.63 31.56 14.41
CA VAL C 100 -29.93 30.21 13.95
C VAL C 100 -29.31 29.21 14.91
N VAL C 101 -30.13 28.28 15.41
CA VAL C 101 -29.71 27.25 16.36
C VAL C 101 -29.33 26.00 15.59
N GLN C 102 -28.26 25.34 16.04
CA GLN C 102 -27.78 24.09 15.45
C GLN C 102 -27.55 23.05 16.53
N TYR C 103 -27.89 21.81 16.22
CA TYR C 103 -27.66 20.68 17.12
C TYR C 103 -27.02 19.53 16.35
N LEU C 104 -26.01 18.91 16.94
CA LEU C 104 -25.28 17.81 16.32
C LEU C 104 -25.70 16.49 16.98
N GLU C 105 -26.20 15.56 16.18
CA GLU C 105 -26.65 14.27 16.67
C GLU C 105 -25.71 13.20 16.13
N TRP C 106 -25.12 12.42 17.04
CA TRP C 106 -24.22 11.33 16.69
C TRP C 106 -24.94 10.00 16.94
N PHE C 107 -25.17 9.24 15.87
CA PHE C 107 -25.69 7.87 15.99
C PHE C 107 -25.10 7.10 14.81
N VAL C 108 -23.98 6.42 15.06
CA VAL C 108 -23.15 5.78 14.04
C VAL C 108 -22.54 6.83 13.12
N ASP C 109 -23.37 7.68 12.53
CA ASP C 109 -22.93 8.78 11.66
C ASP C 109 -23.42 10.11 12.23
N LEU C 110 -23.07 11.21 11.54
CA LEU C 110 -23.34 12.57 12.01
C LEU C 110 -24.45 13.22 11.19
N ILE C 111 -25.42 13.82 11.88
CA ILE C 111 -26.48 14.61 11.26
C ILE C 111 -26.59 15.94 12.00
N GLU C 112 -26.58 17.05 11.26
CA GLU C 112 -26.75 18.37 11.87
C GLU C 112 -28.18 18.86 11.66
N VAL C 113 -28.75 19.44 12.72
CA VAL C 113 -30.14 19.90 12.75
C VAL C 113 -30.14 21.42 12.90
N ASN C 114 -30.89 22.09 12.04
CA ASN C 114 -30.94 23.56 12.02
C ASN C 114 -32.40 24.02 12.02
N TRP C 115 -32.70 25.06 12.80
CA TRP C 115 -34.05 25.60 12.85
C TRP C 115 -34.01 27.05 13.32
N PHE C 116 -35.12 27.75 13.08
CA PHE C 116 -35.22 29.18 13.36
C PHE C 116 -36.03 29.41 14.63
N ASP C 117 -35.50 30.23 15.54
CA ASP C 117 -36.18 30.53 16.80
C ASP C 117 -36.44 32.02 17.00
N VAL C 118 -35.44 32.87 16.79
CA VAL C 118 -35.53 34.29 17.14
C VAL C 118 -34.99 35.12 15.98
N TRP C 119 -35.76 36.16 15.62
CA TRP C 119 -35.45 37.01 14.48
C TRP C 119 -35.38 38.46 14.93
N GLY C 120 -35.33 39.39 13.97
CA GLY C 120 -35.37 40.81 14.27
C GLY C 120 -36.68 41.45 13.87
N PRO C 121 -36.97 42.64 14.40
CA PRO C 121 -38.26 43.29 14.10
C PRO C 121 -38.53 43.49 12.62
N GLY C 122 -37.52 43.85 11.84
CA GLY C 122 -37.63 43.95 10.41
C GLY C 122 -37.85 45.39 9.95
N VAL C 123 -37.34 45.66 8.75
CA VAL C 123 -37.47 46.97 8.11
C VAL C 123 -37.80 46.74 6.65
N LEU C 124 -38.35 47.78 6.00
CA LEU C 124 -38.86 47.68 4.65
C LEU C 124 -37.93 48.42 3.67
N VAL C 125 -37.68 47.80 2.52
CA VAL C 125 -36.86 48.38 1.47
C VAL C 125 -37.72 48.54 0.23
N THR C 126 -37.75 49.75 -0.33
CA THR C 126 -38.62 50.10 -1.45
C THR C 126 -37.77 50.42 -2.67
N VAL C 127 -38.10 49.80 -3.80
CA VAL C 127 -37.39 50.06 -5.05
C VAL C 127 -38.19 51.04 -5.90
N GLN D 1 55.09 14.52 2.20
CA GLN D 1 53.79 14.04 1.74
C GLN D 1 53.95 12.90 0.74
N VAL D 2 52.96 12.72 -0.14
CA VAL D 2 52.93 11.60 -1.06
C VAL D 2 53.87 11.86 -2.23
N GLN D 3 54.73 10.89 -2.53
CA GLN D 3 55.59 10.91 -3.69
C GLN D 3 55.16 9.82 -4.66
N LEU D 4 55.35 10.08 -5.95
CA LEU D 4 54.84 9.20 -6.99
C LEU D 4 55.89 9.03 -8.09
N GLN D 5 55.86 7.88 -8.76
CA GLN D 5 56.75 7.64 -9.89
C GLN D 5 56.06 6.79 -10.93
N GLU D 6 56.03 7.26 -12.18
CA GLU D 6 55.50 6.49 -13.29
C GLU D 6 56.63 5.69 -13.94
N SER D 7 56.37 4.42 -14.23
CA SER D 7 57.34 3.56 -14.88
C SER D 7 56.66 2.73 -15.94
N GLY D 8 57.40 2.45 -17.01
CA GLY D 8 56.91 1.66 -18.11
C GLY D 8 57.84 1.70 -19.31
N PRO D 9 57.51 0.95 -20.36
CA PRO D 9 58.36 0.96 -21.56
C PRO D 9 58.32 2.31 -22.25
N GLY D 10 59.51 2.85 -22.53
CA GLY D 10 59.59 4.16 -23.15
C GLY D 10 59.03 4.17 -24.56
N VAL D 11 59.35 3.16 -25.36
CA VAL D 11 58.95 3.08 -26.75
C VAL D 11 58.22 1.75 -26.98
N VAL D 12 57.03 1.81 -27.57
CA VAL D 12 56.24 0.63 -27.89
C VAL D 12 55.71 0.78 -29.31
N LYS D 13 55.61 -0.34 -30.02
CA LYS D 13 55.12 -0.32 -31.38
C LYS D 13 53.62 -0.03 -31.40
N PRO D 14 53.11 0.54 -32.49
CA PRO D 14 51.67 0.82 -32.57
C PRO D 14 50.85 -0.45 -32.47
N SER D 15 49.65 -0.30 -31.89
CA SER D 15 48.68 -1.39 -31.69
C SER D 15 49.18 -2.42 -30.68
N GLU D 16 50.23 -2.12 -29.94
CA GLU D 16 50.75 -2.99 -28.89
C GLU D 16 50.29 -2.48 -27.53
N THR D 17 50.02 -3.42 -26.62
CA THR D 17 49.51 -3.08 -25.30
C THR D 17 50.54 -2.29 -24.50
N LEU D 18 50.06 -1.32 -23.73
CA LEU D 18 50.89 -0.46 -22.91
C LEU D 18 50.52 -0.65 -21.44
N SER D 19 51.48 -1.06 -20.63
CA SER D 19 51.30 -1.20 -19.19
C SER D 19 52.13 -0.13 -18.49
N LEU D 20 51.48 0.64 -17.62
CA LEU D 20 52.15 1.70 -16.87
C LEU D 20 51.91 1.50 -15.39
N THR D 21 52.98 1.41 -14.62
CA THR D 21 52.90 1.16 -13.19
C THR D 21 53.37 2.41 -12.44
N CYS D 22 52.51 2.95 -11.59
CA CYS D 22 52.86 4.08 -10.74
C CYS D 22 53.12 3.55 -9.33
N ALA D 23 54.33 3.82 -8.84
CA ALA D 23 54.77 3.42 -7.51
C ALA D 23 54.64 4.61 -6.56
N VAL D 24 54.09 4.33 -5.38
CA VAL D 24 53.67 5.35 -4.43
C VAL D 24 54.53 5.24 -3.18
N SER D 25 55.12 6.35 -2.75
CA SER D 25 55.81 6.45 -1.48
C SER D 25 55.20 7.61 -0.70
N GLY D 26 55.63 7.76 0.55
CA GLY D 26 55.06 8.79 1.39
C GLY D 26 53.63 8.55 1.80
N GLY D 27 53.12 7.35 1.61
CA GLY D 27 51.76 7.03 2.00
C GLY D 27 51.39 5.63 1.54
N SER D 28 50.26 5.17 2.04
CA SER D 28 49.73 3.85 1.69
C SER D 28 48.69 3.98 0.60
N ILE D 29 48.76 3.07 -0.39
CA ILE D 29 47.82 3.09 -1.50
C ILE D 29 46.40 2.76 -1.06
N SER D 30 46.24 2.14 0.12
CA SER D 30 44.92 1.83 0.67
C SER D 30 44.27 3.02 1.35
N ASP D 31 44.77 4.23 1.10
CA ASP D 31 44.18 5.43 1.66
C ASP D 31 42.77 5.65 1.09
N SER D 32 42.01 6.48 1.80
CA SER D 32 40.67 6.83 1.34
C SER D 32 40.73 7.95 0.31
N TYR D 33 41.54 7.75 -0.74
CA TYR D 33 41.70 8.68 -1.84
C TYR D 33 41.36 7.98 -3.15
N ARG D 34 41.56 8.70 -4.25
CA ARG D 34 41.37 8.14 -5.59
C ARG D 34 42.65 8.37 -6.39
N TRP D 35 43.13 7.30 -7.03
CA TRP D 35 44.35 7.33 -7.82
C TRP D 35 43.98 7.31 -9.30
N SER D 36 44.34 8.37 -10.01
CA SER D 36 43.86 8.60 -11.36
C SER D 36 45.03 8.71 -12.33
N TRP D 37 44.70 8.57 -13.61
CA TRP D 37 45.65 8.77 -14.70
C TRP D 37 45.18 9.93 -15.57
N ILE D 38 46.14 10.77 -15.96
CA ILE D 38 45.87 11.93 -16.80
C ILE D 38 46.82 11.90 -17.99
N ARG D 39 46.28 12.18 -19.18
CA ARG D 39 47.02 12.11 -20.44
C ARG D 39 47.18 13.52 -20.99
N GLN D 40 48.41 13.88 -21.37
CA GLN D 40 48.74 15.21 -21.89
C GLN D 40 49.51 15.06 -23.20
N PRO D 41 48.82 14.87 -24.32
CA PRO D 41 49.51 14.82 -25.61
C PRO D 41 50.27 16.10 -25.88
N PRO D 42 51.51 16.02 -26.37
CA PRO D 42 52.26 17.23 -26.67
C PRO D 42 51.55 18.08 -27.72
N GLY D 43 51.59 19.39 -27.52
CA GLY D 43 50.80 20.30 -28.34
C GLY D 43 49.34 20.38 -27.95
N LYS D 44 48.92 19.67 -26.89
CA LYS D 44 47.54 19.68 -26.45
C LYS D 44 47.52 19.78 -24.92
N GLY D 45 46.33 19.75 -24.36
CA GLY D 45 46.11 19.97 -22.95
C GLY D 45 46.05 18.68 -22.16
N LEU D 46 45.21 18.68 -21.12
CA LEU D 46 45.07 17.56 -20.21
C LEU D 46 43.76 16.83 -20.47
N GLU D 47 43.75 15.53 -20.17
CA GLU D 47 42.56 14.73 -20.34
C GLU D 47 42.54 13.63 -19.27
N TRP D 48 41.46 13.60 -18.50
CA TRP D 48 41.28 12.58 -17.48
C TRP D 48 41.05 11.22 -18.13
N ILE D 49 41.52 10.15 -17.48
CA ILE D 49 41.40 8.79 -18.00
C ILE D 49 40.49 7.94 -17.12
N GLY D 50 40.79 7.85 -15.84
CA GLY D 50 39.99 7.03 -14.95
C GLY D 50 40.64 6.91 -13.60
N TYR D 51 40.05 6.07 -12.74
CA TYR D 51 40.60 5.85 -11.41
C TYR D 51 40.09 4.53 -10.84
N ILE D 52 40.74 4.12 -9.75
CA ILE D 52 40.31 3.01 -8.90
C ILE D 52 40.30 3.51 -7.47
N TYR D 53 39.35 3.03 -6.67
CA TYR D 53 39.24 3.47 -5.29
C TYR D 53 40.36 2.87 -4.44
N GLY D 54 40.84 3.65 -3.48
CA GLY D 54 41.89 3.15 -2.60
C GLY D 54 41.39 2.13 -1.59
N SER D 55 40.19 2.33 -1.04
CA SER D 55 39.65 1.48 0.00
C SER D 55 38.59 0.50 -0.50
N SER D 56 38.45 0.34 -1.81
CA SER D 56 37.53 -0.63 -2.37
C SER D 56 37.99 -0.98 -3.78
N THR D 57 37.27 -1.89 -4.42
CA THR D 57 37.65 -2.41 -5.73
C THR D 57 36.94 -1.72 -6.89
N SER D 58 36.16 -0.68 -6.63
CA SER D 58 35.42 -0.01 -7.69
C SER D 58 36.35 0.77 -8.59
N THR D 59 35.91 0.98 -9.84
CA THR D 59 36.69 1.68 -10.85
C THR D 59 35.78 2.61 -11.64
N ASN D 60 36.40 3.56 -12.33
CA ASN D 60 35.67 4.48 -13.20
C ASN D 60 36.56 4.87 -14.37
N TYR D 61 35.96 4.97 -15.57
CA TYR D 61 36.73 5.21 -16.79
C TYR D 61 36.05 6.26 -17.67
N ASN D 62 36.88 6.93 -18.47
CA ASN D 62 36.38 7.91 -19.43
C ASN D 62 35.59 7.22 -20.54
N PRO D 63 34.44 7.77 -20.93
CA PRO D 63 33.66 7.13 -22.01
C PRO D 63 34.40 7.03 -23.34
N SER D 64 35.28 7.98 -23.65
CA SER D 64 35.93 7.97 -24.96
C SER D 64 36.93 6.83 -25.08
N LEU D 65 37.53 6.41 -23.97
CA LEU D 65 38.60 5.42 -23.97
C LEU D 65 38.25 4.20 -23.10
N LYS D 66 36.97 3.95 -22.86
CA LYS D 66 36.59 2.95 -21.86
C LYS D 66 36.90 1.53 -22.31
N SER D 67 36.64 1.21 -23.59
CA SER D 67 36.72 -0.17 -24.03
C SER D 67 38.16 -0.70 -24.00
N ARG D 68 39.13 0.18 -24.24
CA ARG D 68 40.52 -0.23 -24.39
C ARG D 68 41.31 -0.23 -23.08
N VAL D 69 40.73 0.21 -21.98
CA VAL D 69 41.51 0.53 -20.78
C VAL D 69 41.14 -0.41 -19.63
N THR D 70 42.11 -0.61 -18.74
CA THR D 70 41.92 -1.37 -17.50
C THR D 70 42.82 -0.77 -16.43
N ILE D 71 42.37 -0.83 -15.18
CA ILE D 71 43.12 -0.30 -14.05
C ILE D 71 43.12 -1.33 -12.93
N SER D 72 44.29 -1.49 -12.28
CA SER D 72 44.42 -2.43 -11.17
C SER D 72 45.37 -1.84 -10.13
N LYS D 73 45.28 -2.36 -8.90
CA LYS D 73 46.13 -1.91 -7.81
C LYS D 73 46.71 -3.09 -7.06
N ASP D 74 47.86 -2.86 -6.43
CA ASP D 74 48.58 -3.88 -5.67
C ASP D 74 49.05 -3.25 -4.36
N THR D 75 48.53 -3.77 -3.25
CA THR D 75 48.85 -3.24 -1.93
C THR D 75 50.24 -3.67 -1.45
N SER D 76 50.70 -4.84 -1.90
CA SER D 76 51.98 -5.36 -1.42
C SER D 76 53.13 -4.45 -1.83
N LYS D 77 53.16 -4.04 -3.10
CA LYS D 77 54.18 -3.12 -3.58
C LYS D 77 53.70 -1.67 -3.58
N ASN D 78 52.46 -1.42 -3.18
CA ASN D 78 51.86 -0.09 -3.22
C ASN D 78 52.00 0.54 -4.60
N GLN D 79 51.54 -0.19 -5.61
CA GLN D 79 51.66 0.25 -6.99
C GLN D 79 50.34 0.05 -7.71
N PHE D 80 49.95 1.01 -8.54
CA PHE D 80 48.76 0.82 -9.36
C PHE D 80 49.11 0.95 -10.84
N SER D 81 48.52 0.08 -11.64
CA SER D 81 48.86 -0.03 -13.05
C SER D 81 47.64 0.25 -13.92
N LEU D 82 47.93 0.79 -15.10
CA LEU D 82 46.95 1.01 -16.15
C LEU D 82 47.40 0.24 -17.40
N ASN D 83 46.43 -0.38 -18.06
CA ASN D 83 46.64 -1.14 -19.28
C ASN D 83 45.82 -0.49 -20.39
N LEU D 84 46.50 -0.13 -21.48
CA LEU D 84 45.88 0.47 -22.65
C LEU D 84 46.11 -0.43 -23.85
N SER D 85 45.10 -0.57 -24.70
CA SER D 85 45.17 -1.48 -25.83
C SER D 85 45.04 -0.71 -27.14
N SER D 86 45.68 -1.25 -28.18
CA SER D 86 45.59 -0.72 -29.55
C SER D 86 46.07 0.73 -29.61
N LEU D 87 47.35 0.92 -29.34
CA LEU D 87 47.95 2.24 -29.39
C LEU D 87 47.99 2.76 -30.82
N THR D 88 47.75 4.05 -30.99
CA THR D 88 47.59 4.65 -32.32
C THR D 88 48.46 5.89 -32.50
N ALA D 89 48.21 6.63 -33.59
CA ALA D 89 49.07 7.75 -33.96
C ALA D 89 49.05 8.85 -32.90
N ALA D 90 47.88 9.16 -32.36
CA ALA D 90 47.73 10.26 -31.43
C ALA D 90 48.02 9.88 -29.99
N ASP D 91 48.24 8.60 -29.70
CA ASP D 91 48.42 8.14 -28.33
C ASP D 91 49.74 8.59 -27.71
N THR D 92 50.64 9.17 -28.49
CA THR D 92 51.86 9.74 -27.93
C THR D 92 51.51 10.88 -26.98
N ALA D 93 51.91 10.74 -25.72
CA ALA D 93 51.56 11.70 -24.67
C ALA D 93 52.48 11.46 -23.49
N VAL D 94 52.26 12.24 -22.43
CA VAL D 94 52.90 12.03 -21.13
C VAL D 94 51.82 11.67 -20.12
N TYR D 95 52.06 10.60 -19.37
CA TYR D 95 51.05 10.06 -18.47
C TYR D 95 51.40 10.43 -17.03
N TYR D 96 50.40 10.95 -16.31
CA TYR D 96 50.55 11.36 -14.93
C TYR D 96 49.67 10.49 -14.04
N CYS D 97 50.24 10.01 -12.93
CA CYS D 97 49.49 9.33 -11.89
C CYS D 97 49.28 10.29 -10.74
N VAL D 98 48.02 10.54 -10.39
CA VAL D 98 47.64 11.68 -9.56
C VAL D 98 46.76 11.19 -8.43
N ARG D 99 46.65 12.00 -7.37
CA ARG D 99 45.63 11.77 -6.35
C ARG D 99 44.53 12.81 -6.54
N VAL D 100 43.28 12.39 -6.33
CA VAL D 100 42.13 13.27 -6.48
C VAL D 100 41.48 13.43 -5.11
N VAL D 101 41.29 14.68 -4.70
CA VAL D 101 40.65 15.00 -3.42
C VAL D 101 39.15 15.14 -3.65
N GLN D 102 38.37 14.61 -2.71
CA GLN D 102 36.92 14.69 -2.75
C GLN D 102 36.39 15.26 -1.45
N TYR D 103 35.40 16.15 -1.54
CA TYR D 103 34.74 16.73 -0.39
C TYR D 103 33.23 16.59 -0.56
N LEU D 104 32.54 16.22 0.52
CA LEU D 104 31.10 16.02 0.51
C LEU D 104 30.42 17.21 1.19
N GLU D 105 29.50 17.84 0.48
CA GLU D 105 28.77 19.01 0.95
C GLU D 105 27.31 18.64 1.19
N TRP D 106 26.86 18.74 2.43
CA TRP D 106 25.47 18.47 2.79
C TRP D 106 24.76 19.80 3.01
N PHE D 107 23.76 20.09 2.18
CA PHE D 107 22.86 21.23 2.40
C PHE D 107 21.53 20.85 1.75
N VAL D 108 20.61 20.34 2.57
CA VAL D 108 19.35 19.75 2.13
C VAL D 108 19.61 18.49 1.31
N ASP D 109 20.42 18.61 0.26
CA ASP D 109 20.83 17.49 -0.58
C ASP D 109 22.35 17.36 -0.58
N LEU D 110 22.86 16.41 -1.38
CA LEU D 110 24.27 16.05 -1.38
C LEU D 110 24.94 16.45 -2.69
N ILE D 111 26.12 17.08 -2.58
CA ILE D 111 26.95 17.43 -3.73
C ILE D 111 28.39 17.01 -3.43
N GLU D 112 29.01 16.27 -4.34
CA GLU D 112 30.41 15.89 -4.18
C GLU D 112 31.31 16.78 -5.03
N VAL D 113 32.39 17.25 -4.43
CA VAL D 113 33.33 18.19 -5.04
C VAL D 113 34.65 17.47 -5.27
N ASN D 114 35.17 17.56 -6.49
CA ASN D 114 36.39 16.87 -6.88
C ASN D 114 37.35 17.83 -7.55
N TRP D 115 38.64 17.72 -7.23
CA TRP D 115 39.65 18.59 -7.83
C TRP D 115 41.02 17.94 -7.74
N PHE D 116 41.94 18.46 -8.55
CA PHE D 116 43.29 17.92 -8.69
C PHE D 116 44.28 18.80 -7.95
N ASP D 117 45.12 18.20 -7.12
CA ASP D 117 46.14 18.95 -6.38
C ASP D 117 47.54 18.37 -6.53
N VAL D 118 47.69 17.05 -6.55
CA VAL D 118 48.99 16.40 -6.50
C VAL D 118 49.09 15.38 -7.62
N TRP D 119 50.17 15.50 -8.41
CA TRP D 119 50.41 14.64 -9.57
C TRP D 119 51.76 13.96 -9.47
N GLY D 120 52.18 13.31 -10.55
CA GLY D 120 53.48 12.66 -10.63
C GLY D 120 54.35 13.25 -11.71
N PRO D 121 55.64 12.87 -11.72
CA PRO D 121 56.59 13.44 -12.69
C PRO D 121 56.16 13.32 -14.13
N GLY D 122 55.93 12.10 -14.59
CA GLY D 122 55.45 11.88 -15.94
C GLY D 122 56.52 11.33 -16.85
N VAL D 123 56.14 10.33 -17.65
CA VAL D 123 57.03 9.70 -18.62
C VAL D 123 56.32 9.70 -19.97
N LEU D 124 57.11 9.73 -21.04
CA LEU D 124 56.61 9.86 -22.39
C LEU D 124 56.58 8.51 -23.10
N VAL D 125 55.47 8.22 -23.78
CA VAL D 125 55.28 6.98 -24.52
C VAL D 125 55.28 7.31 -26.00
N THR D 126 56.11 6.61 -26.76
CA THR D 126 56.30 6.87 -28.19
C THR D 126 55.76 5.71 -29.01
N VAL D 127 54.93 6.03 -30.00
CA VAL D 127 54.38 5.02 -30.89
C VAL D 127 55.15 5.00 -32.20
N GLN E 1 -8.48 -52.60 20.01
CA GLN E 1 -8.56 -51.40 19.17
C GLN E 1 -10.00 -51.16 18.69
N VAL E 2 -10.16 -50.66 17.47
CA VAL E 2 -11.47 -50.28 16.96
C VAL E 2 -12.08 -51.43 16.17
N GLN E 3 -13.33 -51.76 16.49
CA GLN E 3 -14.11 -52.73 15.73
C GLN E 3 -15.21 -52.01 14.96
N LEU E 4 -15.58 -52.56 13.81
CA LEU E 4 -16.54 -51.94 12.92
C LEU E 4 -17.50 -52.99 12.39
N GLN E 5 -18.73 -52.56 12.08
CA GLN E 5 -19.70 -53.46 11.48
C GLN E 5 -20.55 -52.70 10.48
N GLU E 6 -20.57 -53.17 9.24
CA GLU E 6 -21.45 -52.62 8.20
C GLU E 6 -22.80 -53.33 8.26
N SER E 7 -23.87 -52.55 8.22
CA SER E 7 -25.22 -53.09 8.22
C SER E 7 -26.07 -52.35 7.20
N GLY E 8 -27.01 -53.08 6.60
CA GLY E 8 -27.90 -52.52 5.61
C GLY E 8 -28.72 -53.58 4.92
N PRO E 9 -29.64 -53.17 4.05
CA PRO E 9 -30.46 -54.15 3.32
C PRO E 9 -29.59 -54.99 2.39
N GLY E 10 -29.79 -56.30 2.45
CA GLY E 10 -28.99 -57.20 1.62
C GLY E 10 -29.27 -57.04 0.14
N VAL E 11 -30.54 -56.93 -0.24
CA VAL E 11 -30.94 -56.84 -1.63
C VAL E 11 -31.86 -55.64 -1.79
N VAL E 12 -31.57 -54.79 -2.77
CA VAL E 12 -32.40 -53.64 -3.10
C VAL E 12 -32.61 -53.61 -4.61
N LYS E 13 -33.77 -53.12 -5.02
CA LYS E 13 -34.08 -53.05 -6.44
C LYS E 13 -33.23 -51.98 -7.12
N PRO E 14 -33.00 -52.10 -8.43
CA PRO E 14 -32.23 -51.08 -9.15
C PRO E 14 -32.92 -49.72 -9.08
N SER E 15 -32.10 -48.67 -9.08
CA SER E 15 -32.53 -47.28 -9.01
C SER E 15 -33.19 -46.93 -7.68
N GLU E 16 -33.06 -47.81 -6.68
CA GLU E 16 -33.57 -47.55 -5.34
C GLU E 16 -32.43 -47.12 -4.44
N THR E 17 -32.75 -46.26 -3.47
CA THR E 17 -31.73 -45.70 -2.58
C THR E 17 -31.14 -46.79 -1.69
N LEU E 18 -29.84 -46.70 -1.44
CA LEU E 18 -29.12 -47.62 -0.58
C LEU E 18 -28.58 -46.86 0.62
N SER E 19 -28.98 -47.30 1.82
CA SER E 19 -28.48 -46.74 3.07
C SER E 19 -27.64 -47.79 3.78
N LEU E 20 -26.40 -47.43 4.11
CA LEU E 20 -25.49 -48.34 4.79
C LEU E 20 -25.00 -47.66 6.07
N THR E 21 -25.22 -48.31 7.20
CA THR E 21 -24.83 -47.77 8.49
C THR E 21 -23.70 -48.62 9.06
N CYS E 22 -22.56 -47.98 9.35
CA CYS E 22 -21.44 -48.64 9.99
C CYS E 22 -21.45 -48.27 11.47
N ALA E 23 -21.54 -49.29 12.32
CA ALA E 23 -21.52 -49.15 13.76
C ALA E 23 -20.10 -49.37 14.28
N VAL E 24 -19.67 -48.46 15.15
CA VAL E 24 -18.28 -48.40 15.62
C VAL E 24 -18.25 -48.79 17.08
N SER E 25 -17.37 -49.72 17.43
CA SER E 25 -17.13 -50.12 18.80
C SER E 25 -15.63 -50.06 19.06
N GLY E 26 -15.25 -50.15 20.33
CA GLY E 26 -13.86 -50.01 20.68
C GLY E 26 -13.29 -48.63 20.46
N GLY E 27 -14.15 -47.62 20.31
CA GLY E 27 -13.69 -46.26 20.11
C GLY E 27 -14.87 -45.35 19.89
N SER E 28 -14.59 -44.05 19.93
CA SER E 28 -15.60 -43.02 19.74
C SER E 28 -15.55 -42.48 18.31
N ILE E 29 -16.73 -42.26 17.73
CA ILE E 29 -16.79 -41.69 16.39
C ILE E 29 -16.30 -40.24 16.38
N SER E 30 -16.28 -39.58 17.53
CA SER E 30 -15.79 -38.22 17.64
C SER E 30 -14.27 -38.13 17.73
N ASP E 31 -13.58 -39.21 17.39
CA ASP E 31 -12.11 -39.20 17.37
C ASP E 31 -11.62 -38.24 16.30
N SER E 32 -10.37 -37.80 16.45
CA SER E 32 -9.76 -36.92 15.46
C SER E 32 -9.24 -37.74 14.27
N TYR E 33 -10.09 -38.60 13.71
CA TYR E 33 -9.74 -39.43 12.57
C TYR E 33 -10.73 -39.22 11.44
N ARG E 34 -10.67 -40.05 10.40
CA ARG E 34 -11.56 -39.96 9.26
C ARG E 34 -12.22 -41.31 9.01
N TRP E 35 -13.53 -41.29 8.82
CA TRP E 35 -14.33 -42.48 8.56
C TRP E 35 -14.76 -42.48 7.11
N SER E 36 -14.27 -43.47 6.35
CA SER E 36 -14.43 -43.49 4.91
C SER E 36 -15.20 -44.73 4.47
N TRP E 37 -15.64 -44.71 3.22
CA TRP E 37 -16.24 -45.87 2.57
C TRP E 37 -15.44 -46.24 1.34
N ILE E 38 -15.25 -47.55 1.14
CA ILE E 38 -14.51 -48.08 0.01
C ILE E 38 -15.36 -49.14 -0.67
N ARG E 39 -15.41 -49.10 -2.00
CA ARG E 39 -16.24 -50.00 -2.80
C ARG E 39 -15.33 -50.95 -3.57
N GLN E 40 -15.64 -52.25 -3.50
CA GLN E 40 -14.88 -53.30 -4.18
C GLN E 40 -15.83 -54.20 -4.96
N PRO E 41 -16.19 -53.82 -6.19
CA PRO E 41 -17.02 -54.68 -7.03
C PRO E 41 -16.36 -56.03 -7.25
N PRO E 42 -17.12 -57.13 -7.19
CA PRO E 42 -16.53 -58.44 -7.45
C PRO E 42 -15.96 -58.50 -8.87
N GLY E 43 -14.80 -59.16 -9.00
CA GLY E 43 -14.07 -59.14 -10.23
C GLY E 43 -13.27 -57.88 -10.48
N LYS E 44 -13.28 -56.94 -9.53
CA LYS E 44 -12.55 -55.69 -9.66
C LYS E 44 -11.86 -55.39 -8.33
N GLY E 45 -11.18 -54.26 -8.29
CA GLY E 45 -10.39 -53.86 -7.15
C GLY E 45 -11.12 -52.94 -6.19
N LEU E 46 -10.36 -52.07 -5.53
CA LEU E 46 -10.89 -51.15 -4.55
C LEU E 46 -10.98 -49.75 -5.16
N GLU E 47 -11.94 -48.96 -4.67
CA GLU E 47 -11.99 -47.56 -5.04
C GLU E 47 -12.66 -46.78 -3.92
N TRP E 48 -12.04 -45.65 -3.57
CA TRP E 48 -12.46 -44.81 -2.46
C TRP E 48 -13.74 -44.05 -2.83
N ILE E 49 -14.56 -43.75 -1.82
CA ILE E 49 -15.84 -43.07 -2.02
C ILE E 49 -15.85 -41.68 -1.39
N GLY E 50 -15.56 -41.60 -0.10
CA GLY E 50 -15.60 -40.33 0.58
C GLY E 50 -15.44 -40.51 2.07
N TYR E 51 -15.56 -39.40 2.79
CA TYR E 51 -15.44 -39.44 4.25
C TYR E 51 -16.10 -38.22 4.88
N ILE E 52 -16.26 -38.30 6.21
CA ILE E 52 -16.68 -37.20 7.06
C ILE E 52 -15.72 -37.12 8.23
N TYR E 53 -15.45 -35.90 8.69
CA TYR E 53 -14.51 -35.71 9.79
C TYR E 53 -15.14 -36.13 11.12
N GLY E 54 -14.34 -36.74 11.98
CA GLY E 54 -14.82 -37.13 13.30
C GLY E 54 -15.08 -35.94 14.21
N SER E 55 -14.19 -34.94 14.18
CA SER E 55 -14.26 -33.82 15.10
C SER E 55 -14.82 -32.55 14.46
N SER E 56 -15.41 -32.66 13.28
CA SER E 56 -16.06 -31.51 12.64
C SER E 56 -17.10 -32.04 11.65
N THR E 57 -17.81 -31.12 11.01
CA THR E 57 -18.92 -31.46 10.13
C THR E 57 -18.52 -31.50 8.66
N SER E 58 -17.23 -31.33 8.33
CA SER E 58 -16.81 -31.30 6.94
C SER E 58 -16.89 -32.69 6.32
N THR E 59 -17.04 -32.72 4.99
CA THR E 59 -17.15 -33.96 4.23
C THR E 59 -16.34 -33.85 2.95
N ASN E 60 -16.04 -35.01 2.36
CA ASN E 60 -15.34 -35.06 1.09
C ASN E 60 -15.83 -36.26 0.30
N TYR E 61 -15.97 -36.09 -1.03
CA TYR E 61 -16.55 -37.13 -1.87
C TYR E 61 -15.76 -37.29 -3.16
N ASN E 62 -15.83 -38.51 -3.72
CA ASN E 62 -15.20 -38.79 -4.99
C ASN E 62 -15.92 -38.05 -6.12
N PRO E 63 -15.17 -37.45 -7.06
CA PRO E 63 -15.84 -36.72 -8.16
C PRO E 63 -16.73 -37.59 -9.03
N SER E 64 -16.43 -38.88 -9.18
CA SER E 64 -17.20 -39.69 -10.11
C SER E 64 -18.61 -39.96 -9.59
N LEU E 65 -18.78 -40.08 -8.28
CA LEU E 65 -20.06 -40.40 -7.67
C LEU E 65 -20.55 -39.31 -6.71
N LYS E 66 -20.09 -38.06 -6.90
CA LYS E 66 -20.37 -37.02 -5.92
C LYS E 66 -21.85 -36.67 -5.87
N SER E 67 -22.52 -36.60 -7.02
CA SER E 67 -23.89 -36.10 -7.05
C SER E 67 -24.86 -37.04 -6.34
N ARG E 68 -24.59 -38.35 -6.37
CA ARG E 68 -25.52 -39.35 -5.88
C ARG E 68 -25.32 -39.72 -4.41
N VAL E 69 -24.30 -39.17 -3.74
CA VAL E 69 -23.85 -39.70 -2.46
C VAL E 69 -24.07 -38.67 -1.35
N THR E 70 -24.28 -39.17 -0.14
CA THR E 70 -24.36 -38.35 1.07
C THR E 70 -23.80 -39.15 2.23
N ILE E 71 -23.16 -38.46 3.18
CA ILE E 71 -22.56 -39.10 4.35
C ILE E 71 -23.00 -38.35 5.60
N SER E 72 -23.33 -39.09 6.66
CA SER E 72 -23.74 -38.48 7.92
C SER E 72 -23.22 -39.31 9.08
N LYS E 73 -23.15 -38.71 10.26
CA LYS E 73 -22.69 -39.40 11.45
C LYS E 73 -23.63 -39.14 12.62
N ASP E 74 -23.68 -40.11 13.54
CA ASP E 74 -24.51 -40.04 14.73
C ASP E 74 -23.67 -40.42 15.93
N THR E 75 -23.51 -39.46 16.85
CA THR E 75 -22.66 -39.67 18.02
C THR E 75 -23.34 -40.55 19.07
N SER E 76 -24.68 -40.48 19.16
CA SER E 76 -25.40 -41.21 20.20
C SER E 76 -25.21 -42.72 20.04
N LYS E 77 -25.41 -43.23 18.83
CA LYS E 77 -25.18 -44.64 18.54
C LYS E 77 -23.78 -44.91 18.01
N ASN E 78 -22.98 -43.86 17.80
CA ASN E 78 -21.65 -43.98 17.21
C ASN E 78 -21.70 -44.74 15.88
N GLN E 79 -22.52 -44.24 14.96
CA GLN E 79 -22.73 -44.90 13.68
C GLN E 79 -22.67 -43.87 12.58
N PHE E 80 -21.95 -44.18 11.50
CA PHE E 80 -21.95 -43.29 10.35
C PHE E 80 -22.58 -43.99 9.14
N SER E 81 -23.40 -43.25 8.41
CA SER E 81 -24.20 -43.79 7.33
C SER E 81 -23.84 -43.13 6.01
N LEU E 82 -23.92 -43.93 4.95
CA LEU E 82 -23.79 -43.49 3.57
C LEU E 82 -25.11 -43.73 2.85
N ASN E 83 -25.51 -42.75 2.04
CA ASN E 83 -26.71 -42.82 1.21
C ASN E 83 -26.30 -42.71 -0.24
N LEU E 84 -26.66 -43.71 -1.04
CA LEU E 84 -26.38 -43.75 -2.46
C LEU E 84 -27.69 -43.79 -3.24
N SER E 85 -27.75 -43.05 -4.33
CA SER E 85 -28.98 -42.92 -5.11
C SER E 85 -28.81 -43.49 -6.51
N SER E 86 -29.91 -43.99 -7.06
CA SER E 86 -29.98 -44.49 -8.43
C SER E 86 -28.98 -45.62 -8.66
N LEU E 87 -29.21 -46.73 -7.96
CA LEU E 87 -28.33 -47.89 -8.09
C LEU E 87 -28.46 -48.52 -9.46
N THR E 88 -27.34 -48.97 -10.01
CA THR E 88 -27.29 -49.45 -11.38
C THR E 88 -26.67 -50.84 -11.50
N ALA E 89 -26.36 -51.25 -12.73
CA ALA E 89 -25.92 -52.62 -12.97
C ALA E 89 -24.60 -52.93 -12.27
N ALA E 90 -23.66 -51.99 -12.29
CA ALA E 90 -22.32 -52.21 -11.75
C ALA E 90 -22.23 -51.96 -10.26
N ASP E 91 -23.29 -51.44 -9.63
CA ASP E 91 -23.22 -51.04 -8.24
C ASP E 91 -23.14 -52.23 -7.27
N THR E 92 -23.32 -53.45 -7.76
CA THR E 92 -23.08 -54.62 -6.93
C THR E 92 -21.62 -54.66 -6.51
N ALA E 93 -21.37 -54.69 -5.21
CA ALA E 93 -20.01 -54.62 -4.68
C ALA E 93 -20.06 -55.01 -3.21
N VAL E 94 -18.89 -54.97 -2.57
CA VAL E 94 -18.77 -55.08 -1.12
C VAL E 94 -18.31 -53.73 -0.59
N TYR E 95 -19.00 -53.24 0.44
CA TYR E 95 -18.75 -51.92 0.99
C TYR E 95 -18.00 -52.04 2.31
N TYR E 96 -16.90 -51.31 2.43
CA TYR E 96 -16.07 -51.31 3.62
C TYR E 96 -16.12 -49.94 4.28
N CYS E 97 -16.39 -49.92 5.59
CA CYS E 97 -16.29 -48.71 6.40
C CYS E 97 -14.95 -48.75 7.11
N VAL E 98 -14.11 -47.74 6.83
CA VAL E 98 -12.69 -47.82 7.12
C VAL E 98 -12.25 -46.60 7.91
N ARG E 99 -11.13 -46.76 8.62
CA ARG E 99 -10.52 -45.70 9.40
C ARG E 99 -9.26 -45.23 8.67
N VAL E 100 -9.16 -43.92 8.45
CA VAL E 100 -8.06 -43.35 7.66
C VAL E 100 -7.13 -42.59 8.60
N VAL E 101 -5.83 -42.86 8.49
CA VAL E 101 -4.79 -42.22 9.29
C VAL E 101 -4.15 -41.10 8.49
N GLN E 102 -3.88 -39.97 9.14
CA GLN E 102 -3.26 -38.83 8.50
C GLN E 102 -2.06 -38.36 9.32
N TYR E 103 -0.98 -37.99 8.62
CA TYR E 103 0.22 -37.44 9.24
C TYR E 103 0.59 -36.15 8.53
N LEU E 104 1.06 -35.16 9.31
CA LEU E 104 1.46 -33.87 8.77
C LEU E 104 2.96 -33.72 8.86
N GLU E 105 3.60 -33.39 7.74
CA GLU E 105 5.05 -33.26 7.64
C GLU E 105 5.40 -31.82 7.31
N TRP E 106 6.09 -31.15 8.23
CA TRP E 106 6.54 -29.78 8.03
C TRP E 106 8.02 -29.81 7.66
N PHE E 107 8.33 -29.34 6.45
CA PHE E 107 9.72 -29.12 6.02
C PHE E 107 9.67 -27.96 5.02
N VAL E 108 9.87 -26.75 5.52
CA VAL E 108 9.70 -25.50 4.78
C VAL E 108 8.23 -25.30 4.44
N ASP E 109 7.61 -26.27 3.78
CA ASP E 109 6.18 -26.26 3.45
C ASP E 109 5.49 -27.46 4.08
N LEU E 110 4.18 -27.57 3.84
CA LEU E 110 3.33 -28.58 4.47
C LEU E 110 2.89 -29.64 3.46
N ILE E 111 3.04 -30.91 3.83
CA ILE E 111 2.55 -32.05 3.06
C ILE E 111 1.78 -32.97 4.00
N GLU E 112 0.57 -33.36 3.61
CA GLU E 112 -0.22 -34.30 4.39
C GLU E 112 -0.16 -35.70 3.77
N VAL E 113 -0.01 -36.70 4.62
CA VAL E 113 0.17 -38.09 4.22
C VAL E 113 -1.04 -38.88 4.70
N ASN E 114 -1.66 -39.65 3.80
CA ASN E 114 -2.87 -40.40 4.10
C ASN E 114 -2.72 -41.85 3.64
N TRP E 115 -3.16 -42.79 4.47
CA TRP E 115 -3.08 -44.20 4.14
C TRP E 115 -4.12 -44.98 4.92
N PHE E 116 -4.39 -46.20 4.44
CA PHE E 116 -5.42 -47.07 5.01
C PHE E 116 -4.78 -48.14 5.88
N ASP E 117 -5.30 -48.30 7.10
CA ASP E 117 -4.79 -49.33 8.01
C ASP E 117 -5.87 -50.30 8.48
N VAL E 118 -7.04 -49.80 8.89
CA VAL E 118 -8.06 -50.62 9.53
C VAL E 118 -9.37 -50.48 8.76
N TRP E 119 -9.99 -51.61 8.44
CA TRP E 119 -11.26 -51.61 7.71
C TRP E 119 -12.32 -52.41 8.48
N GLY E 120 -13.44 -52.68 7.83
CA GLY E 120 -14.51 -53.46 8.42
C GLY E 120 -14.75 -54.75 7.66
N PRO E 121 -15.50 -55.68 8.27
CA PRO E 121 -15.70 -57.00 7.64
C PRO E 121 -16.31 -56.93 6.24
N GLY E 122 -17.25 -56.03 6.03
CA GLY E 122 -17.81 -55.84 4.70
C GLY E 122 -19.10 -56.61 4.49
N VAL E 123 -20.02 -56.01 3.75
CA VAL E 123 -21.30 -56.61 3.40
C VAL E 123 -21.55 -56.42 1.91
N LEU E 124 -22.50 -57.19 1.39
CA LEU E 124 -22.77 -57.25 -0.04
C LEU E 124 -24.14 -56.67 -0.35
N VAL E 125 -24.20 -55.87 -1.41
CA VAL E 125 -25.43 -55.24 -1.89
C VAL E 125 -25.72 -55.74 -3.29
N THR E 126 -26.92 -56.26 -3.51
CA THR E 126 -27.30 -56.87 -4.78
C THR E 126 -28.39 -56.04 -5.45
N VAL E 127 -28.17 -55.71 -6.72
CA VAL E 127 -29.16 -54.96 -7.49
C VAL E 127 -29.98 -55.91 -8.35
N ILE F 1 -3.11 28.40 24.32
CA ILE F 1 -3.11 27.20 25.16
C ILE F 1 -1.76 26.50 25.07
N LEU F 2 -1.11 26.56 23.92
CA LEU F 2 0.25 26.05 23.75
C LEU F 2 1.26 27.16 23.97
N HIS F 3 2.46 26.78 24.42
CA HIS F 3 3.53 27.72 24.73
C HIS F 3 4.55 27.70 23.59
N TYR F 4 4.32 28.54 22.58
CA TYR F 4 5.12 28.48 21.35
C TYR F 4 6.54 28.98 21.56
N GLU F 5 6.73 29.99 22.40
CA GLU F 5 8.08 30.51 22.60
C GLU F 5 9.00 29.48 23.24
N LYS F 6 8.50 28.76 24.26
CA LYS F 6 9.29 27.72 24.87
C LYS F 6 9.53 26.55 23.92
N LEU F 7 8.53 26.24 23.08
CA LEU F 7 8.67 25.10 22.18
C LEU F 7 9.66 25.40 21.05
N SER F 8 9.76 26.65 20.61
CA SER F 8 10.67 26.97 19.51
C SER F 8 12.13 26.74 19.90
N LYS F 9 12.44 26.81 21.20
CA LYS F 9 13.81 26.62 21.67
C LYS F 9 14.23 25.15 21.72
N ILE F 10 13.30 24.21 21.58
CA ILE F 10 13.68 22.81 21.43
C ILE F 10 13.35 22.35 20.02
N GLY F 11 13.40 23.28 19.07
CA GLY F 11 13.31 22.95 17.67
C GLY F 11 11.94 22.64 17.14
N LEU F 12 10.87 23.10 17.80
CA LEU F 12 9.50 22.89 17.34
C LEU F 12 8.90 24.25 16.98
N VAL F 13 8.96 24.61 15.70
CA VAL F 13 8.60 25.94 15.22
C VAL F 13 7.12 25.94 14.80
N LYS F 14 6.46 27.07 15.02
CA LYS F 14 5.03 27.18 14.75
C LYS F 14 4.75 27.20 13.25
N GLY F 15 3.82 26.37 12.81
CA GLY F 15 3.41 26.28 11.42
C GLY F 15 2.05 26.89 11.17
N VAL F 16 1.31 26.27 10.26
CA VAL F 16 -0.01 26.75 9.80
C VAL F 16 -1.10 26.19 10.71
N THR F 17 -2.13 26.99 10.96
CA THR F 17 -3.33 26.57 11.66
C THR F 17 -4.43 26.24 10.65
N ARG F 18 -5.21 25.18 10.92
CA ARG F 18 -6.22 24.71 9.98
C ARG F 18 -7.54 24.43 10.69
N LYS F 19 -8.63 24.56 9.94
CA LYS F 19 -9.98 24.25 10.40
C LYS F 19 -10.25 22.74 10.35
N TYR F 20 -11.35 22.33 10.98
CA TYR F 20 -11.71 20.92 11.15
C TYR F 20 -13.11 20.69 10.60
N LYS F 21 -13.24 19.78 9.63
CA LYS F 21 -14.51 19.53 8.95
C LYS F 21 -14.79 18.04 8.81
N ILE F 22 -16.07 17.67 8.97
CA ILE F 22 -16.50 16.27 8.92
C ILE F 22 -17.74 16.14 8.04
N LYS F 23 -17.85 15.01 7.34
CA LYS F 23 -18.99 14.77 6.44
C LYS F 23 -20.28 14.53 7.23
N SER F 24 -21.41 14.87 6.60
CA SER F 24 -22.73 14.69 7.23
C SER F 24 -23.84 14.86 6.18
N ASN F 25 -25.06 14.49 6.57
CA ASN F 25 -26.33 14.70 5.87
C ASN F 25 -26.29 14.29 4.40
N PRO F 26 -26.19 13.01 4.07
CA PRO F 26 -26.05 12.61 2.66
C PRO F 26 -27.35 12.70 1.88
N LEU F 27 -27.21 12.93 0.57
CA LEU F 27 -28.31 12.85 -0.39
C LEU F 27 -28.11 11.60 -1.25
N THR F 28 -29.19 10.86 -1.48
CA THR F 28 -29.09 9.53 -2.06
C THR F 28 -29.67 9.49 -3.48
N LYS F 29 -29.03 8.70 -4.34
CA LYS F 29 -29.52 8.47 -5.70
C LYS F 29 -29.23 7.03 -6.14
N ASP F 30 -30.06 6.49 -7.02
CA ASP F 30 -29.92 5.11 -7.45
C ASP F 30 -29.44 5.03 -8.90
N ILE F 31 -28.69 3.96 -9.20
CA ILE F 31 -28.16 3.75 -10.54
C ILE F 31 -27.98 2.24 -10.78
N VAL F 32 -28.06 1.85 -12.05
CA VAL F 32 -28.00 0.45 -12.47
C VAL F 32 -26.67 0.19 -13.18
N ILE F 33 -26.00 -0.91 -12.84
CA ILE F 33 -24.79 -1.33 -13.53
C ILE F 33 -24.98 -2.76 -14.04
N LYS F 34 -24.87 -2.93 -15.36
CA LYS F 34 -25.01 -4.23 -16.01
C LYS F 34 -23.63 -4.74 -16.38
N MET F 35 -23.31 -5.96 -15.93
CA MET F 35 -21.96 -6.50 -16.00
C MET F 35 -21.77 -7.47 -17.17
N ILE F 36 -22.50 -7.30 -18.25
CA ILE F 36 -22.35 -8.13 -19.44
C ILE F 36 -22.74 -7.32 -20.67
N PRO F 37 -21.88 -7.25 -21.69
CA PRO F 37 -22.20 -6.46 -22.88
C PRO F 37 -23.21 -7.16 -23.79
N ASN F 38 -23.84 -6.36 -24.64
CA ASN F 38 -24.80 -6.84 -25.62
C ASN F 38 -24.08 -7.17 -26.93
N VAL F 39 -24.24 -8.41 -27.40
CA VAL F 39 -23.50 -8.89 -28.56
C VAL F 39 -24.45 -9.20 -29.71
N SER F 40 -25.57 -8.47 -29.79
CA SER F 40 -26.56 -8.73 -30.83
C SER F 40 -25.98 -8.50 -32.23
N ASN F 41 -25.16 -7.46 -32.41
CA ASN F 41 -24.66 -7.08 -33.72
C ASN F 41 -23.45 -7.87 -34.18
N MET F 42 -22.95 -8.82 -33.37
CA MET F 42 -21.90 -9.73 -33.81
C MET F 42 -22.20 -11.15 -33.36
N SER F 43 -23.49 -11.53 -33.40
CA SER F 43 -23.93 -12.75 -32.75
C SER F 43 -23.29 -13.99 -33.37
N GLN F 44 -22.84 -13.88 -34.62
CA GLN F 44 -22.25 -15.03 -35.30
C GLN F 44 -20.76 -15.20 -35.00
N CYS F 45 -20.17 -14.34 -34.16
CA CYS F 45 -18.75 -14.43 -33.84
C CYS F 45 -18.47 -14.67 -32.36
N THR F 46 -19.39 -15.31 -31.63
CA THR F 46 -19.22 -15.46 -30.20
C THR F 46 -18.83 -16.88 -29.77
N GLY F 47 -19.15 -17.89 -30.56
CA GLY F 47 -18.78 -19.25 -30.20
C GLY F 47 -19.42 -19.67 -28.89
N SER F 48 -18.60 -20.18 -27.98
CA SER F 48 -19.05 -20.64 -26.67
C SER F 48 -18.49 -19.77 -25.53
N VAL F 49 -18.10 -18.53 -25.85
CA VAL F 49 -17.49 -17.65 -24.87
C VAL F 49 -18.51 -17.17 -23.83
N MET F 50 -19.72 -16.83 -24.28
CA MET F 50 -20.68 -16.19 -23.40
C MET F 50 -21.20 -17.15 -22.33
N GLU F 51 -21.42 -18.42 -22.68
CA GLU F 51 -21.92 -19.38 -21.69
C GLU F 51 -20.91 -19.59 -20.58
N ASN F 52 -19.63 -19.77 -20.93
CA ASN F 52 -18.60 -19.92 -19.93
C ASN F 52 -18.48 -18.67 -19.05
N TYR F 53 -18.55 -17.49 -19.69
CA TYR F 53 -18.50 -16.24 -18.93
C TYR F 53 -19.65 -16.15 -17.93
N LYS F 54 -20.85 -16.53 -18.37
CA LYS F 54 -22.01 -16.44 -17.47
C LYS F 54 -21.90 -17.42 -16.32
N THR F 55 -21.38 -18.62 -16.57
CA THR F 55 -21.15 -19.56 -15.47
C THR F 55 -20.20 -18.97 -14.44
N ARG F 56 -19.08 -18.40 -14.90
CA ARG F 56 -18.11 -17.80 -13.97
C ARG F 56 -18.72 -16.63 -13.19
N LEU F 57 -19.44 -15.74 -13.88
CA LEU F 57 -20.03 -14.59 -13.22
C LEU F 57 -21.11 -14.99 -12.22
N ASN F 58 -21.92 -16.00 -12.55
CA ASN F 58 -22.91 -16.50 -11.61
C ASN F 58 -22.24 -17.03 -10.35
N GLY F 59 -21.15 -17.78 -10.53
CA GLY F 59 -20.40 -18.25 -9.36
C GLY F 59 -19.90 -17.11 -8.51
N ILE F 60 -19.50 -16.00 -9.14
CA ILE F 60 -19.05 -14.84 -8.36
C ILE F 60 -20.21 -14.18 -7.62
N LEU F 61 -21.35 -13.99 -8.29
CA LEU F 61 -22.43 -13.16 -7.74
C LEU F 61 -23.36 -13.89 -6.77
N THR F 62 -23.37 -15.22 -6.74
CA THR F 62 -24.32 -15.92 -5.87
C THR F 62 -24.16 -15.61 -4.38
N PRO F 63 -22.95 -15.65 -3.79
CA PRO F 63 -22.86 -15.37 -2.34
C PRO F 63 -23.29 -13.97 -1.95
N ILE F 64 -23.14 -12.97 -2.81
CA ILE F 64 -23.56 -11.61 -2.47
C ILE F 64 -25.08 -11.58 -2.27
N LYS F 65 -25.81 -12.17 -3.21
CA LYS F 65 -27.27 -12.26 -3.07
C LYS F 65 -27.65 -13.05 -1.82
N GLY F 66 -26.94 -14.15 -1.57
CA GLY F 66 -27.20 -14.89 -0.34
C GLY F 66 -27.02 -14.06 0.91
N ALA F 67 -25.98 -13.22 0.93
CA ALA F 67 -25.74 -12.37 2.10
C ALA F 67 -26.81 -11.30 2.25
N LEU F 68 -27.34 -10.79 1.14
CA LEU F 68 -28.41 -9.78 1.23
C LEU F 68 -29.72 -10.41 1.72
N GLU F 69 -30.01 -11.64 1.30
CA GLU F 69 -31.31 -12.22 1.61
C GLU F 69 -31.52 -12.43 3.11
N ILE F 70 -30.43 -12.55 3.87
CA ILE F 70 -30.56 -12.76 5.32
C ILE F 70 -31.28 -11.59 5.95
N TYR F 71 -30.89 -10.37 5.61
CA TYR F 71 -31.58 -9.20 6.14
C TYR F 71 -32.90 -8.95 5.42
N LYS F 72 -32.97 -9.22 4.11
CA LYS F 72 -34.23 -8.95 3.41
C LYS F 72 -35.38 -9.83 3.90
N ASN F 73 -35.10 -11.07 4.31
CA ASN F 73 -36.15 -11.99 4.73
C ASN F 73 -36.64 -11.77 6.16
N ASN F 74 -35.94 -10.97 6.96
CA ASN F 74 -36.22 -10.85 8.39
C ASN F 74 -36.46 -9.41 8.82
N THR F 75 -37.11 -8.63 7.95
CA THR F 75 -37.38 -7.23 8.24
C THR F 75 -38.75 -6.88 7.68
N HIS F 76 -39.57 -6.19 8.48
CA HIS F 76 -40.93 -5.88 8.05
C HIS F 76 -41.46 -4.67 8.81
N ASP F 77 -42.49 -4.05 8.24
CA ASP F 77 -43.09 -2.86 8.82
C ASP F 77 -43.82 -3.19 10.12
N LEU F 78 -43.69 -2.30 11.10
CA LEU F 78 -44.32 -2.50 12.41
C LEU F 78 -45.84 -2.54 12.28
N GLY F 86 -42.32 2.80 12.08
CA GLY F 86 -40.96 2.33 11.89
C GLY F 86 -40.89 0.89 11.41
N VAL F 87 -39.68 0.39 11.22
CA VAL F 87 -39.45 -0.98 10.78
C VAL F 87 -38.78 -1.76 11.90
N ILE F 88 -39.13 -3.04 11.99
CA ILE F 88 -38.67 -3.90 13.08
C ILE F 88 -37.88 -5.06 12.50
N MET F 89 -36.69 -5.30 13.04
CA MET F 89 -35.86 -6.44 12.68
C MET F 89 -36.09 -7.59 13.65
N ALA F 90 -35.85 -8.81 13.17
CA ALA F 90 -35.99 -10.02 13.96
C ALA F 90 -34.62 -10.43 14.48
N GLY F 91 -34.36 -10.14 15.76
CA GLY F 91 -33.02 -10.37 16.31
C GLY F 91 -32.64 -11.84 16.36
N VAL F 92 -33.61 -12.72 16.67
CA VAL F 92 -33.30 -14.14 16.81
C VAL F 92 -32.80 -14.71 15.48
N ALA F 93 -33.45 -14.35 14.38
CA ALA F 93 -33.01 -14.83 13.07
C ALA F 93 -31.65 -14.28 12.69
N ILE F 94 -31.40 -13.00 12.96
CA ILE F 94 -30.12 -12.39 12.62
C ILE F 94 -28.98 -13.03 13.40
N GLY F 95 -29.14 -13.14 14.72
CA GLY F 95 -28.14 -13.78 15.56
C GLY F 95 -27.03 -12.89 16.08
N ILE F 96 -26.09 -12.51 15.22
CA ILE F 96 -24.89 -11.77 15.61
C ILE F 96 -24.67 -10.64 14.62
N ALA F 97 -24.43 -9.43 15.12
CA ALA F 97 -24.23 -8.27 14.25
C ALA F 97 -23.69 -7.10 15.05
N THR F 98 -22.97 -6.22 14.36
CA THR F 98 -22.54 -4.94 14.91
C THR F 98 -23.62 -3.87 14.68
N ALA F 99 -23.45 -2.73 15.34
CA ALA F 99 -24.40 -1.63 15.18
C ALA F 99 -24.42 -1.11 13.75
N ALA F 100 -23.25 -1.00 13.12
CA ALA F 100 -23.15 -0.50 11.76
C ALA F 100 -23.91 -1.41 10.79
N GLN F 101 -23.80 -2.73 10.96
CA GLN F 101 -24.52 -3.67 10.10
C GLN F 101 -26.03 -3.53 10.27
N ILE F 102 -26.50 -3.34 11.50
CA ILE F 102 -27.93 -3.19 11.74
C ILE F 102 -28.46 -1.91 11.09
N THR F 103 -27.74 -0.80 11.23
CA THR F 103 -28.16 0.43 10.58
C THR F 103 -28.17 0.29 9.05
N ALA F 104 -27.15 -0.38 8.50
CA ALA F 104 -27.12 -0.59 7.06
C ALA F 104 -28.28 -1.47 6.60
N GLY F 105 -28.69 -2.44 7.43
CA GLY F 105 -29.86 -3.23 7.11
C GLY F 105 -31.14 -2.41 7.07
N VAL F 106 -31.28 -1.48 8.03
CA VAL F 106 -32.41 -0.55 7.99
C VAL F 106 -32.42 0.22 6.67
N ALA F 107 -31.24 0.71 6.26
CA ALA F 107 -31.15 1.48 5.01
C ALA F 107 -31.54 0.62 3.80
N LEU F 108 -31.09 -0.64 3.78
CA LEU F 108 -31.44 -1.55 2.68
C LEU F 108 -32.95 -1.75 2.58
N TYR F 109 -33.61 -1.95 3.73
CA TYR F 109 -35.05 -2.07 3.73
C TYR F 109 -35.71 -0.80 3.19
N GLU F 110 -35.18 0.37 3.58
CA GLU F 110 -35.73 1.62 3.04
C GLU F 110 -35.60 1.69 1.52
N ALA F 111 -34.51 1.14 0.97
CA ALA F 111 -34.28 1.23 -0.48
C ALA F 111 -35.09 0.22 -1.31
N MET F 112 -35.61 -0.84 -0.68
CA MET F 112 -36.33 -1.87 -1.42
C MET F 112 -37.48 -1.35 -2.29
N LYS F 113 -38.16 -0.27 -1.89
CA LYS F 113 -39.32 0.23 -2.65
C LYS F 113 -38.93 0.74 -4.04
N ASN F 114 -37.96 1.66 -4.08
CA ASN F 114 -37.44 2.11 -5.37
C ASN F 114 -36.76 0.97 -6.12
N ALA F 115 -36.20 -0.01 -5.40
CA ALA F 115 -35.67 -1.18 -6.09
C ALA F 115 -36.76 -1.89 -6.90
N ASP F 116 -37.94 -2.07 -6.30
CA ASP F 116 -39.05 -2.72 -7.02
C ASP F 116 -39.51 -1.87 -8.20
N ASN F 117 -39.63 -0.55 -8.00
CA ASN F 117 -40.03 0.31 -9.11
C ASN F 117 -39.06 0.20 -10.28
N ILE F 118 -37.76 0.15 -10.00
CA ILE F 118 -36.79 0.02 -11.09
C ILE F 118 -36.85 -1.36 -11.72
N ASN F 119 -37.03 -2.40 -10.91
CA ASN F 119 -37.09 -3.77 -11.40
C ASN F 119 -38.30 -4.03 -12.30
N LYS F 120 -39.29 -3.13 -12.29
CA LYS F 120 -40.38 -3.28 -13.26
C LYS F 120 -39.91 -3.11 -14.71
N LEU F 121 -38.68 -2.62 -14.95
CA LEU F 121 -38.18 -2.36 -16.30
C LEU F 121 -37.07 -3.33 -16.71
N LYS F 122 -37.23 -4.62 -16.36
CA LYS F 122 -36.17 -5.59 -16.59
C LYS F 122 -35.90 -5.79 -18.08
N SER F 123 -36.96 -5.89 -18.90
CA SER F 123 -36.77 -6.12 -20.33
C SER F 123 -36.16 -4.90 -21.01
N SER F 124 -36.47 -3.70 -20.53
CA SER F 124 -35.82 -2.50 -21.05
C SER F 124 -34.34 -2.45 -20.65
N ILE F 125 -34.03 -2.91 -19.45
CA ILE F 125 -32.63 -2.97 -19.03
C ILE F 125 -31.83 -3.93 -19.92
N GLU F 126 -32.41 -5.10 -20.22
CA GLU F 126 -31.67 -6.10 -20.98
C GLU F 126 -31.38 -5.67 -22.42
N SER F 127 -32.06 -4.65 -22.95
CA SER F 127 -31.91 -4.28 -24.35
C SER F 127 -30.95 -3.13 -24.60
N THR F 128 -30.36 -2.53 -23.57
CA THR F 128 -29.48 -1.38 -23.79
C THR F 128 -28.30 -1.76 -24.67
N ASN F 129 -27.93 -0.87 -25.58
N ASN F 129 -27.93 -0.87 -25.58
CA ASN F 129 -26.85 -1.13 -26.53
CA ASN F 129 -26.86 -1.11 -26.53
C ASN F 129 -25.79 -0.03 -26.52
C ASN F 129 -25.78 -0.05 -26.50
N GLU F 130 -25.80 0.85 -25.52
CA GLU F 130 -24.79 1.88 -25.38
C GLU F 130 -24.16 1.80 -24.00
N ALA F 131 -23.07 2.53 -23.81
CA ALA F 131 -22.39 2.54 -22.53
C ALA F 131 -23.19 3.28 -21.47
N VAL F 132 -23.86 4.38 -21.84
CA VAL F 132 -24.66 5.20 -20.94
C VAL F 132 -26.04 5.39 -21.56
N VAL F 133 -27.09 4.93 -20.87
CA VAL F 133 -28.45 5.04 -21.37
C VAL F 133 -29.37 5.56 -20.27
N LYS F 134 -30.30 6.43 -20.65
CA LYS F 134 -31.34 6.94 -19.75
C LYS F 134 -32.66 6.23 -20.01
N LEU F 135 -33.38 5.89 -18.94
CA LEU F 135 -34.70 5.28 -19.05
C LEU F 135 -35.67 6.01 -18.15
N GLN F 136 -36.94 5.98 -18.53
CA GLN F 136 -38.00 6.73 -17.83
C GLN F 136 -38.67 5.82 -16.82
N GLU F 137 -38.20 5.90 -15.57
CA GLU F 137 -38.81 5.12 -14.49
C GLU F 137 -40.25 5.57 -14.25
N THR F 138 -40.47 6.88 -14.21
CA THR F 138 -41.79 7.45 -14.03
C THR F 138 -41.82 8.72 -14.86
N ALA F 139 -43.02 9.32 -14.99
CA ALA F 139 -43.14 10.55 -15.76
C ALA F 139 -42.27 11.66 -15.19
N GLU F 140 -41.93 11.59 -13.90
CA GLU F 140 -41.09 12.58 -13.25
C GLU F 140 -39.69 12.09 -12.91
N LYS F 141 -39.48 10.78 -12.81
CA LYS F 141 -38.21 10.22 -12.37
C LYS F 141 -37.58 9.35 -13.45
N THR F 142 -36.26 9.42 -13.56
CA THR F 142 -35.48 8.66 -14.54
C THR F 142 -34.45 7.79 -13.82
N VAL F 143 -33.96 6.77 -14.53
CA VAL F 143 -32.90 5.90 -14.03
C VAL F 143 -31.88 5.65 -15.14
N TYR F 144 -30.60 5.67 -14.77
CA TYR F 144 -29.50 5.52 -15.71
C TYR F 144 -28.90 4.12 -15.66
N VAL F 145 -28.46 3.64 -16.83
CA VAL F 145 -27.84 2.32 -16.97
C VAL F 145 -26.45 2.50 -17.57
N LEU F 146 -25.45 1.93 -16.89
CA LEU F 146 -24.07 1.87 -17.35
C LEU F 146 -23.70 0.42 -17.65
N THR F 147 -23.16 0.17 -18.85
CA THR F 147 -22.88 -1.19 -19.29
C THR F 147 -21.37 -1.39 -19.51
N ALA F 148 -20.81 -2.41 -18.85
CA ALA F 148 -19.38 -2.65 -18.93
C ALA F 148 -18.98 -3.21 -20.30
N LEU F 149 -17.85 -2.73 -20.81
CA LEU F 149 -17.19 -3.18 -22.03
C LEU F 149 -17.98 -2.86 -23.31
N GLN F 150 -19.08 -2.13 -23.20
CA GLN F 150 -19.89 -1.84 -24.39
C GLN F 150 -19.15 -0.93 -25.37
N ASP F 151 -18.35 0.02 -24.87
CA ASP F 151 -17.61 0.90 -25.75
C ASP F 151 -16.59 0.14 -26.58
N TYR F 152 -15.91 -0.83 -25.98
CA TYR F 152 -14.97 -1.68 -26.73
C TYR F 152 -15.68 -2.49 -27.80
N ILE F 153 -16.87 -3.01 -27.50
CA ILE F 153 -17.63 -3.76 -28.49
C ILE F 153 -18.04 -2.85 -29.64
N ASN F 154 -18.60 -1.68 -29.33
CA ASN F 154 -19.16 -0.81 -30.36
C ASN F 154 -18.08 -0.15 -31.22
N THR F 155 -16.92 0.14 -30.64
CA THR F 155 -15.92 0.96 -31.34
C THR F 155 -14.81 0.14 -32.00
N ASN F 156 -14.50 -1.06 -31.50
CA ASN F 156 -13.36 -1.83 -32.00
C ASN F 156 -13.79 -3.10 -32.73
N LEU F 157 -14.56 -3.97 -32.08
CA LEU F 157 -14.85 -5.27 -32.65
C LEU F 157 -15.87 -5.19 -33.79
N VAL F 158 -16.94 -4.42 -33.61
CA VAL F 158 -17.96 -4.33 -34.65
C VAL F 158 -17.41 -3.71 -35.94
N PRO F 159 -16.67 -2.60 -35.92
CA PRO F 159 -16.23 -1.99 -37.18
C PRO F 159 -15.20 -2.80 -37.97
N THR F 160 -14.63 -3.86 -37.41
CA THR F 160 -13.60 -4.64 -38.09
C THR F 160 -14.06 -6.07 -38.41
N ILE F 161 -15.35 -6.28 -38.62
CA ILE F 161 -15.88 -7.64 -38.74
C ILE F 161 -15.30 -8.35 -39.96
N ASP F 162 -15.27 -7.67 -41.11
CA ASP F 162 -14.80 -8.34 -42.33
C ASP F 162 -13.29 -8.26 -42.49
N LYS F 163 -12.63 -7.35 -41.77
CA LYS F 163 -11.18 -7.20 -41.91
C LYS F 163 -10.46 -8.42 -41.33
N ILE F 164 -11.01 -9.05 -40.31
CA ILE F 164 -10.41 -10.22 -39.70
C ILE F 164 -11.41 -11.37 -39.72
N SER F 165 -10.93 -12.56 -39.37
CA SER F 165 -11.74 -13.77 -39.39
C SER F 165 -12.52 -13.93 -38.08
N CYS F 166 -13.57 -14.75 -38.14
CA CYS F 166 -14.48 -14.91 -37.00
C CYS F 166 -13.75 -15.42 -35.76
N LYS F 167 -12.84 -16.38 -35.94
CA LYS F 167 -12.09 -16.92 -34.83
C LYS F 167 -11.30 -15.83 -34.12
N GLN F 168 -10.70 -14.91 -34.89
CA GLN F 168 -9.93 -13.82 -34.30
C GLN F 168 -10.80 -12.90 -33.46
N THR F 169 -11.98 -12.54 -33.97
CA THR F 169 -12.91 -11.72 -33.21
C THR F 169 -13.30 -12.41 -31.91
N GLU F 170 -13.60 -13.71 -31.98
CA GLU F 170 -13.96 -14.47 -30.79
C GLU F 170 -12.83 -14.47 -29.76
N LEU F 171 -11.59 -14.68 -30.22
CA LEU F 171 -10.45 -14.70 -29.30
C LEU F 171 -10.25 -13.34 -28.63
N SER F 172 -10.37 -12.24 -29.39
CA SER F 172 -10.26 -10.92 -28.78
C SER F 172 -11.34 -10.70 -27.72
N LEU F 173 -12.58 -11.10 -28.02
CA LEU F 173 -13.64 -10.93 -27.02
C LEU F 173 -13.36 -11.73 -25.75
N ASP F 174 -12.88 -12.97 -25.92
CA ASP F 174 -12.53 -13.80 -24.77
C ASP F 174 -11.46 -13.15 -23.91
N LEU F 175 -10.41 -12.61 -24.55
CA LEU F 175 -9.34 -11.94 -23.82
C LEU F 175 -9.86 -10.71 -23.07
N ALA F 176 -10.72 -9.92 -23.71
CA ALA F 176 -11.24 -8.71 -23.06
C ALA F 176 -12.05 -9.07 -21.83
N LEU F 177 -12.94 -10.08 -21.93
CA LEU F 177 -13.74 -10.47 -20.78
C LEU F 177 -12.86 -11.01 -19.65
N SER F 178 -11.84 -11.80 -19.98
CA SER F 178 -10.96 -12.33 -18.94
C SER F 178 -10.19 -11.22 -18.22
N LYS F 179 -9.71 -10.22 -18.96
CA LYS F 179 -9.06 -9.08 -18.32
C LYS F 179 -10.02 -8.33 -17.40
N TYR F 180 -11.27 -8.14 -17.84
CA TYR F 180 -12.25 -7.47 -17.00
C TYR F 180 -12.48 -8.22 -15.69
N LEU F 181 -12.58 -9.55 -15.77
CA LEU F 181 -12.73 -10.34 -14.54
C LEU F 181 -11.50 -10.25 -13.65
N SER F 182 -10.30 -10.25 -14.26
CA SER F 182 -9.07 -10.12 -13.48
C SER F 182 -9.04 -8.81 -12.70
N ASP F 183 -9.56 -7.74 -13.29
CA ASP F 183 -9.62 -6.47 -12.56
C ASP F 183 -10.75 -6.46 -11.53
N LEU F 184 -11.84 -7.18 -11.78
CA LEU F 184 -13.01 -7.13 -10.88
C LEU F 184 -12.80 -7.94 -9.60
N LEU F 185 -12.03 -9.03 -9.67
CA LEU F 185 -12.01 -10.00 -8.59
C LEU F 185 -11.52 -9.45 -7.25
N PHE F 186 -10.62 -8.47 -7.24
CA PHE F 186 -10.12 -7.96 -5.97
C PHE F 186 -11.22 -7.30 -5.15
N VAL F 187 -12.11 -6.57 -5.81
CA VAL F 187 -13.17 -5.86 -5.10
C VAL F 187 -14.39 -6.75 -4.87
N PHE F 188 -14.83 -7.50 -5.88
CA PHE F 188 -16.11 -8.20 -5.76
C PHE F 188 -15.97 -9.69 -5.47
N GLY F 189 -14.77 -10.16 -5.14
CA GLY F 189 -14.56 -11.57 -4.88
C GLY F 189 -14.78 -11.96 -3.44
N PRO F 190 -14.07 -13.01 -2.99
CA PRO F 190 -14.22 -13.47 -1.60
C PRO F 190 -13.83 -12.44 -0.56
N ASN F 191 -13.11 -11.38 -0.92
CA ASN F 191 -12.79 -10.32 0.03
C ASN F 191 -14.04 -9.63 0.54
N LEU F 192 -15.13 -9.66 -0.22
CA LEU F 192 -16.39 -8.98 0.14
C LEU F 192 -17.26 -9.96 0.94
N GLN F 193 -17.00 -10.06 2.23
CA GLN F 193 -17.78 -10.95 3.08
C GLN F 193 -18.97 -10.27 3.74
N ASP F 194 -19.01 -8.93 3.75
CA ASP F 194 -20.10 -8.18 4.37
C ASP F 194 -20.59 -7.10 3.41
N PRO F 195 -21.48 -7.45 2.48
CA PRO F 195 -22.01 -6.45 1.55
C PRO F 195 -23.11 -5.56 2.12
N VAL F 196 -23.61 -5.83 3.32
CA VAL F 196 -24.74 -5.06 3.84
C VAL F 196 -24.34 -3.63 4.15
N SER F 197 -23.08 -3.40 4.53
CA SER F 197 -22.62 -2.08 4.97
C SER F 197 -22.76 -1.02 3.87
N ASN F 198 -22.52 0.24 4.26
CA ASN F 198 -22.48 1.36 3.34
C ASN F 198 -21.22 2.18 3.52
N SER F 199 -20.08 1.54 3.74
CA SER F 199 -18.82 2.24 3.96
C SER F 199 -17.83 2.11 2.80
N MET F 200 -18.22 1.47 1.70
CA MET F 200 -17.28 1.25 0.61
C MET F 200 -17.31 2.42 -0.37
N THR F 201 -16.13 2.88 -0.79
CA THR F 201 -16.04 4.11 -1.58
C THR F 201 -16.55 3.90 -3.00
N ILE F 202 -16.97 5.01 -3.61
CA ILE F 202 -17.47 4.98 -4.98
C ILE F 202 -16.35 4.62 -5.95
N GLN F 203 -15.10 4.98 -5.64
CA GLN F 203 -13.98 4.60 -6.49
C GLN F 203 -13.84 3.08 -6.57
N ALA F 204 -13.96 2.40 -5.43
CA ALA F 204 -13.90 0.94 -5.42
C ALA F 204 -15.11 0.33 -6.14
N ILE F 205 -16.30 0.91 -5.95
CA ILE F 205 -17.50 0.40 -6.60
C ILE F 205 -17.38 0.48 -8.11
N SER F 206 -16.76 1.56 -8.61
CA SER F 206 -16.71 1.78 -10.06
C SER F 206 -15.79 0.81 -10.80
N GLN F 207 -15.15 -0.14 -10.11
CA GLN F 207 -14.40 -1.18 -10.81
C GLN F 207 -15.31 -2.06 -11.66
N ALA F 208 -16.60 -2.15 -11.34
CA ALA F 208 -17.56 -2.85 -12.18
C ALA F 208 -17.85 -2.11 -13.48
N PHE F 209 -17.39 -0.85 -13.62
CA PHE F 209 -17.50 -0.07 -14.85
C PHE F 209 -16.12 0.35 -15.35
N GLY F 210 -15.11 -0.48 -15.10
CA GLY F 210 -13.77 -0.19 -15.57
C GLY F 210 -13.02 0.89 -14.82
N GLY F 211 -13.51 1.30 -13.65
CA GLY F 211 -12.83 2.32 -12.87
C GLY F 211 -13.09 3.75 -13.29
N ASN F 212 -14.16 4.01 -14.04
CA ASN F 212 -14.49 5.36 -14.50
C ASN F 212 -15.58 5.95 -13.61
N TYR F 213 -15.17 6.36 -12.40
CA TYR F 213 -16.12 6.97 -11.47
C TYR F 213 -16.53 8.38 -11.87
N GLU F 214 -15.70 9.07 -12.65
CA GLU F 214 -16.04 10.43 -13.09
C GLU F 214 -17.30 10.44 -13.94
N THR F 215 -17.41 9.49 -14.87
CA THR F 215 -18.61 9.41 -15.71
C THR F 215 -19.85 9.11 -14.87
N LEU F 216 -19.72 8.20 -13.91
CA LEU F 216 -20.84 7.87 -13.04
C LEU F 216 -21.34 9.10 -12.29
N LEU F 217 -20.43 9.82 -11.64
CA LEU F 217 -20.84 10.99 -10.86
C LEU F 217 -21.37 12.10 -11.75
N ARG F 218 -20.81 12.28 -12.95
CA ARG F 218 -21.32 13.32 -13.85
C ARG F 218 -22.73 12.99 -14.32
N THR F 219 -23.00 11.73 -14.68
CA THR F 219 -24.35 11.37 -15.12
C THR F 219 -25.36 11.53 -13.98
N LEU F 220 -24.97 11.18 -12.75
CA LEU F 220 -25.92 11.34 -11.65
C LEU F 220 -26.31 12.80 -11.42
N GLY F 221 -25.45 13.75 -11.80
CA GLY F 221 -25.81 15.14 -11.78
C GLY F 221 -25.41 15.91 -10.54
N TYR F 222 -24.54 15.36 -9.69
CA TYR F 222 -24.10 16.06 -8.49
C TYR F 222 -23.26 17.28 -8.86
N ALA F 223 -23.43 18.35 -8.10
CA ALA F 223 -22.67 19.57 -8.33
C ALA F 223 -22.51 20.34 -7.03
N THR F 224 -21.29 20.80 -6.77
CA THR F 224 -20.96 21.55 -5.55
C THR F 224 -19.54 22.08 -5.67
N GLU F 225 -19.21 23.03 -4.79
CA GLU F 225 -17.87 23.58 -4.74
C GLU F 225 -16.88 22.70 -3.98
N ASP F 226 -17.37 21.82 -3.12
CA ASP F 226 -16.52 20.93 -2.33
C ASP F 226 -16.39 19.55 -2.95
N PHE F 227 -16.61 19.44 -4.26
CA PHE F 227 -16.70 18.13 -4.92
C PHE F 227 -15.40 17.34 -4.81
N ASP F 228 -14.28 17.95 -5.21
CA ASP F 228 -13.02 17.21 -5.21
C ASP F 228 -12.54 16.93 -3.78
N ASP F 229 -12.81 17.84 -2.85
CA ASP F 229 -12.48 17.60 -1.45
C ASP F 229 -13.26 16.40 -0.90
N LEU F 230 -14.54 16.29 -1.27
CA LEU F 230 -15.33 15.13 -0.85
C LEU F 230 -14.81 13.84 -1.51
N LEU F 231 -14.42 13.91 -2.78
CA LEU F 231 -13.86 12.73 -3.44
C LEU F 231 -12.59 12.24 -2.75
N GLU F 232 -11.63 13.14 -2.55
CA GLU F 232 -10.32 12.72 -2.07
C GLU F 232 -10.26 12.43 -0.57
N SER F 233 -11.30 12.73 0.18
CA SER F 233 -11.37 12.35 1.59
C SER F 233 -12.08 11.01 1.78
N ASP F 234 -12.40 10.31 0.70
CA ASP F 234 -13.11 9.03 0.75
C ASP F 234 -14.45 9.16 1.48
N SER F 235 -15.21 10.20 1.13
CA SER F 235 -16.48 10.50 1.76
C SER F 235 -17.70 10.14 0.92
N ILE F 236 -17.52 9.74 -0.33
CA ILE F 236 -18.63 9.38 -1.22
C ILE F 236 -18.67 7.86 -1.31
N THR F 237 -19.74 7.25 -0.80
CA THR F 237 -19.86 5.80 -0.69
C THR F 237 -21.09 5.31 -1.42
N GLY F 238 -21.17 3.98 -1.57
CA GLY F 238 -22.31 3.34 -2.21
C GLY F 238 -22.62 2.01 -1.57
N GLN F 239 -23.85 1.55 -1.78
CA GLN F 239 -24.36 0.32 -1.19
C GLN F 239 -25.10 -0.49 -2.24
N ILE F 240 -24.83 -1.80 -2.29
CA ILE F 240 -25.52 -2.70 -3.21
C ILE F 240 -26.88 -3.04 -2.63
N ILE F 241 -27.93 -2.83 -3.43
CA ILE F 241 -29.30 -3.02 -2.97
C ILE F 241 -30.01 -4.20 -3.61
N TYR F 242 -29.62 -4.61 -4.82
CA TYR F 242 -30.28 -5.71 -5.50
C TYR F 242 -29.36 -6.33 -6.54
N VAL F 243 -29.42 -7.65 -6.65
CA VAL F 243 -28.63 -8.45 -7.58
C VAL F 243 -29.57 -9.31 -8.42
N ASP F 244 -29.45 -9.23 -9.74
CA ASP F 244 -30.25 -10.02 -10.66
C ASP F 244 -29.33 -11.00 -11.39
N LEU F 245 -29.57 -12.30 -11.18
CA LEU F 245 -28.71 -13.39 -11.63
C LEU F 245 -29.14 -13.99 -12.96
N SER F 246 -30.30 -13.63 -13.49
CA SER F 246 -30.68 -14.09 -14.83
C SER F 246 -30.36 -13.07 -15.90
N SER F 247 -30.38 -11.78 -15.56
CA SER F 247 -29.94 -10.72 -16.45
C SER F 247 -28.57 -10.17 -16.08
N TYR F 248 -28.04 -10.56 -14.92
CA TYR F 248 -26.69 -10.19 -14.48
C TYR F 248 -26.52 -8.68 -14.39
N TYR F 249 -27.27 -8.07 -13.47
CA TYR F 249 -27.06 -6.64 -13.20
C TYR F 249 -27.24 -6.37 -11.70
N ILE F 250 -26.72 -5.22 -11.27
CA ILE F 250 -26.86 -4.81 -9.87
C ILE F 250 -27.40 -3.38 -9.81
N ILE F 251 -28.01 -3.06 -8.66
CA ILE F 251 -28.52 -1.73 -8.37
C ILE F 251 -27.73 -1.15 -7.20
N VAL F 252 -27.22 0.07 -7.36
CA VAL F 252 -26.35 0.71 -6.39
C VAL F 252 -26.97 2.05 -5.97
N ARG F 253 -26.99 2.30 -4.66
CA ARG F 253 -27.41 3.58 -4.11
C ARG F 253 -26.19 4.37 -3.66
N VAL F 254 -26.08 5.60 -4.14
CA VAL F 254 -24.95 6.49 -3.91
C VAL F 254 -25.33 7.53 -2.87
N TYR F 255 -24.45 7.72 -1.88
CA TYR F 255 -24.61 8.68 -0.80
C TYR F 255 -23.64 9.84 -1.00
N PHE F 256 -24.19 11.06 -1.09
CA PHE F 256 -23.42 12.27 -1.42
C PHE F 256 -23.59 13.29 -0.30
N PRO F 257 -22.63 13.43 0.61
CA PRO F 257 -22.82 14.29 1.79
C PRO F 257 -22.36 15.74 1.61
N ILE F 258 -22.55 16.53 2.67
CA ILE F 258 -21.97 17.87 2.78
C ILE F 258 -20.91 17.85 3.89
N LEU F 259 -20.20 18.97 4.02
CA LEU F 259 -19.16 19.12 5.04
C LEU F 259 -19.62 20.09 6.11
N THR F 260 -19.49 19.67 7.37
CA THR F 260 -19.83 20.48 8.53
C THR F 260 -18.55 20.88 9.26
N GLU F 261 -18.43 22.18 9.56
CA GLU F 261 -17.29 22.71 10.29
C GLU F 261 -17.55 22.66 11.79
N ILE F 262 -16.60 22.14 12.54
CA ILE F 262 -16.71 22.08 13.99
C ILE F 262 -16.30 23.42 14.58
N GLN F 263 -17.16 23.99 15.44
CA GLN F 263 -17.15 25.43 15.68
C GLN F 263 -15.87 25.91 16.38
N GLN F 264 -15.51 25.29 17.50
CA GLN F 264 -14.40 25.83 18.28
C GLN F 264 -13.21 24.89 18.29
N ALA F 265 -12.85 24.39 17.10
CA ALA F 265 -11.80 23.39 16.97
C ALA F 265 -10.78 23.86 15.94
N TYR F 266 -9.54 23.42 16.11
CA TYR F 266 -8.53 23.63 15.07
C TYR F 266 -7.39 22.63 15.23
N ILE F 267 -6.64 22.46 14.14
CA ILE F 267 -5.47 21.59 14.10
C ILE F 267 -4.23 22.44 13.85
N GLN F 268 -3.23 22.27 14.71
CA GLN F 268 -2.01 23.06 14.68
C GLN F 268 -0.82 22.18 14.32
N GLU F 269 0.01 22.64 13.39
CA GLU F 269 1.17 21.92 12.89
C GLU F 269 2.46 22.49 13.48
N LEU F 270 3.43 21.60 13.72
CA LEU F 270 4.74 21.95 14.23
C LEU F 270 5.82 21.52 13.23
N LEU F 271 6.81 22.39 13.02
CA LEU F 271 7.92 22.11 12.10
C LEU F 271 9.17 21.76 12.89
N PRO F 272 9.75 20.57 12.71
CA PRO F 272 10.90 20.17 13.52
C PRO F 272 12.25 20.61 12.96
N VAL F 273 13.10 21.06 13.87
CA VAL F 273 14.44 21.56 13.55
C VAL F 273 15.43 21.00 14.58
N SER F 274 16.62 20.62 14.13
CA SER F 274 17.62 20.09 15.05
C SER F 274 18.23 21.20 15.90
N PHE F 275 18.76 20.82 17.06
CA PHE F 275 19.35 21.78 17.98
C PHE F 275 20.58 21.16 18.65
N ASN F 276 21.34 22.00 19.33
CA ASN F 276 22.64 21.65 19.90
C ASN F 276 22.57 21.53 21.41
N ASN F 277 23.19 20.48 21.94
CA ASN F 277 23.33 20.32 23.40
C ASN F 277 24.47 19.35 23.69
N ASP F 278 25.48 19.82 24.44
CA ASP F 278 26.59 19.01 24.90
C ASP F 278 27.40 18.42 23.74
N ASN F 279 27.74 19.29 22.78
CA ASN F 279 28.54 18.91 21.63
C ASN F 279 27.90 17.77 20.84
N SER F 280 26.59 17.82 20.66
CA SER F 280 25.89 16.84 19.85
C SER F 280 24.59 17.45 19.35
N GLU F 281 23.98 16.76 18.40
CA GLU F 281 22.78 17.22 17.71
C GLU F 281 21.60 16.33 18.10
N TRP F 282 20.44 16.95 18.31
CA TRP F 282 19.28 16.24 18.84
C TRP F 282 18.01 16.69 18.11
N ILE F 283 16.97 15.85 18.21
CA ILE F 283 15.66 16.16 17.66
C ILE F 283 14.60 15.76 18.68
N SER F 284 13.50 16.52 18.74
CA SER F 284 12.46 16.27 19.73
C SER F 284 11.43 15.27 19.22
N ILE F 285 11.00 14.37 20.09
CA ILE F 285 10.06 13.30 19.75
C ILE F 285 8.69 13.73 20.26
N VAL F 286 7.96 14.46 19.42
CA VAL F 286 6.67 15.06 19.78
C VAL F 286 5.77 15.01 18.55
N PRO F 287 4.47 14.73 18.69
CA PRO F 287 3.59 14.70 17.51
C PRO F 287 3.54 16.05 16.80
N ASN F 288 3.40 15.98 15.47
CA ASN F 288 3.47 17.16 14.62
C ASN F 288 2.12 17.86 14.46
N PHE F 289 1.00 17.15 14.57
CA PHE F 289 -0.32 17.74 14.45
C PHE F 289 -1.06 17.58 15.77
N ILE F 290 -1.64 18.66 16.28
CA ILE F 290 -2.34 18.66 17.57
C ILE F 290 -3.74 19.21 17.38
N LEU F 291 -4.74 18.50 17.90
CA LEU F 291 -6.13 18.93 17.81
C LEU F 291 -6.54 19.63 19.09
N VAL F 292 -7.16 20.79 18.96
CA VAL F 292 -7.70 21.54 20.09
C VAL F 292 -9.19 21.73 19.88
N ARG F 293 -9.99 21.31 20.86
CA ARG F 293 -11.44 21.45 20.83
C ARG F 293 -11.90 21.99 22.18
N ASN F 294 -12.41 23.22 22.19
CA ASN F 294 -12.90 23.86 23.41
C ASN F 294 -11.84 23.82 24.52
N THR F 295 -10.61 24.19 24.15
CA THR F 295 -9.46 24.21 25.04
C THR F 295 -9.10 22.82 25.57
N LEU F 296 -9.47 21.76 24.88
CA LEU F 296 -9.05 20.41 25.22
C LEU F 296 -8.11 19.89 24.13
N ILE F 297 -6.96 19.38 24.56
CA ILE F 297 -5.86 19.00 23.66
C ILE F 297 -5.89 17.50 23.45
N SER F 298 -5.73 17.06 22.20
CA SER F 298 -5.63 15.63 21.94
C SER F 298 -4.83 15.39 20.67
N ASN F 299 -4.50 14.11 20.46
CA ASN F 299 -3.90 13.60 19.24
C ASN F 299 -4.97 13.41 18.17
N ILE F 300 -4.53 13.17 16.94
CA ILE F 300 -5.42 12.93 15.82
C ILE F 300 -4.71 12.00 14.83
N GLU F 301 -5.44 11.01 14.34
CA GLU F 301 -4.91 10.05 13.37
C GLU F 301 -5.06 10.65 11.98
N ILE F 302 -4.19 11.62 11.68
CA ILE F 302 -4.35 12.46 10.49
C ILE F 302 -4.02 11.73 9.19
N GLY F 303 -3.39 10.56 9.26
CA GLY F 303 -3.09 9.80 8.06
C GLY F 303 -4.32 9.33 7.30
N PHE F 304 -5.48 9.28 7.96
CA PHE F 304 -6.72 8.90 7.32
C PHE F 304 -7.50 10.07 6.73
N CYS F 305 -7.04 11.30 6.92
CA CYS F 305 -7.75 12.49 6.49
C CYS F 305 -7.06 13.13 5.30
N LEU F 306 -7.72 14.12 4.71
CA LEU F 306 -7.17 14.92 3.63
C LEU F 306 -6.71 16.27 4.19
N ILE F 307 -5.46 16.62 3.91
CA ILE F 307 -4.87 17.87 4.39
C ILE F 307 -4.81 18.84 3.22
N THR F 308 -5.49 19.97 3.34
CA THR F 308 -5.42 21.06 2.39
C THR F 308 -4.74 22.26 3.05
N LYS F 309 -4.70 23.37 2.33
CA LYS F 309 -3.98 24.54 2.84
C LYS F 309 -4.74 25.23 3.96
N ARG F 310 -6.07 25.14 3.96
CA ARG F 310 -6.87 25.85 4.95
C ARG F 310 -7.62 24.97 5.94
N SER F 311 -7.72 23.66 5.70
CA SER F 311 -8.54 22.84 6.60
C SER F 311 -8.13 21.37 6.50
N VAL F 312 -8.58 20.60 7.49
CA VAL F 312 -8.42 19.15 7.53
C VAL F 312 -9.80 18.51 7.36
N ILE F 313 -9.94 17.63 6.38
CA ILE F 313 -11.23 17.09 5.98
C ILE F 313 -11.22 15.57 6.21
N CYS F 314 -12.16 15.10 7.03
CA CYS F 314 -12.22 13.70 7.43
C CYS F 314 -13.63 13.14 7.28
N ASN F 315 -13.73 11.84 7.04
CA ASN F 315 -15.02 11.18 6.94
C ASN F 315 -15.56 10.71 8.29
N GLN F 316 -14.80 10.91 9.37
CA GLN F 316 -15.27 10.60 10.72
C GLN F 316 -14.40 11.38 11.71
N ASP F 317 -14.80 11.33 12.99
CA ASP F 317 -14.04 11.95 14.06
C ASP F 317 -12.87 11.06 14.46
N TYR F 318 -11.64 11.56 14.28
CA TYR F 318 -10.44 10.77 14.45
C TYR F 318 -9.62 11.15 15.69
N ALA F 319 -10.23 11.80 16.68
CA ALA F 319 -9.50 12.20 17.88
C ALA F 319 -9.09 10.99 18.72
N THR F 320 -7.86 11.04 19.26
CA THR F 320 -7.30 10.02 20.14
C THR F 320 -6.65 10.66 21.35
N PRO F 321 -6.58 9.95 22.48
CA PRO F 321 -6.18 10.59 23.74
C PRO F 321 -4.68 10.85 23.85
N MET F 322 -4.32 11.65 24.85
CA MET F 322 -2.96 12.08 25.14
C MET F 322 -2.65 11.85 26.61
N THR F 323 -1.38 11.59 26.92
CA THR F 323 -0.97 11.43 28.31
C THR F 323 -0.77 12.80 28.97
N ASN F 324 -0.83 12.79 30.31
CA ASN F 324 -0.62 14.02 31.08
C ASN F 324 0.80 14.55 30.91
N ASN F 325 1.80 13.68 30.79
CA ASN F 325 3.17 14.14 30.61
C ASN F 325 3.35 14.90 29.30
N MET F 326 2.79 14.37 28.20
CA MET F 326 2.89 15.07 26.93
C MET F 326 2.12 16.38 26.95
N ARG F 327 0.95 16.39 27.59
CA ARG F 327 0.17 17.61 27.73
C ARG F 327 0.94 18.66 28.52
N GLU F 328 1.70 18.23 29.53
CA GLU F 328 2.56 19.16 30.26
C GLU F 328 3.72 19.65 29.39
N CYS F 329 4.28 18.76 28.58
CA CYS F 329 5.28 19.16 27.59
C CYS F 329 4.78 20.29 26.70
N LEU F 330 3.57 20.14 26.15
CA LEU F 330 3.09 21.13 25.20
C LEU F 330 2.64 22.44 25.84
N THR F 331 2.45 22.48 27.15
CA THR F 331 1.99 23.68 27.83
C THR F 331 3.10 24.42 28.57
N GLY F 332 4.36 23.98 28.47
CA GLY F 332 5.44 24.75 29.07
C GLY F 332 6.56 23.98 29.74
N SER F 333 6.28 22.77 30.24
CA SER F 333 7.30 21.99 30.94
C SER F 333 8.16 21.26 29.92
N THR F 334 9.24 21.92 29.48
CA THR F 334 10.09 21.34 28.45
C THR F 334 10.97 20.22 28.96
N GLU F 335 11.09 20.05 30.28
CA GLU F 335 11.89 18.95 30.81
C GLU F 335 11.18 17.61 30.71
N LYS F 336 9.90 17.59 30.34
CA LYS F 336 9.17 16.36 30.12
C LYS F 336 9.12 15.94 28.65
N CYS F 337 9.67 16.74 27.75
CA CYS F 337 9.67 16.40 26.32
C CYS F 337 10.91 15.57 26.01
N PRO F 338 10.76 14.34 25.53
CA PRO F 338 11.92 13.50 25.21
C PRO F 338 12.62 13.95 23.94
N ARG F 339 13.78 13.35 23.70
CA ARG F 339 14.63 13.73 22.57
C ARG F 339 15.41 12.51 22.09
N GLU F 340 15.94 12.62 20.87
CA GLU F 340 16.65 11.53 20.22
C GLU F 340 17.88 12.07 19.51
N LEU F 341 18.95 11.26 19.51
CA LEU F 341 20.20 11.65 18.89
C LEU F 341 20.12 11.62 17.37
N VAL F 342 20.82 12.54 16.72
CA VAL F 342 20.83 12.67 15.27
C VAL F 342 22.09 12.04 14.72
N VAL F 343 21.94 11.09 13.80
CA VAL F 343 23.08 10.45 13.14
C VAL F 343 23.01 10.54 11.63
N SER F 344 21.96 11.14 11.06
CA SER F 344 21.82 11.28 9.62
C SER F 344 21.97 12.75 9.22
N SER F 345 22.45 12.97 8.00
CA SER F 345 22.69 14.30 7.47
C SER F 345 21.46 14.93 6.84
N HIS F 346 20.32 14.24 6.81
CA HIS F 346 19.13 14.72 6.13
C HIS F 346 18.17 15.47 7.04
N VAL F 347 18.46 15.59 8.33
CA VAL F 347 17.55 16.26 9.26
C VAL F 347 17.56 17.76 9.00
N PRO F 348 16.41 18.44 9.04
CA PRO F 348 16.40 19.89 8.79
C PRO F 348 17.15 20.68 9.85
N ARG F 349 17.72 21.81 9.44
CA ARG F 349 18.54 22.64 10.32
C ARG F 349 18.07 24.08 10.47
N PHE F 350 17.01 24.49 9.78
CA PHE F 350 16.46 25.84 9.98
C PHE F 350 15.04 25.89 9.45
N ALA F 351 14.29 26.91 9.90
CA ALA F 351 12.93 27.13 9.45
C ALA F 351 12.56 28.60 9.58
N LEU F 352 11.47 28.97 8.91
CA LEU F 352 10.97 30.34 8.89
C LEU F 352 9.54 30.38 9.40
N SER F 353 9.26 31.27 10.35
CA SER F 353 7.93 31.40 10.94
C SER F 353 7.59 32.87 11.13
N ASN F 354 6.48 33.31 10.53
CA ASN F 354 6.03 34.70 10.59
C ASN F 354 7.15 35.66 10.21
N GLY F 355 7.92 35.29 9.20
CA GLY F 355 9.01 36.13 8.72
C GLY F 355 10.23 36.18 9.61
N VAL F 356 10.39 35.24 10.53
CA VAL F 356 11.52 35.21 11.46
C VAL F 356 12.22 33.87 11.33
N LEU F 357 13.56 33.88 11.35
CA LEU F 357 14.35 32.69 11.09
C LEU F 357 14.76 32.02 12.40
N PHE F 358 14.59 30.70 12.47
CA PHE F 358 15.11 29.90 13.59
C PHE F 358 16.11 28.90 13.03
N ALA F 359 17.35 28.96 13.51
CA ALA F 359 18.42 28.21 12.87
C ALA F 359 19.46 27.72 13.88
N ASN F 360 19.96 26.51 13.64
CA ASN F 360 21.09 25.94 14.37
C ASN F 360 22.37 26.39 13.66
N CYS F 361 22.90 27.54 14.06
CA CYS F 361 24.05 28.10 13.37
C CYS F 361 25.37 27.44 13.77
N ILE F 362 25.32 26.31 14.46
CA ILE F 362 26.51 25.50 14.68
C ILE F 362 26.68 24.46 13.57
N SER F 363 25.59 23.85 13.13
CA SER F 363 25.65 22.89 12.04
C SER F 363 25.80 23.56 10.68
N VAL F 364 25.18 24.72 10.50
CA VAL F 364 25.18 25.42 9.22
C VAL F 364 25.78 26.80 9.40
N THR F 365 26.51 27.26 8.38
CA THR F 365 27.15 28.56 8.41
C THR F 365 26.12 29.66 8.17
N CYS F 366 26.11 30.66 9.04
CA CYS F 366 25.18 31.80 8.96
C CYS F 366 25.99 33.08 8.80
N GLN F 367 25.52 33.97 7.92
CA GLN F 367 26.20 35.23 7.68
C GLN F 367 25.19 36.37 7.61
N CYS F 368 25.65 37.57 7.98
CA CYS F 368 24.84 38.77 7.85
C CYS F 368 25.23 39.48 6.57
N GLN F 369 24.29 39.57 5.62
CA GLN F 369 24.58 40.21 4.34
C GLN F 369 24.73 41.71 4.48
N THR F 370 23.98 42.31 5.41
CA THR F 370 23.97 43.77 5.53
C THR F 370 25.34 44.31 5.91
N THR F 371 26.01 43.69 6.89
CA THR F 371 27.29 44.17 7.38
C THR F 371 28.47 43.30 6.95
N GLY F 372 28.22 42.15 6.35
CA GLY F 372 29.30 41.26 5.98
C GLY F 372 29.93 40.50 7.12
N ARG F 373 29.34 40.54 8.31
CA ARG F 373 29.91 39.90 9.48
C ARG F 373 29.24 38.57 9.76
N ALA F 374 29.99 37.67 10.40
CA ALA F 374 29.49 36.36 10.75
C ALA F 374 28.51 36.43 11.92
N ILE F 375 27.63 35.45 11.97
CA ILE F 375 26.65 35.29 13.05
C ILE F 375 27.00 34.01 13.79
N SER F 376 27.38 34.15 15.06
CA SER F 376 27.97 33.05 15.81
C SER F 376 27.05 32.60 16.94
N GLN F 377 27.00 31.29 17.16
CA GLN F 377 26.21 30.67 18.22
C GLN F 377 27.16 29.96 19.17
N SER F 378 27.00 30.20 20.47
CA SER F 378 27.88 29.60 21.46
C SER F 378 27.45 28.18 21.78
N GLY F 379 28.28 27.49 22.57
CA GLY F 379 28.00 26.11 22.94
C GLY F 379 26.95 25.95 24.02
N GLU F 380 26.52 27.06 24.63
CA GLU F 380 25.49 27.04 25.65
C GLU F 380 24.08 27.20 25.07
N GLN F 381 23.96 27.58 23.80
CA GLN F 381 22.67 27.86 23.20
C GLN F 381 22.18 26.66 22.39
N THR F 382 20.85 26.54 22.28
CA THR F 382 20.24 25.48 21.48
C THR F 382 20.14 25.88 20.01
N LEU F 383 19.54 27.05 19.73
CA LEU F 383 19.45 27.59 18.39
C LEU F 383 19.21 29.09 18.49
N LEU F 384 19.34 29.77 17.35
CA LEU F 384 19.25 31.23 17.28
C LEU F 384 17.97 31.68 16.60
N MET F 385 17.37 32.74 17.14
CA MET F 385 16.32 33.52 16.49
C MET F 385 16.96 34.71 15.78
N ILE F 386 16.64 34.89 14.51
CA ILE F 386 17.21 35.94 13.69
C ILE F 386 16.07 36.76 13.07
N ASP F 387 16.07 38.06 13.34
CA ASP F 387 15.10 39.03 12.85
C ASP F 387 15.84 40.32 12.50
N ASN F 388 15.08 41.36 12.14
CA ASN F 388 15.73 42.53 11.54
C ASN F 388 16.21 43.56 12.56
N THR F 389 16.03 43.31 13.86
CA THR F 389 16.66 44.17 14.85
C THR F 389 18.17 43.94 14.89
N THR F 390 18.63 42.80 14.38
CA THR F 390 20.05 42.47 14.36
C THR F 390 20.59 42.15 12.97
N CYS F 391 19.75 41.66 12.06
CA CYS F 391 20.19 41.21 10.74
C CYS F 391 19.08 41.44 9.73
N PRO F 392 19.07 42.58 9.04
CA PRO F 392 18.02 42.82 8.04
C PRO F 392 17.98 41.79 6.92
N THR F 393 19.12 41.30 6.47
CA THR F 393 19.19 40.28 5.44
C THR F 393 20.25 39.26 5.83
N ALA F 394 19.90 37.97 5.77
CA ALA F 394 20.76 36.87 6.19
C ALA F 394 21.11 35.97 5.01
N VAL F 395 22.27 35.32 5.13
CA VAL F 395 22.77 34.40 4.11
C VAL F 395 23.03 33.05 4.79
N LEU F 396 22.41 32.01 4.27
CA LEU F 396 22.57 30.64 4.76
C LEU F 396 22.89 29.77 3.54
N GLY F 397 24.16 29.42 3.38
CA GLY F 397 24.57 28.65 2.21
C GLY F 397 24.23 29.39 0.94
N ASN F 398 23.36 28.78 0.13
CA ASN F 398 22.88 29.40 -1.10
C ASN F 398 21.88 30.52 -0.82
N VAL F 399 21.02 30.35 0.18
CA VAL F 399 19.84 31.18 0.33
C VAL F 399 20.20 32.55 0.89
N ILE F 400 19.62 33.60 0.28
CA ILE F 400 19.67 34.97 0.79
C ILE F 400 18.25 35.41 1.07
N ILE F 401 17.98 35.84 2.30
CA ILE F 401 16.60 36.08 2.73
C ILE F 401 16.52 37.35 3.58
N SER F 402 15.50 38.17 3.33
CA SER F 402 15.22 39.35 4.13
C SER F 402 14.14 39.05 5.17
N LEU F 403 14.25 39.68 6.33
CA LEU F 403 13.52 39.25 7.52
C LEU F 403 12.71 40.39 8.14
N GLY F 404 11.71 39.99 8.93
CA GLY F 404 10.84 40.89 9.65
C GLY F 404 11.24 41.05 11.10
N LYS F 405 10.24 41.29 11.96
CA LYS F 405 10.47 41.58 13.37
C LYS F 405 9.76 40.57 14.24
N TYR F 406 10.45 40.11 15.28
CA TYR F 406 9.89 39.14 16.22
C TYR F 406 8.89 39.81 17.16
N LEU F 407 7.89 39.05 17.57
CA LEU F 407 6.81 39.56 18.42
C LEU F 407 6.85 38.98 19.84
N GLY F 408 7.92 38.30 20.22
CA GLY F 408 8.09 37.76 21.55
C GLY F 408 9.01 38.58 22.42
N SER F 409 9.71 37.91 23.33
CA SER F 409 10.57 38.62 24.27
C SER F 409 11.82 39.14 23.58
N VAL F 410 12.21 40.37 23.94
CA VAL F 410 13.41 40.98 23.40
C VAL F 410 14.67 40.22 23.81
N ASN F 411 14.62 39.47 24.92
CA ASN F 411 15.77 38.78 25.47
C ASN F 411 15.81 37.31 25.08
N TYR F 412 15.34 36.97 23.88
CA TYR F 412 15.21 35.57 23.48
C TYR F 412 16.57 34.85 23.52
N ASN F 413 17.61 35.48 22.99
CA ASN F 413 18.87 34.79 22.77
C ASN F 413 19.78 34.82 23.99
N SER F 414 19.35 35.40 25.11
CA SER F 414 20.14 35.42 26.33
C SER F 414 19.52 34.60 27.46
N GLU F 415 18.42 33.89 27.21
CA GLU F 415 17.73 33.13 28.24
C GLU F 415 17.65 31.66 27.84
N GLY F 416 18.09 30.78 28.73
CA GLY F 416 18.17 29.36 28.45
C GLY F 416 16.93 28.59 28.85
N ILE F 417 16.97 27.28 28.58
CA ILE F 417 15.84 26.39 28.78
C ILE F 417 16.30 25.12 29.49
N ALA F 418 15.35 24.40 30.07
CA ALA F 418 15.61 23.13 30.73
C ALA F 418 15.30 21.99 29.77
N ILE F 419 16.21 21.03 29.67
CA ILE F 419 16.15 19.98 28.66
C ILE F 419 15.52 18.73 29.25
N GLY F 420 15.07 17.83 28.36
CA GLY F 420 14.43 16.60 28.76
C GLY F 420 15.34 15.39 28.59
N PRO F 421 14.77 14.20 28.78
CA PRO F 421 15.58 12.98 28.80
C PRO F 421 15.64 12.30 27.43
N PRO F 422 16.77 11.69 27.09
CA PRO F 422 16.88 10.98 25.81
C PRO F 422 15.99 9.74 25.75
N VAL F 423 15.62 9.36 24.53
CA VAL F 423 14.88 8.12 24.25
C VAL F 423 15.41 7.50 22.97
N PHE F 424 14.95 6.27 22.70
CA PHE F 424 15.24 5.56 21.46
C PHE F 424 13.95 4.95 20.94
N THR F 425 13.59 5.30 19.70
CA THR F 425 12.28 4.96 19.16
C THR F 425 12.28 3.76 18.21
N ASP F 426 13.42 3.12 17.98
CA ASP F 426 13.46 1.96 17.12
C ASP F 426 12.67 0.80 17.73
N LYS F 427 12.09 -0.03 16.86
CA LYS F 427 11.16 -1.06 17.32
C LYS F 427 11.86 -2.15 18.14
N VAL F 428 13.02 -2.62 17.68
CA VAL F 428 13.77 -3.61 18.45
C VAL F 428 14.34 -2.98 19.72
N ASP F 429 14.70 -1.70 19.65
CA ASP F 429 15.20 -1.00 20.83
C ASP F 429 14.12 -0.88 21.90
N ILE F 430 12.85 -0.85 21.51
CA ILE F 430 11.77 -0.81 22.51
C ILE F 430 11.78 -2.09 23.35
N SER F 431 11.89 -3.24 22.69
CA SER F 431 11.96 -4.51 23.42
C SER F 431 13.22 -4.57 24.27
N SER F 432 14.35 -4.10 23.73
CA SER F 432 15.59 -4.11 24.50
C SER F 432 15.47 -3.25 25.76
N GLN F 433 14.90 -2.05 25.63
CA GLN F 433 14.74 -1.16 26.78
C GLN F 433 13.77 -1.73 27.81
N ILE F 434 12.66 -2.32 27.35
CA ILE F 434 11.71 -2.91 28.28
C ILE F 434 12.35 -4.05 29.06
N SER F 435 13.11 -4.90 28.36
CA SER F 435 13.79 -6.00 29.04
C SER F 435 14.81 -5.50 30.06
N SER F 436 15.60 -4.49 29.69
CA SER F 436 16.59 -3.97 30.62
C SER F 436 15.93 -3.33 31.83
N MET F 437 14.83 -2.61 31.62
CA MET F 437 14.13 -1.99 32.74
C MET F 437 13.56 -3.05 33.68
N ASN F 438 13.00 -4.13 33.13
CA ASN F 438 12.49 -5.19 33.99
C ASN F 438 13.62 -5.85 34.77
N GLN F 439 14.78 -6.06 34.14
CA GLN F 439 15.91 -6.65 34.85
C GLN F 439 16.39 -5.74 35.97
N SER F 440 16.46 -4.43 35.72
CA SER F 440 16.85 -3.50 36.78
C SER F 440 15.83 -3.49 37.92
N LEU F 441 14.54 -3.55 37.58
CA LEU F 441 13.50 -3.58 38.61
C LEU F 441 13.62 -4.82 39.48
N GLN F 442 13.93 -5.96 38.86
CA GLN F 442 14.15 -7.18 39.64
C GLN F 442 15.42 -7.08 40.48
N GLN F 443 16.48 -6.49 39.93
CA GLN F 443 17.73 -6.37 40.66
C GLN F 443 17.60 -5.49 41.89
N SER F 444 16.83 -4.39 41.79
CA SER F 444 16.61 -3.55 42.96
C SER F 444 15.88 -4.31 44.06
N LYS F 445 14.88 -5.11 43.70
CA LYS F 445 14.16 -5.92 44.67
C LYS F 445 15.01 -7.13 45.07
N ILE G 1 -13.00 -22.50 27.09
CA ILE G 1 -11.67 -22.10 27.54
C ILE G 1 -11.62 -20.59 27.81
N LEU G 2 -12.38 -19.82 27.04
CA LEU G 2 -12.54 -18.39 27.30
C LEU G 2 -13.79 -18.15 28.14
N HIS G 3 -13.77 -17.06 28.91
CA HIS G 3 -14.85 -16.72 29.83
C HIS G 3 -15.68 -15.60 29.23
N TYR G 4 -16.67 -15.99 28.41
CA TYR G 4 -17.41 -15.01 27.63
C TYR G 4 -18.30 -14.12 28.49
N GLU G 5 -18.91 -14.67 29.54
CA GLU G 5 -19.80 -13.86 30.36
C GLU G 5 -19.05 -12.73 31.06
N LYS G 6 -17.87 -13.02 31.60
CA LYS G 6 -17.07 -11.97 32.23
C LYS G 6 -16.55 -10.98 31.20
N LEU G 7 -16.20 -11.45 30.00
CA LEU G 7 -15.68 -10.55 28.98
C LEU G 7 -16.75 -9.61 28.43
N SER G 8 -18.00 -10.06 28.37
CA SER G 8 -19.04 -9.20 27.82
C SER G 8 -19.28 -7.96 28.69
N LYS G 9 -18.91 -8.02 29.96
CA LYS G 9 -19.10 -6.90 30.87
C LYS G 9 -18.03 -5.82 30.74
N ILE G 10 -16.94 -6.09 30.01
CA ILE G 10 -15.96 -5.03 29.72
C ILE G 10 -16.01 -4.74 28.23
N GLY G 11 -17.17 -4.94 27.61
CA GLY G 11 -17.40 -4.52 26.25
C GLY G 11 -16.85 -5.42 25.16
N LEU G 12 -16.54 -6.68 25.48
CA LEU G 12 -16.02 -7.63 24.49
C LEU G 12 -17.08 -8.70 24.26
N VAL G 13 -17.90 -8.52 23.22
CA VAL G 13 -19.05 -9.36 22.96
C VAL G 13 -18.67 -10.48 22.01
N LYS G 14 -19.29 -11.64 22.18
CA LYS G 14 -18.91 -12.82 21.41
C LYS G 14 -19.40 -12.73 19.97
N GLY G 15 -18.49 -12.93 19.03
CA GLY G 15 -18.78 -12.92 17.60
C GLY G 15 -18.86 -14.31 17.00
N VAL G 16 -18.47 -14.41 15.74
CA VAL G 16 -18.52 -15.63 14.94
C VAL G 16 -17.27 -16.48 15.20
N THR G 17 -17.43 -17.80 15.21
CA THR G 17 -16.33 -18.75 15.26
C THR G 17 -16.02 -19.27 13.85
N ARG G 18 -14.74 -19.46 13.55
CA ARG G 18 -14.31 -19.84 12.21
C ARG G 18 -13.27 -20.95 12.25
N LYS G 19 -13.22 -21.73 11.17
CA LYS G 19 -12.27 -22.82 10.97
C LYS G 19 -10.92 -22.29 10.48
N TYR G 20 -9.91 -23.16 10.52
CA TYR G 20 -8.53 -22.81 10.21
C TYR G 20 -7.99 -23.73 9.12
N LYS G 21 -7.56 -23.15 8.00
CA LYS G 21 -7.13 -23.94 6.83
C LYS G 21 -5.83 -23.39 6.24
N ILE G 22 -4.95 -24.30 5.81
CA ILE G 22 -3.64 -23.95 5.27
C ILE G 22 -3.38 -24.73 3.97
N LYS G 23 -2.68 -24.09 3.02
CA LYS G 23 -2.39 -24.72 1.74
C LYS G 23 -1.38 -25.87 1.88
N SER G 24 -1.48 -26.83 0.97
CA SER G 24 -0.58 -27.99 0.97
C SER G 24 -0.71 -28.77 -0.35
N ASN G 25 0.26 -29.66 -0.59
CA ASN G 25 0.29 -30.67 -1.66
C ASN G 25 0.04 -30.09 -3.05
N PRO G 26 0.94 -29.27 -3.58
CA PRO G 26 0.68 -28.63 -4.88
C PRO G 26 0.79 -29.58 -6.07
N LEU G 27 0.03 -29.25 -7.11
CA LEU G 27 0.11 -29.90 -8.42
C LEU G 27 0.80 -28.94 -9.38
N THR G 28 1.73 -29.43 -10.18
CA THR G 28 2.60 -28.57 -10.99
C THR G 28 2.28 -28.69 -12.48
N LYS G 29 2.37 -27.56 -13.18
CA LYS G 29 2.23 -27.52 -14.63
C LYS G 29 3.19 -26.48 -15.22
N ASP G 30 3.52 -26.62 -16.50
CA ASP G 30 4.46 -25.72 -17.16
C ASP G 30 3.78 -24.92 -18.26
N ILE G 31 4.27 -23.69 -18.48
CA ILE G 31 3.74 -22.83 -19.54
C ILE G 31 4.82 -21.87 -20.02
N VAL G 32 4.73 -21.47 -21.28
CA VAL G 32 5.72 -20.62 -21.95
C VAL G 32 5.14 -19.22 -22.12
N ILE G 33 5.94 -18.20 -21.82
CA ILE G 33 5.55 -16.81 -22.06
C ILE G 33 6.61 -16.13 -22.92
N LYS G 34 6.21 -15.66 -24.10
CA LYS G 34 7.09 -14.96 -25.02
C LYS G 34 6.83 -13.46 -24.92
N MET G 35 7.89 -12.69 -24.66
CA MET G 35 7.79 -11.27 -24.35
C MET G 35 8.10 -10.37 -25.55
N ILE G 36 7.77 -10.81 -26.76
CA ILE G 36 7.95 -10.00 -27.95
C ILE G 36 6.94 -10.45 -29.01
N PRO G 37 6.16 -9.54 -29.57
CA PRO G 37 5.16 -9.92 -30.56
C PRO G 37 5.76 -10.18 -31.94
N ASN G 38 5.01 -10.90 -32.75
CA ASN G 38 5.39 -11.24 -34.11
C ASN G 38 4.89 -10.17 -35.07
N VAL G 39 5.80 -9.57 -35.83
CA VAL G 39 5.47 -8.44 -36.69
C VAL G 39 5.65 -8.81 -38.17
N SER G 40 5.44 -10.08 -38.50
CA SER G 40 5.64 -10.52 -39.88
C SER G 40 4.67 -9.83 -40.84
N ASN G 41 3.42 -9.64 -40.43
CA ASN G 41 2.39 -9.10 -41.31
C ASN G 41 2.42 -7.59 -41.43
N MET G 42 3.34 -6.90 -40.77
CA MET G 42 3.51 -5.46 -40.94
C MET G 42 4.99 -5.11 -41.00
N SER G 43 5.78 -5.97 -41.63
CA SER G 43 7.24 -5.87 -41.53
C SER G 43 7.75 -4.56 -42.12
N GLN G 44 6.98 -3.94 -43.00
CA GLN G 44 7.44 -2.70 -43.64
C GLN G 44 7.12 -1.46 -42.83
N CYS G 45 6.52 -1.60 -41.65
CA CYS G 45 6.16 -0.45 -40.82
C CYS G 45 6.84 -0.45 -39.45
N THR G 46 7.98 -1.11 -39.30
CA THR G 46 8.61 -1.22 -37.99
C THR G 46 9.80 -0.29 -37.79
N GLY G 47 10.45 0.15 -38.86
CA GLY G 47 11.58 1.06 -38.72
C GLY G 47 12.71 0.43 -37.93
N SER G 48 13.18 1.16 -36.91
CA SER G 48 14.26 0.70 -36.04
C SER G 48 13.78 0.44 -34.61
N VAL G 49 12.48 0.24 -34.44
CA VAL G 49 11.90 0.09 -33.10
C VAL G 49 12.30 -1.24 -32.47
N MET G 50 12.26 -2.32 -33.24
CA MET G 50 12.44 -3.65 -32.66
C MET G 50 13.87 -3.85 -32.15
N GLU G 51 14.87 -3.32 -32.85
CA GLU G 51 16.25 -3.47 -32.39
C GLU G 51 16.47 -2.79 -31.04
N ASN G 52 15.97 -1.56 -30.90
CA ASN G 52 16.09 -0.85 -29.62
C ASN G 52 15.34 -1.57 -28.52
N TYR G 53 14.14 -2.08 -28.83
CA TYR G 53 13.37 -2.85 -27.84
C TYR G 53 14.14 -4.09 -27.40
N LYS G 54 14.77 -4.80 -28.34
CA LYS G 54 15.49 -6.01 -27.98
C LYS G 54 16.72 -5.70 -27.14
N THR G 55 17.40 -4.60 -27.43
CA THR G 55 18.53 -4.20 -26.57
C THR G 55 18.06 -3.94 -25.14
N ARG G 56 16.97 -3.19 -24.99
CA ARG G 56 16.44 -2.91 -23.65
C ARG G 56 16.00 -4.20 -22.92
N LEU G 57 15.30 -5.09 -23.63
CA LEU G 57 14.84 -6.32 -23.01
C LEU G 57 15.99 -7.24 -22.62
N ASN G 58 17.03 -7.31 -23.46
CA ASN G 58 18.22 -8.10 -23.11
C ASN G 58 18.89 -7.56 -21.86
N GLY G 59 18.99 -6.23 -21.76
CA GLY G 59 19.51 -5.64 -20.55
C GLY G 59 18.70 -5.99 -19.32
N ILE G 60 17.37 -6.09 -19.47
CA ILE G 60 16.53 -6.48 -18.34
C ILE G 60 16.74 -7.96 -17.98
N LEU G 61 16.82 -8.84 -18.99
CA LEU G 61 16.74 -10.27 -18.74
C LEU G 61 18.08 -10.94 -18.40
N THR G 62 19.22 -10.30 -18.71
CA THR G 62 20.51 -10.96 -18.47
C THR G 62 20.76 -11.32 -17.00
N PRO G 63 20.57 -10.43 -16.02
CA PRO G 63 20.86 -10.81 -14.62
C PRO G 63 20.01 -11.96 -14.09
N ILE G 64 18.78 -12.14 -14.58
CA ILE G 64 17.96 -13.26 -14.11
C ILE G 64 18.59 -14.59 -14.53
N LYS G 65 19.02 -14.69 -15.78
CA LYS G 65 19.70 -15.89 -16.24
C LYS G 65 21.00 -16.10 -15.48
N GLY G 66 21.73 -15.02 -15.21
CA GLY G 66 22.92 -15.14 -14.39
C GLY G 66 22.63 -15.72 -13.02
N ALA G 67 21.53 -15.29 -12.40
CA ALA G 67 21.16 -15.80 -11.09
C ALA G 67 20.78 -17.28 -11.15
N LEU G 68 20.10 -17.70 -12.21
CA LEU G 68 19.72 -19.11 -12.33
C LEU G 68 20.94 -20.02 -12.55
N GLU G 69 21.94 -19.53 -13.29
CA GLU G 69 23.07 -20.39 -13.64
C GLU G 69 23.89 -20.80 -12.42
N ILE G 70 23.84 -20.02 -11.34
CA ILE G 70 24.61 -20.36 -10.14
C ILE G 70 24.15 -21.70 -9.58
N TYR G 71 22.84 -21.90 -9.46
CA TYR G 71 22.33 -23.19 -9.00
C TYR G 71 22.36 -24.23 -10.10
N LYS G 72 22.17 -23.85 -11.36
CA LYS G 72 22.16 -24.86 -12.42
C LYS G 72 23.53 -25.50 -12.62
N ASN G 73 24.61 -24.75 -12.46
CA ASN G 73 25.95 -25.26 -12.72
C ASN G 73 26.51 -26.13 -11.59
N ASN G 74 25.89 -26.12 -10.41
CA ASN G 74 26.48 -26.74 -9.22
C ASN G 74 25.54 -27.77 -8.61
N THR G 75 24.80 -28.48 -9.44
CA THR G 75 23.84 -29.47 -8.97
C THR G 75 23.85 -30.66 -9.93
N HIS G 76 23.91 -31.87 -9.39
CA HIS G 76 23.96 -33.06 -10.23
C HIS G 76 23.47 -34.28 -9.47
N ASP G 77 23.15 -35.33 -10.21
CA ASP G 77 22.67 -36.57 -9.61
C ASP G 77 23.75 -37.25 -8.80
N LEU G 78 23.34 -37.93 -7.74
CA LEU G 78 24.28 -38.58 -6.82
C LEU G 78 24.95 -39.76 -7.51
N GLY G 86 19.04 -39.59 -5.20
CA GLY G 86 18.78 -38.18 -4.95
C GLY G 86 19.74 -37.26 -5.68
N VAL G 87 19.60 -35.96 -5.44
CA VAL G 87 20.44 -34.95 -6.06
C VAL G 87 21.26 -34.26 -4.98
N ILE G 88 22.49 -33.90 -5.33
CA ILE G 88 23.45 -33.32 -4.38
C ILE G 88 23.89 -31.95 -4.88
N MET G 89 23.85 -30.97 -3.98
CA MET G 89 24.36 -29.63 -4.26
C MET G 89 25.78 -29.49 -3.74
N ALA G 90 26.53 -28.56 -4.35
CA ALA G 90 27.91 -28.27 -3.94
C ALA G 90 27.89 -27.02 -3.07
N GLY G 91 28.06 -27.22 -1.75
CA GLY G 91 27.94 -26.12 -0.81
C GLY G 91 29.03 -25.08 -0.95
N VAL G 92 30.25 -25.50 -1.27
CA VAL G 92 31.36 -24.56 -1.38
C VAL G 92 31.11 -23.55 -2.49
N ALA G 93 30.62 -24.02 -3.64
CA ALA G 93 30.33 -23.10 -4.74
C ALA G 93 29.17 -22.16 -4.41
N ILE G 94 28.13 -22.68 -3.75
CA ILE G 94 26.98 -21.84 -3.41
C ILE G 94 27.38 -20.76 -2.41
N GLY G 95 28.11 -21.13 -1.37
CA GLY G 95 28.57 -20.19 -0.37
C GLY G 95 27.59 -19.85 0.73
N ILE G 96 26.58 -19.03 0.43
CA ILE G 96 25.65 -18.52 1.42
C ILE G 96 24.24 -18.66 0.87
N ALA G 97 23.33 -19.22 1.68
CA ALA G 97 21.95 -19.40 1.26
C ALA G 97 21.06 -19.75 2.45
N THR G 98 19.79 -19.40 2.35
CA THR G 98 18.78 -19.84 3.29
C THR G 98 18.23 -21.22 2.91
N ALA G 99 17.45 -21.81 3.83
CA ALA G 99 16.84 -23.11 3.57
C ALA G 99 15.83 -23.03 2.42
N ALA G 100 15.06 -21.94 2.37
CA ALA G 100 14.07 -21.79 1.29
C ALA G 100 14.72 -21.74 -0.07
N GLN G 101 15.86 -21.03 -0.18
CA GLN G 101 16.58 -20.96 -1.44
C GLN G 101 17.10 -22.33 -1.86
N ILE G 102 17.61 -23.12 -0.90
CA ILE G 102 18.14 -24.45 -1.22
C ILE G 102 17.02 -25.37 -1.72
N THR G 103 15.88 -25.36 -1.04
CA THR G 103 14.74 -26.17 -1.50
C THR G 103 14.27 -25.73 -2.89
N ALA G 104 14.23 -24.42 -3.14
CA ALA G 104 13.86 -23.94 -4.46
C ALA G 104 14.85 -24.39 -5.53
N GLY G 105 16.13 -24.43 -5.18
CA GLY G 105 17.12 -24.94 -6.13
C GLY G 105 16.92 -26.42 -6.46
N VAL G 106 16.57 -27.21 -5.44
CA VAL G 106 16.23 -28.61 -5.69
C VAL G 106 15.06 -28.70 -6.67
N ALA G 107 14.04 -27.86 -6.48
CA ALA G 107 12.88 -27.88 -7.38
C ALA G 107 13.27 -27.49 -8.81
N LEU G 108 14.13 -26.48 -8.96
CA LEU G 108 14.60 -26.07 -10.28
C LEU G 108 15.31 -27.22 -10.99
N TYR G 109 16.19 -27.93 -10.27
CA TYR G 109 16.85 -29.09 -10.86
C TYR G 109 15.84 -30.14 -11.29
N GLU G 110 14.79 -30.34 -10.49
CA GLU G 110 13.75 -31.30 -10.88
C GLU G 110 13.06 -30.87 -12.18
N ALA G 111 12.85 -29.56 -12.37
CA ALA G 111 12.11 -29.08 -13.53
C ALA G 111 12.93 -29.06 -14.83
N MET G 112 14.26 -29.13 -14.74
CA MET G 112 15.09 -29.04 -15.95
C MET G 112 14.78 -30.09 -17.02
N LYS G 113 14.27 -31.27 -16.68
CA LYS G 113 14.00 -32.30 -17.69
C LYS G 113 12.90 -31.87 -18.65
N ASN G 114 11.73 -31.50 -18.10
CA ASN G 114 10.67 -30.97 -18.95
C ASN G 114 11.10 -29.68 -19.62
N ALA G 115 11.99 -28.91 -18.98
CA ALA G 115 12.52 -27.73 -19.65
C ALA G 115 13.24 -28.09 -20.95
N ASP G 116 14.06 -29.13 -20.92
CA ASP G 116 14.76 -29.57 -22.15
C ASP G 116 13.77 -30.08 -23.20
N ASN G 117 12.77 -30.86 -22.77
CA ASN G 117 11.79 -31.35 -23.72
C ASN G 117 11.05 -30.21 -24.40
N ILE G 118 10.69 -29.16 -23.64
CA ILE G 118 10.00 -28.02 -24.25
C ILE G 118 10.94 -27.25 -25.17
N ASN G 119 12.21 -27.07 -24.74
CA ASN G 119 13.18 -26.35 -25.55
C ASN G 119 13.50 -27.03 -26.86
N LYS G 120 13.15 -28.30 -27.03
CA LYS G 120 13.30 -28.91 -28.35
C LYS G 120 12.39 -28.29 -29.41
N LEU G 121 11.47 -27.39 -29.05
CA LEU G 121 10.54 -26.77 -29.98
C LEU G 121 10.77 -25.27 -30.15
N LYS G 122 12.03 -24.85 -30.20
CA LYS G 122 12.35 -23.42 -30.22
C LYS G 122 11.83 -22.76 -31.50
N SER G 123 12.01 -23.40 -32.65
CA SER G 123 11.56 -22.80 -33.91
C SER G 123 10.05 -22.73 -33.99
N SER G 124 9.35 -23.69 -33.38
CA SER G 124 7.89 -23.64 -33.32
C SER G 124 7.41 -22.53 -32.39
N ILE G 125 8.14 -22.30 -31.29
CA ILE G 125 7.79 -21.21 -30.40
C ILE G 125 7.95 -19.86 -31.11
N GLU G 126 9.04 -19.69 -31.87
CA GLU G 126 9.31 -18.41 -32.51
C GLU G 126 8.26 -18.02 -33.55
N SER G 127 7.46 -18.96 -34.05
CA SER G 127 6.54 -18.69 -35.15
C SER G 127 5.10 -18.43 -34.73
N THR G 128 4.78 -18.45 -33.43
CA THR G 128 3.39 -18.25 -33.03
C THR G 128 2.91 -16.86 -33.44
N ASN G 129 1.65 -16.79 -33.89
N ASN G 129 1.65 -16.79 -33.90
CA ASN G 129 1.08 -15.54 -34.36
CA ASN G 129 1.07 -15.55 -34.37
C ASN G 129 -0.27 -15.24 -33.70
C ASN G 129 -0.25 -15.22 -33.68
N GLU G 130 -0.59 -15.91 -32.60
CA GLU G 130 -1.80 -15.65 -31.84
C GLU G 130 -1.44 -15.43 -30.38
N ALA G 131 -2.40 -14.88 -29.63
CA ALA G 131 -2.18 -14.65 -28.21
C ALA G 131 -2.05 -15.95 -27.43
N VAL G 132 -2.85 -16.97 -27.78
CA VAL G 132 -2.85 -18.26 -27.10
C VAL G 132 -2.70 -19.36 -28.15
N VAL G 133 -1.65 -20.16 -28.04
CA VAL G 133 -1.39 -21.23 -28.99
C VAL G 133 -1.06 -22.53 -28.24
N LYS G 134 -1.54 -23.65 -28.78
CA LYS G 134 -1.26 -24.98 -28.23
C LYS G 134 -0.27 -25.69 -29.15
N LEU G 135 0.73 -26.36 -28.55
CA LEU G 135 1.72 -27.13 -29.30
C LEU G 135 1.85 -28.51 -28.69
N GLN G 136 2.27 -29.46 -29.52
CA GLN G 136 2.40 -30.87 -29.12
C GLN G 136 3.83 -31.11 -28.65
N GLU G 137 4.01 -31.20 -27.33
CA GLU G 137 5.30 -31.58 -26.78
C GLU G 137 5.59 -33.06 -27.02
N THR G 138 4.59 -33.90 -26.82
CA THR G 138 4.67 -35.33 -27.06
C THR G 138 3.30 -35.77 -27.57
N ALA G 139 3.21 -37.02 -28.00
CA ALA G 139 1.93 -37.54 -28.46
C ALA G 139 0.88 -37.49 -27.36
N GLU G 140 1.31 -37.52 -26.10
CA GLU G 140 0.40 -37.44 -24.96
C GLU G 140 0.41 -36.11 -24.24
N LYS G 141 1.49 -35.33 -24.34
CA LYS G 141 1.65 -34.10 -23.57
C LYS G 141 1.68 -32.89 -24.50
N THR G 142 1.05 -31.81 -24.05
CA THR G 142 0.97 -30.55 -24.80
C THR G 142 1.53 -29.41 -23.96
N VAL G 143 1.89 -28.33 -24.63
CA VAL G 143 2.41 -27.12 -23.97
C VAL G 143 1.78 -25.89 -24.62
N TYR G 144 1.41 -24.91 -23.79
CA TYR G 144 0.74 -23.70 -24.23
C TYR G 144 1.70 -22.51 -24.27
N VAL G 145 1.50 -21.63 -25.24
CA VAL G 145 2.29 -20.42 -25.44
C VAL G 145 1.38 -19.20 -25.38
N LEU G 146 1.75 -18.22 -24.56
CA LEU G 146 1.08 -16.93 -24.45
C LEU G 146 2.04 -15.83 -24.90
N THR G 147 1.59 -14.97 -25.82
CA THR G 147 2.42 -13.93 -26.40
C THR G 147 1.88 -12.55 -26.05
N ALA G 148 2.74 -11.70 -25.48
CA ALA G 148 2.33 -10.38 -25.06
C ALA G 148 2.12 -9.45 -26.26
N LEU G 149 1.10 -8.59 -26.15
CA LEU G 149 0.75 -7.53 -27.10
C LEU G 149 0.29 -8.06 -28.46
N GLN G 150 0.16 -9.38 -28.62
CA GLN G 150 -0.23 -9.92 -29.92
C GLN G 150 -1.68 -9.55 -30.28
N ASP G 151 -2.57 -9.48 -29.30
CA ASP G 151 -3.95 -9.09 -29.57
C ASP G 151 -4.03 -7.67 -30.12
N TYR G 152 -3.24 -6.77 -29.55
CA TYR G 152 -3.20 -5.39 -30.05
C TYR G 152 -2.65 -5.32 -31.46
N ILE G 153 -1.60 -6.10 -31.77
CA ILE G 153 -1.06 -6.14 -33.12
C ILE G 153 -2.10 -6.67 -34.11
N ASN G 154 -2.77 -7.76 -33.75
CA ASN G 154 -3.68 -8.43 -34.68
C ASN G 154 -4.98 -7.67 -34.88
N THR G 155 -5.44 -6.92 -33.87
CA THR G 155 -6.77 -6.34 -33.91
C THR G 155 -6.78 -4.84 -34.25
N ASN G 156 -5.70 -4.11 -33.97
CA ASN G 156 -5.69 -2.66 -34.16
C ASN G 156 -4.76 -2.22 -35.27
N LEU G 157 -3.48 -2.58 -35.19
CA LEU G 157 -2.49 -2.05 -36.14
C LEU G 157 -2.61 -2.68 -37.52
N VAL G 158 -2.76 -4.01 -37.59
CA VAL G 158 -2.86 -4.67 -38.89
C VAL G 158 -4.11 -4.24 -39.67
N PRO G 159 -5.31 -4.19 -39.09
CA PRO G 159 -6.49 -3.85 -39.90
C PRO G 159 -6.52 -2.42 -40.43
N THR G 160 -5.69 -1.52 -39.91
CA THR G 160 -5.71 -0.12 -40.34
C THR G 160 -4.44 0.28 -41.09
N ILE G 161 -3.86 -0.63 -41.87
CA ILE G 161 -2.54 -0.37 -42.48
C ILE G 161 -2.63 0.78 -43.48
N ASP G 162 -3.65 0.77 -44.35
CA ASP G 162 -3.71 1.77 -45.40
C ASP G 162 -4.44 3.04 -44.96
N LYS G 163 -5.20 2.97 -43.87
CA LYS G 163 -5.97 4.14 -43.44
C LYS G 163 -5.05 5.22 -42.88
N ILE G 164 -3.94 4.84 -42.28
CA ILE G 164 -2.96 5.79 -41.77
C ILE G 164 -1.61 5.52 -42.44
N SER G 165 -0.70 6.48 -42.27
CA SER G 165 0.63 6.39 -42.88
C SER G 165 1.54 5.48 -42.07
N CYS G 166 2.61 5.00 -42.73
CA CYS G 166 3.51 4.02 -42.12
C CYS G 166 4.16 4.57 -40.86
N LYS G 167 4.56 5.84 -40.90
CA LYS G 167 5.28 6.43 -39.78
C LYS G 167 4.39 6.47 -38.55
N GLN G 168 3.09 6.74 -38.74
CA GLN G 168 2.12 6.72 -37.64
C GLN G 168 2.00 5.33 -37.02
N THR G 169 1.97 4.29 -37.86
CA THR G 169 1.92 2.93 -37.34
C THR G 169 3.15 2.64 -36.50
N GLU G 170 4.33 3.08 -36.98
CA GLU G 170 5.56 2.90 -36.22
C GLU G 170 5.48 3.60 -34.86
N LEU G 171 4.97 4.84 -34.84
CA LEU G 171 4.84 5.55 -33.56
C LEU G 171 3.90 4.86 -32.59
N SER G 172 2.75 4.37 -33.07
CA SER G 172 1.84 3.65 -32.18
C SER G 172 2.51 2.39 -31.61
N LEU G 173 3.23 1.64 -32.44
CA LEU G 173 3.89 0.43 -31.94
C LEU G 173 4.96 0.78 -30.90
N ASP G 174 5.73 1.84 -31.15
CA ASP G 174 6.73 2.28 -30.18
C ASP G 174 6.08 2.62 -28.84
N LEU G 175 4.97 3.37 -28.87
CA LEU G 175 4.28 3.74 -27.64
C LEU G 175 3.75 2.52 -26.89
N ALA G 176 3.19 1.54 -27.62
CA ALA G 176 2.67 0.34 -26.98
C ALA G 176 3.78 -0.43 -26.27
N LEU G 177 4.93 -0.61 -26.95
CA LEU G 177 6.02 -1.34 -26.32
C LEU G 177 6.55 -0.61 -25.09
N SER G 178 6.67 0.71 -25.17
CA SER G 178 7.17 1.47 -24.02
C SER G 178 6.23 1.39 -22.82
N LYS G 179 4.92 1.46 -23.07
CA LYS G 179 3.97 1.29 -21.97
C LYS G 179 4.07 -0.10 -21.35
N TYR G 180 4.22 -1.13 -22.19
CA TYR G 180 4.37 -2.49 -21.67
C TYR G 180 5.59 -2.59 -20.76
N LEU G 181 6.72 -2.01 -21.18
CA LEU G 181 7.91 -2.03 -20.32
C LEU G 181 7.67 -1.24 -19.03
N SER G 182 7.02 -0.08 -19.11
CA SER G 182 6.74 0.70 -17.91
C SER G 182 5.95 -0.12 -16.90
N ASP G 183 5.03 -0.95 -17.37
CA ASP G 183 4.30 -1.83 -16.45
C ASP G 183 5.16 -3.00 -15.96
N LEU G 184 6.09 -3.49 -16.79
CA LEU G 184 6.85 -4.69 -16.44
C LEU G 184 7.95 -4.44 -15.40
N LEU G 185 8.61 -3.29 -15.44
CA LEU G 185 9.81 -3.09 -14.62
C LEU G 185 9.59 -3.18 -13.12
N PHE G 186 8.38 -2.95 -12.60
CA PHE G 186 8.22 -3.09 -11.16
C PHE G 186 8.43 -4.52 -10.70
N VAL G 187 7.91 -5.48 -11.45
CA VAL G 187 8.03 -6.88 -11.06
C VAL G 187 9.35 -7.48 -11.53
N PHE G 188 9.76 -7.24 -12.78
CA PHE G 188 10.89 -7.97 -13.33
C PHE G 188 12.20 -7.18 -13.36
N GLY G 189 12.26 -6.03 -12.70
CA GLY G 189 13.46 -5.22 -12.72
C GLY G 189 14.45 -5.56 -11.62
N PRO G 190 15.24 -4.56 -11.20
CA PRO G 190 16.23 -4.81 -10.13
C PRO G 190 15.61 -5.22 -8.80
N ASN G 191 14.31 -5.04 -8.60
CA ASN G 191 13.67 -5.52 -7.40
C ASN G 191 13.75 -7.04 -7.27
N LEU G 192 13.83 -7.76 -8.39
CA LEU G 192 13.90 -9.22 -8.39
C LEU G 192 15.35 -9.65 -8.26
N GLN G 193 15.86 -9.63 -7.03
CA GLN G 193 17.25 -10.03 -6.80
C GLN G 193 17.40 -11.53 -6.54
N ASP G 194 16.33 -12.22 -6.17
CA ASP G 194 16.38 -13.66 -5.86
C ASP G 194 15.29 -14.38 -6.64
N PRO G 195 15.58 -14.77 -7.90
CA PRO G 195 14.57 -15.49 -8.70
C PRO G 195 14.51 -16.99 -8.45
N VAL G 196 15.39 -17.56 -7.63
CA VAL G 196 15.40 -19.02 -7.46
C VAL G 196 14.16 -19.50 -6.70
N SER G 197 13.61 -18.66 -5.81
CA SER G 197 12.52 -19.05 -4.93
C SER G 197 11.25 -19.41 -5.71
N ASN G 198 10.25 -19.90 -4.98
CA ASN G 198 8.93 -20.21 -5.51
C ASN G 198 7.84 -19.60 -4.65
N SER G 199 8.01 -18.35 -4.22
CA SER G 199 7.02 -17.67 -3.39
C SER G 199 6.31 -16.54 -4.10
N MET G 200 6.66 -16.22 -5.35
CA MET G 200 6.02 -15.13 -6.06
C MET G 200 4.64 -15.54 -6.57
N THR G 201 3.64 -14.70 -6.36
CA THR G 201 2.27 -15.04 -6.70
C THR G 201 2.05 -15.04 -8.21
N ILE G 202 1.02 -15.77 -8.64
CA ILE G 202 0.69 -15.86 -10.06
C ILE G 202 0.18 -14.51 -10.58
N GLN G 203 -0.50 -13.73 -9.74
CA GLN G 203 -0.96 -12.41 -10.16
C GLN G 203 0.21 -11.51 -10.52
N ALA G 204 1.28 -11.54 -9.71
CA ALA G 204 2.48 -10.76 -10.03
C ALA G 204 3.18 -11.28 -11.27
N ILE G 205 3.25 -12.61 -11.43
CA ILE G 205 3.92 -13.18 -12.59
C ILE G 205 3.20 -12.80 -13.87
N SER G 206 1.87 -12.71 -13.83
CA SER G 206 1.10 -12.45 -15.04
C SER G 206 1.26 -11.02 -15.58
N GLN G 207 2.06 -10.17 -14.95
CA GLN G 207 2.38 -8.87 -15.53
C GLN G 207 3.14 -9.01 -16.84
N ALA G 208 3.85 -10.12 -17.06
CA ALA G 208 4.48 -10.40 -18.33
C ALA G 208 3.47 -10.68 -19.44
N PHE G 209 2.21 -10.93 -19.10
CA PHE G 209 1.13 -11.12 -20.06
C PHE G 209 0.02 -10.09 -19.86
N GLY G 210 0.40 -8.87 -19.46
CA GLY G 210 -0.55 -7.79 -19.32
C GLY G 210 -1.44 -7.84 -18.10
N GLY G 211 -1.12 -8.66 -17.11
CA GLY G 211 -1.95 -8.77 -15.93
C GLY G 211 -3.18 -9.64 -16.06
N ASN G 212 -3.26 -10.47 -17.10
CA ASN G 212 -4.43 -11.33 -17.32
C ASN G 212 -4.12 -12.74 -16.82
N TYR G 213 -4.21 -12.92 -15.50
CA TYR G 213 -3.99 -14.24 -14.90
C TYR G 213 -5.17 -15.18 -15.08
N GLU G 214 -6.37 -14.65 -15.30
CA GLU G 214 -7.54 -15.49 -15.50
C GLU G 214 -7.40 -16.36 -16.75
N THR G 215 -6.92 -15.77 -17.85
CA THR G 215 -6.70 -16.53 -19.08
C THR G 215 -5.64 -17.62 -18.88
N LEU G 216 -4.55 -17.28 -18.18
CA LEU G 216 -3.50 -18.26 -17.93
C LEU G 216 -4.04 -19.46 -17.17
N LEU G 217 -4.75 -19.21 -16.06
CA LEU G 217 -5.28 -20.31 -15.26
C LEU G 217 -6.35 -21.10 -16.01
N ARG G 218 -7.17 -20.43 -16.82
CA ARG G 218 -8.18 -21.16 -17.60
C ARG G 218 -7.52 -22.07 -18.63
N THR G 219 -6.50 -21.59 -19.34
CA THR G 219 -5.85 -22.44 -20.34
C THR G 219 -5.14 -23.61 -19.69
N LEU G 220 -4.54 -23.40 -18.51
CA LEU G 220 -3.87 -24.53 -17.86
C LEU G 220 -4.85 -25.63 -17.46
N GLY G 221 -6.12 -25.31 -17.25
CA GLY G 221 -7.14 -26.32 -17.04
C GLY G 221 -7.46 -26.65 -15.60
N TYR G 222 -7.00 -25.86 -14.64
CA TYR G 222 -7.33 -26.10 -13.25
C TYR G 222 -8.82 -25.87 -13.00
N ALA G 223 -9.41 -26.69 -12.12
CA ALA G 223 -10.82 -26.57 -11.79
C ALA G 223 -11.10 -27.21 -10.44
N THR G 224 -11.53 -26.40 -9.48
CA THR G 224 -11.85 -26.86 -8.14
C THR G 224 -12.96 -25.98 -7.58
N GLU G 225 -13.55 -26.43 -6.46
CA GLU G 225 -14.53 -25.62 -5.75
C GLU G 225 -13.91 -24.53 -4.89
N ASP G 226 -12.62 -24.67 -4.54
CA ASP G 226 -11.92 -23.71 -3.70
C ASP G 226 -11.05 -22.75 -4.51
N PHE G 227 -11.38 -22.56 -5.79
CA PHE G 227 -10.51 -21.81 -6.70
C PHE G 227 -10.32 -20.36 -6.27
N ASP G 228 -11.42 -19.64 -6.05
CA ASP G 228 -11.30 -18.23 -5.70
C ASP G 228 -10.71 -18.04 -4.32
N ASP G 229 -11.00 -18.96 -3.38
CA ASP G 229 -10.38 -18.89 -2.06
C ASP G 229 -8.88 -19.06 -2.15
N LEU G 230 -8.40 -19.96 -3.02
CA LEU G 230 -6.97 -20.13 -3.22
C LEU G 230 -6.36 -18.90 -3.90
N LEU G 231 -7.06 -18.30 -4.86
CA LEU G 231 -6.53 -17.10 -5.51
C LEU G 231 -6.37 -15.95 -4.51
N GLU G 232 -7.42 -15.65 -3.74
CA GLU G 232 -7.38 -14.45 -2.91
C GLU G 232 -6.60 -14.62 -1.62
N SER G 233 -6.15 -15.83 -1.29
CA SER G 233 -5.25 -16.02 -0.16
C SER G 233 -3.78 -15.99 -0.57
N ASP G 234 -3.50 -15.69 -1.84
CA ASP G 234 -2.14 -15.66 -2.37
C ASP G 234 -1.45 -17.02 -2.21
N SER G 235 -2.18 -18.09 -2.56
CA SER G 235 -1.68 -19.44 -2.41
C SER G 235 -1.23 -20.08 -3.73
N ILE G 236 -1.44 -19.43 -4.86
CA ILE G 236 -1.05 -19.96 -6.17
C ILE G 236 0.19 -19.21 -6.63
N THR G 237 1.32 -19.91 -6.72
CA THR G 237 2.62 -19.31 -7.00
C THR G 237 3.22 -19.87 -8.28
N GLY G 238 4.31 -19.26 -8.72
CA GLY G 238 5.02 -19.71 -9.90
C GLY G 238 6.51 -19.45 -9.78
N GLN G 239 7.28 -20.23 -10.52
CA GLN G 239 8.74 -20.20 -10.49
C GLN G 239 9.29 -20.17 -11.91
N ILE G 240 10.27 -19.30 -12.16
CA ILE G 240 10.93 -19.22 -13.45
C ILE G 240 11.98 -20.31 -13.56
N ILE G 241 11.93 -21.08 -14.65
CA ILE G 241 12.78 -22.24 -14.82
C ILE G 241 13.80 -22.07 -15.94
N TYR G 242 13.53 -21.26 -16.96
CA TYR G 242 14.44 -21.09 -18.07
C TYR G 242 14.19 -19.77 -18.77
N VAL G 243 15.28 -19.12 -19.20
CA VAL G 243 15.26 -17.84 -19.90
C VAL G 243 16.03 -18.00 -21.22
N ASP G 244 15.40 -17.62 -22.33
CA ASP G 244 16.02 -17.67 -23.65
C ASP G 244 16.18 -16.26 -24.18
N LEU G 245 17.44 -15.84 -24.37
CA LEU G 245 17.84 -14.48 -24.69
C LEU G 245 17.98 -14.21 -26.19
N SER G 246 17.94 -15.22 -27.03
CA SER G 246 17.95 -14.99 -28.47
C SER G 246 16.55 -14.99 -29.07
N SER G 247 15.63 -15.75 -28.50
CA SER G 247 14.23 -15.72 -28.86
C SER G 247 13.37 -14.95 -27.87
N TYR G 248 13.93 -14.60 -26.70
CA TYR G 248 13.27 -13.77 -25.70
C TYR G 248 11.98 -14.41 -25.20
N TYR G 249 12.11 -15.56 -24.54
CA TYR G 249 10.96 -16.17 -23.89
C TYR G 249 11.38 -16.79 -22.56
N ILE G 250 10.40 -17.03 -21.69
CA ILE G 250 10.65 -17.67 -20.40
C ILE G 250 9.69 -18.85 -20.23
N ILE G 251 10.11 -19.78 -19.37
CA ILE G 251 9.30 -20.95 -19.00
C ILE G 251 8.98 -20.85 -17.52
N VAL G 252 7.70 -21.04 -17.18
CA VAL G 252 7.21 -20.86 -15.82
C VAL G 252 6.50 -22.14 -15.37
N ARG G 253 6.79 -22.57 -14.15
CA ARG G 253 6.12 -23.71 -13.53
C ARG G 253 5.15 -23.20 -12.46
N VAL G 254 3.88 -23.59 -12.58
CA VAL G 254 2.79 -23.14 -11.72
C VAL G 254 2.49 -24.23 -10.69
N TYR G 255 2.33 -23.82 -9.43
CA TYR G 255 2.01 -24.68 -8.31
C TYR G 255 0.58 -24.41 -7.85
N PHE G 256 -0.25 -25.45 -7.85
CA PHE G 256 -1.68 -25.34 -7.56
C PHE G 256 -2.04 -26.27 -6.39
N PRO G 257 -2.14 -25.75 -5.17
CA PRO G 257 -2.35 -26.64 -4.01
C PRO G 257 -3.79 -26.91 -3.63
N ILE G 258 -3.98 -27.76 -2.62
CA ILE G 258 -5.26 -27.97 -1.97
C ILE G 258 -5.22 -27.32 -0.58
N LEU G 259 -6.37 -27.28 0.08
CA LEU G 259 -6.50 -26.71 1.41
C LEU G 259 -6.71 -27.81 2.44
N THR G 260 -5.92 -27.77 3.52
CA THR G 260 -5.99 -28.74 4.60
C THR G 260 -6.53 -28.06 5.85
N GLU G 261 -7.54 -28.69 6.46
CA GLU G 261 -8.18 -28.17 7.67
C GLU G 261 -7.47 -28.73 8.89
N ILE G 262 -7.06 -27.84 9.78
CA ILE G 262 -6.41 -28.24 11.03
C ILE G 262 -7.49 -28.69 12.01
N GLN G 263 -7.30 -29.87 12.60
CA GLN G 263 -8.41 -30.63 13.17
C GLN G 263 -9.04 -29.92 14.38
N GLN G 264 -8.27 -29.71 15.44
CA GLN G 264 -8.86 -29.21 16.68
C GLN G 264 -8.51 -27.75 16.91
N ALA G 265 -8.61 -26.93 15.87
CA ALA G 265 -8.25 -25.53 15.94
C ALA G 265 -9.44 -24.67 15.51
N TYR G 266 -9.51 -23.46 16.06
CA TYR G 266 -10.48 -22.48 15.58
C TYR G 266 -10.03 -21.07 15.93
N ILE G 267 -10.65 -20.10 15.25
CA ILE G 267 -10.39 -18.68 15.46
C ILE G 267 -11.69 -18.02 15.93
N GLN G 268 -11.61 -17.31 17.05
CA GLN G 268 -12.76 -16.67 17.68
C GLN G 268 -12.62 -15.15 17.60
N GLU G 269 -13.69 -14.48 17.19
CA GLU G 269 -13.75 -13.04 17.03
C GLU G 269 -14.48 -12.39 18.20
N LEU G 270 -14.02 -11.19 18.58
CA LEU G 270 -14.64 -10.40 19.63
C LEU G 270 -15.06 -9.03 19.07
N LEU G 271 -16.25 -8.58 19.47
CA LEU G 271 -16.79 -7.30 19.02
C LEU G 271 -16.69 -6.26 20.12
N PRO G 272 -15.98 -5.15 19.91
CA PRO G 272 -15.77 -4.17 20.98
C PRO G 272 -16.87 -3.13 21.12
N VAL G 273 -17.25 -2.87 22.37
CA VAL G 273 -18.30 -1.93 22.73
C VAL G 273 -17.83 -1.09 23.90
N SER G 274 -18.17 0.19 23.89
CA SER G 274 -17.77 1.08 24.99
C SER G 274 -18.62 0.84 26.23
N PHE G 275 -18.04 1.20 27.39
CA PHE G 275 -18.72 0.99 28.67
C PHE G 275 -18.42 2.16 29.61
N ASN G 276 -19.19 2.24 30.67
CA ASN G 276 -19.16 3.36 31.60
C ASN G 276 -18.42 3.01 32.89
N ASN G 277 -17.59 3.94 33.37
CA ASN G 277 -16.95 3.79 34.68
C ASN G 277 -16.49 5.16 35.17
N ASP G 278 -17.02 5.59 36.32
CA ASP G 278 -16.62 6.82 37.00
C ASP G 278 -16.86 8.05 36.13
N ASN G 279 -18.08 8.16 35.61
CA ASN G 279 -18.50 9.31 34.81
C ASN G 279 -17.60 9.52 33.60
N SER G 280 -17.23 8.42 32.94
CA SER G 280 -16.42 8.50 31.73
C SER G 280 -16.65 7.23 30.91
N GLU G 281 -16.15 7.27 29.67
CA GLU G 281 -16.36 6.22 28.70
C GLU G 281 -15.01 5.57 28.36
N TRP G 282 -15.00 4.23 28.25
CA TRP G 282 -13.77 3.48 28.11
C TRP G 282 -13.93 2.37 27.09
N ILE G 283 -12.79 1.92 26.56
CA ILE G 283 -12.75 0.80 25.62
C ILE G 283 -11.60 -0.12 26.01
N SER G 284 -11.77 -1.43 25.82
CA SER G 284 -10.78 -2.41 26.22
C SER G 284 -9.73 -2.61 25.13
N ILE G 285 -8.47 -2.74 25.54
CA ILE G 285 -7.34 -2.90 24.62
C ILE G 285 -6.96 -4.38 24.63
N VAL G 286 -7.61 -5.15 23.75
CA VAL G 286 -7.48 -6.60 23.69
C VAL G 286 -7.56 -7.03 22.22
N PRO G 287 -6.77 -8.00 21.77
CA PRO G 287 -6.87 -8.45 20.37
C PRO G 287 -8.25 -9.00 20.03
N ASN G 288 -8.68 -8.76 18.79
CA ASN G 288 -10.02 -9.13 18.35
C ASN G 288 -10.13 -10.56 17.86
N PHE G 289 -9.06 -11.15 17.36
CA PHE G 289 -9.07 -12.53 16.87
C PHE G 289 -8.12 -13.37 17.72
N ILE G 290 -8.61 -14.51 18.21
CA ILE G 290 -7.84 -15.39 19.09
C ILE G 290 -7.82 -16.80 18.50
N LEU G 291 -6.63 -17.41 18.43
CA LEU G 291 -6.48 -18.75 17.90
C LEU G 291 -6.38 -19.76 19.03
N VAL G 292 -7.19 -20.81 18.97
CA VAL G 292 -7.15 -21.90 19.93
C VAL G 292 -6.81 -23.18 19.18
N ARG G 293 -5.73 -23.86 19.60
CA ARG G 293 -5.29 -25.13 19.05
C ARG G 293 -5.05 -26.10 20.20
N ASN G 294 -5.88 -27.13 20.30
CA ASN G 294 -5.74 -28.15 21.34
C ASN G 294 -5.69 -27.52 22.73
N THR G 295 -6.62 -26.60 22.98
CA THR G 295 -6.72 -25.85 24.23
C THR G 295 -5.48 -25.00 24.52
N LEU G 296 -4.73 -24.62 23.49
CA LEU G 296 -3.62 -23.68 23.63
C LEU G 296 -3.96 -22.39 22.91
N ILE G 297 -3.85 -21.27 23.63
CA ILE G 297 -4.32 -19.96 23.18
C ILE G 297 -3.14 -19.16 22.65
N SER G 298 -3.32 -18.52 21.50
CA SER G 298 -2.29 -17.64 20.97
C SER G 298 -2.92 -16.56 20.11
N ASN G 299 -2.06 -15.61 19.73
CA ASN G 299 -2.35 -14.56 18.77
C ASN G 299 -2.20 -15.11 17.34
N ILE G 300 -2.62 -14.31 16.37
CA ILE G 300 -2.51 -14.66 14.97
C ILE G 300 -2.40 -13.38 14.16
N GLU G 301 -1.47 -13.37 13.20
CA GLU G 301 -1.26 -12.21 12.34
C GLU G 301 -2.23 -12.31 11.17
N ILE G 302 -3.50 -12.01 11.47
CA ILE G 302 -4.59 -12.30 10.55
C ILE G 302 -4.62 -11.38 9.33
N GLY G 303 -3.88 -10.27 9.36
CA GLY G 303 -3.81 -9.38 8.21
C GLY G 303 -3.24 -10.01 6.96
N PHE G 304 -2.52 -11.12 7.09
CA PHE G 304 -1.95 -11.84 5.96
C PHE G 304 -2.86 -12.94 5.43
N CYS G 305 -4.02 -13.17 6.03
CA CYS G 305 -4.91 -14.26 5.65
C CYS G 305 -6.17 -13.73 4.99
N LEU G 306 -6.96 -14.64 4.45
CA LEU G 306 -8.27 -14.34 3.89
C LEU G 306 -9.35 -14.75 4.89
N ILE G 307 -10.24 -13.82 5.23
CA ILE G 307 -11.31 -14.06 6.17
C ILE G 307 -12.60 -14.23 5.39
N THR G 308 -13.19 -15.41 5.46
CA THR G 308 -14.51 -15.69 4.91
C THR G 308 -15.49 -15.91 6.04
N LYS G 309 -16.75 -16.16 5.68
CA LYS G 309 -17.79 -16.26 6.69
C LYS G 309 -17.64 -17.52 7.54
N ARG G 310 -17.09 -18.60 7.00
CA ARG G 310 -16.97 -19.85 7.73
C ARG G 310 -15.56 -20.23 8.14
N SER G 311 -14.52 -19.64 7.55
CA SER G 311 -13.17 -20.10 7.84
C SER G 311 -12.15 -19.01 7.57
N VAL G 312 -10.95 -19.22 8.11
CA VAL G 312 -9.79 -18.38 7.87
C VAL G 312 -8.79 -19.17 7.04
N ILE G 313 -8.34 -18.61 5.92
CA ILE G 313 -7.54 -19.31 4.92
C ILE G 313 -6.20 -18.60 4.78
N CYS G 314 -5.11 -19.33 5.02
CA CYS G 314 -3.76 -18.77 5.02
C CYS G 314 -2.82 -19.64 4.22
N ASN G 315 -1.77 -19.01 3.67
CA ASN G 315 -0.75 -19.74 2.92
C ASN G 315 0.40 -20.24 3.79
N GLN G 316 0.36 -19.99 5.10
CA GLN G 316 1.33 -20.54 6.05
C GLN G 316 0.74 -20.44 7.45
N ASP G 317 1.44 -21.05 8.40
CA ASP G 317 1.03 -21.00 9.80
C ASP G 317 1.46 -19.66 10.41
N TYR G 318 0.50 -18.86 10.86
CA TYR G 318 0.75 -17.50 11.31
C TYR G 318 0.57 -17.31 12.82
N ALA G 319 0.69 -18.38 13.60
CA ALA G 319 0.55 -18.27 15.05
C ALA G 319 1.72 -17.52 15.68
N THR G 320 1.41 -16.65 16.65
CA THR G 320 2.38 -15.87 17.41
C THR G 320 2.07 -15.94 18.90
N PRO G 321 3.08 -15.79 19.76
CA PRO G 321 2.89 -16.06 21.19
C PRO G 321 2.14 -14.93 21.91
N MET G 322 1.72 -15.26 23.14
CA MET G 322 0.92 -14.40 24.01
C MET G 322 1.53 -14.37 25.41
N THR G 323 1.38 -13.24 26.09
CA THR G 323 1.90 -13.14 27.46
C THR G 323 0.95 -13.81 28.46
N ASN G 324 1.52 -14.20 29.61
CA ASN G 324 0.73 -14.81 30.67
C ASN G 324 -0.35 -13.88 31.20
N ASN G 325 -0.07 -12.57 31.27
CA ASN G 325 -1.07 -11.63 31.77
C ASN G 325 -2.29 -11.56 30.84
N MET G 326 -2.07 -11.51 29.53
CA MET G 326 -3.19 -11.48 28.60
C MET G 326 -3.96 -12.80 28.63
N ARG G 327 -3.26 -13.92 28.73
CA ARG G 327 -3.92 -15.22 28.86
C ARG G 327 -4.78 -15.28 30.11
N GLU G 328 -4.30 -14.67 31.21
CA GLU G 328 -5.13 -14.56 32.42
C GLU G 328 -6.33 -13.66 32.18
N CYS G 329 -6.14 -12.55 31.47
CA CYS G 329 -7.25 -11.67 31.09
C CYS G 329 -8.35 -12.45 30.38
N LEU G 330 -8.00 -13.25 29.38
CA LEU G 330 -9.02 -13.92 28.57
C LEU G 330 -9.70 -15.09 29.28
N THR G 331 -9.11 -15.61 30.35
CA THR G 331 -9.68 -16.74 31.06
C THR G 331 -10.45 -16.35 32.33
N GLY G 332 -10.61 -15.05 32.61
CA GLY G 332 -11.45 -14.67 33.73
C GLY G 332 -10.97 -13.51 34.61
N SER G 333 -9.67 -13.29 34.69
CA SER G 333 -9.12 -12.22 35.53
C SER G 333 -9.24 -10.89 34.79
N THR G 334 -10.39 -10.22 34.96
CA THR G 334 -10.64 -8.99 34.23
C THR G 334 -9.84 -7.82 34.76
N GLU G 335 -9.25 -7.93 35.96
CA GLU G 335 -8.45 -6.83 36.48
C GLU G 335 -7.09 -6.73 35.81
N LYS G 336 -6.70 -7.70 34.99
CA LYS G 336 -5.47 -7.65 34.22
C LYS G 336 -5.69 -7.13 32.80
N CYS G 337 -6.92 -6.82 32.40
CA CYS G 337 -7.20 -6.33 31.06
C CYS G 337 -7.10 -4.80 31.05
N PRO G 338 -6.20 -4.21 30.27
CA PRO G 338 -6.08 -2.75 30.25
C PRO G 338 -7.22 -2.10 29.48
N ARG G 339 -7.30 -0.77 29.62
CA ARG G 339 -8.40 0.00 29.05
C ARG G 339 -7.88 1.37 28.62
N GLU G 340 -8.68 2.05 27.80
CA GLU G 340 -8.30 3.33 27.20
C GLU G 340 -9.49 4.26 27.18
N LEU G 341 -9.23 5.54 27.41
CA LEU G 341 -10.27 6.55 27.45
C LEU G 341 -10.79 6.87 26.04
N VAL G 342 -12.08 7.10 25.95
CA VAL G 342 -12.76 7.39 24.69
C VAL G 342 -12.91 8.90 24.54
N VAL G 343 -12.39 9.46 23.45
CA VAL G 343 -12.54 10.88 23.14
C VAL G 343 -13.16 11.14 21.78
N SER G 344 -13.56 10.09 21.06
CA SER G 344 -14.16 10.22 19.74
C SER G 344 -15.61 9.75 19.77
N SER G 345 -16.43 10.35 18.93
CA SER G 345 -17.86 10.04 18.86
C SER G 345 -18.17 8.85 17.96
N HIS G 346 -17.17 8.24 17.34
CA HIS G 346 -17.37 7.16 16.38
C HIS G 346 -17.27 5.77 16.98
N VAL G 347 -16.99 5.65 18.27
CA VAL G 347 -16.81 4.32 18.89
C VAL G 347 -18.17 3.63 19.02
N PRO G 348 -18.27 2.32 18.75
CA PRO G 348 -19.57 1.64 18.87
C PRO G 348 -20.11 1.63 20.28
N ARG G 349 -21.44 1.66 20.40
CA ARG G 349 -22.12 1.74 21.69
C ARG G 349 -23.06 0.57 21.98
N PHE G 350 -23.27 -0.35 21.06
CA PHE G 350 -24.09 -1.54 21.35
C PHE G 350 -23.77 -2.63 20.33
N ALA G 351 -24.16 -3.86 20.69
CA ALA G 351 -24.00 -5.00 19.80
C ALA G 351 -25.05 -6.07 20.11
N LEU G 352 -25.20 -7.01 19.17
CA LEU G 352 -26.16 -8.10 19.27
C LEU G 352 -25.42 -9.43 19.18
N SER G 353 -25.70 -10.34 20.12
CA SER G 353 -25.04 -11.64 20.15
C SER G 353 -26.06 -12.70 20.55
N ASN G 354 -26.22 -13.71 19.69
CA ASN G 354 -27.17 -14.81 19.90
C ASN G 354 -28.58 -14.29 20.22
N GLY G 355 -28.96 -13.21 19.55
CA GLY G 355 -30.27 -12.62 19.74
C GLY G 355 -30.44 -11.81 21.00
N VAL G 356 -29.36 -11.41 21.67
CA VAL G 356 -29.41 -10.67 22.92
C VAL G 356 -28.61 -9.38 22.77
N LEU G 357 -29.15 -8.29 23.29
CA LEU G 357 -28.54 -6.98 23.10
C LEU G 357 -27.63 -6.63 24.27
N PHE G 358 -26.45 -6.10 23.97
CA PHE G 358 -25.55 -5.55 24.97
C PHE G 358 -25.31 -4.09 24.64
N ALA G 359 -25.70 -3.19 25.56
CA ALA G 359 -25.73 -1.78 25.23
C ALA G 359 -25.35 -0.91 26.42
N ASN G 360 -24.63 0.18 26.12
CA ASN G 360 -24.30 1.23 27.09
C ASN G 360 -25.43 2.25 27.05
N CYS G 361 -26.47 2.02 27.85
CA CYS G 361 -27.65 2.88 27.81
C CYS G 361 -27.45 4.19 28.55
N ILE G 362 -26.22 4.53 28.92
CA ILE G 362 -25.90 5.88 29.39
C ILE G 362 -25.51 6.79 28.23
N SER G 363 -24.74 6.27 27.28
CA SER G 363 -24.38 7.05 26.10
C SER G 363 -25.53 7.11 25.09
N VAL G 364 -26.30 6.04 24.98
CA VAL G 364 -27.38 5.96 24.00
C VAL G 364 -28.71 5.83 24.75
N THR G 365 -29.76 6.35 24.13
CA THR G 365 -31.08 6.33 24.74
C THR G 365 -31.81 5.04 24.37
N CYS G 366 -32.34 4.34 25.37
CA CYS G 366 -32.96 3.05 25.19
C CYS G 366 -34.41 3.10 25.70
N GLN G 367 -35.34 2.56 24.91
CA GLN G 367 -36.74 2.45 25.35
C GLN G 367 -37.24 1.03 25.14
N CYS G 368 -38.25 0.65 25.92
CA CYS G 368 -38.96 -0.60 25.74
C CYS G 368 -40.20 -0.34 24.92
N GLN G 369 -40.28 -0.94 23.73
CA GLN G 369 -41.42 -0.71 22.85
C GLN G 369 -42.69 -1.35 23.40
N THR G 370 -42.56 -2.50 24.06
CA THR G 370 -43.73 -3.24 24.50
C THR G 370 -44.55 -2.46 25.52
N THR G 371 -43.89 -1.84 26.50
CA THR G 371 -44.58 -1.11 27.56
C THR G 371 -44.49 0.39 27.42
N GLY G 372 -43.67 0.90 26.49
CA GLY G 372 -43.50 2.32 26.35
C GLY G 372 -42.67 2.98 27.43
N ARG G 373 -41.99 2.20 28.27
CA ARG G 373 -41.22 2.74 29.39
C ARG G 373 -39.74 2.80 29.07
N ALA G 374 -39.05 3.73 29.74
CA ALA G 374 -37.63 3.91 29.57
C ALA G 374 -36.85 2.77 30.23
N ILE G 375 -35.67 2.50 29.68
CA ILE G 375 -34.74 1.51 30.22
C ILE G 375 -33.53 2.26 30.74
N SER G 376 -33.32 2.22 32.05
CA SER G 376 -32.36 3.08 32.72
C SER G 376 -31.20 2.28 33.28
N GLN G 377 -30.00 2.85 33.15
CA GLN G 377 -28.77 2.26 33.64
C GLN G 377 -28.17 3.18 34.69
N SER G 378 -27.73 2.61 35.80
CA SER G 378 -27.20 3.40 36.90
C SER G 378 -25.72 3.70 36.70
N GLY G 379 -25.18 4.54 37.58
CA GLY G 379 -23.78 4.93 37.51
C GLY G 379 -22.80 3.88 38.00
N GLU G 380 -23.31 2.80 38.58
CA GLU G 380 -22.48 1.71 39.07
C GLU G 380 -22.30 0.59 38.04
N GLN G 381 -23.13 0.55 37.00
CA GLN G 381 -23.08 -0.51 36.01
C GLN G 381 -22.21 -0.13 34.82
N THR G 382 -21.63 -1.13 34.18
CA THR G 382 -20.83 -0.91 32.98
C THR G 382 -21.70 -0.86 31.72
N LEU G 383 -22.55 -1.86 31.51
CA LEU G 383 -23.48 -1.91 30.40
C LEU G 383 -24.61 -2.87 30.75
N LEU G 384 -25.68 -2.82 29.96
CA LEU G 384 -26.88 -3.62 30.20
C LEU G 384 -27.02 -4.73 29.18
N MET G 385 -27.43 -5.90 29.67
CA MET G 385 -27.92 -7.00 28.86
C MET G 385 -29.43 -6.87 28.73
N ILE G 386 -29.94 -6.96 27.51
CA ILE G 386 -31.37 -6.82 27.25
C ILE G 386 -31.83 -8.04 26.46
N ASP G 387 -32.81 -8.77 27.02
CA ASP G 387 -33.41 -9.95 26.44
C ASP G 387 -34.93 -9.91 26.71
N ASN G 388 -35.64 -10.97 26.34
CA ASN G 388 -37.09 -10.89 26.32
C ASN G 388 -37.74 -11.25 27.65
N THR G 389 -36.96 -11.54 28.70
CA THR G 389 -37.55 -11.68 30.02
C THR G 389 -37.95 -10.32 30.59
N THR G 390 -37.38 -9.24 30.06
CA THR G 390 -37.70 -7.89 30.50
C THR G 390 -38.17 -6.97 29.39
N CYS G 391 -37.76 -7.21 28.15
CA CYS G 391 -38.06 -6.30 27.03
C CYS G 391 -38.20 -7.12 25.75
N PRO G 392 -39.41 -7.55 25.39
CA PRO G 392 -39.58 -8.32 24.14
C PRO G 392 -39.15 -7.56 22.90
N THR G 393 -39.40 -6.25 22.84
CA THR G 393 -39.00 -5.42 21.71
C THR G 393 -38.40 -4.12 22.25
N ALA G 394 -37.21 -3.78 21.77
CA ALA G 394 -36.48 -2.61 22.23
C ALA G 394 -36.33 -1.58 21.11
N VAL G 395 -36.21 -0.31 21.51
CA VAL G 395 -36.04 0.82 20.59
C VAL G 395 -34.77 1.54 20.98
N LEU G 396 -33.83 1.64 20.04
CA LEU G 396 -32.56 2.34 20.24
C LEU G 396 -32.40 3.32 19.07
N GLY G 397 -32.65 4.60 19.34
CA GLY G 397 -32.58 5.59 18.28
C GLY G 397 -33.56 5.27 17.18
N ASN G 398 -33.02 5.06 15.98
CA ASN G 398 -33.85 4.67 14.84
C ASN G 398 -34.28 3.21 14.89
N VAL G 399 -33.48 2.34 15.49
CA VAL G 399 -33.64 0.90 15.34
C VAL G 399 -34.72 0.38 16.28
N ILE G 400 -35.57 -0.52 15.76
CA ILE G 400 -36.54 -1.28 16.55
C ILE G 400 -36.23 -2.75 16.34
N ILE G 401 -36.01 -3.49 17.44
CA ILE G 401 -35.51 -4.86 17.34
C ILE G 401 -36.21 -5.76 18.36
N SER G 402 -36.60 -6.96 17.94
CA SER G 402 -37.18 -7.97 18.81
C SER G 402 -36.13 -9.00 19.23
N LEU G 403 -36.18 -9.42 20.49
CA LEU G 403 -35.06 -10.10 21.13
C LEU G 403 -35.46 -11.49 21.63
N GLY G 404 -34.44 -12.31 21.88
CA GLY G 404 -34.56 -13.65 22.39
C GLY G 404 -34.27 -13.75 23.86
N LYS G 405 -33.79 -14.92 24.29
CA LYS G 405 -33.56 -15.21 25.70
C LYS G 405 -32.11 -15.52 25.95
N TYR G 406 -31.57 -14.97 27.04
CA TYR G 406 -30.17 -15.17 27.40
C TYR G 406 -29.97 -16.57 28.00
N LEU G 407 -28.77 -17.11 27.80
CA LEU G 407 -28.45 -18.47 28.25
C LEU G 407 -27.41 -18.50 29.37
N GLY G 408 -27.17 -17.39 30.03
CA GLY G 408 -26.25 -17.30 31.14
C GLY G 408 -26.94 -17.13 32.48
N SER G 409 -26.29 -16.41 33.38
CA SER G 409 -26.84 -16.24 34.73
C SER G 409 -28.05 -15.31 34.71
N VAL G 410 -29.07 -15.68 35.48
CA VAL G 410 -30.27 -14.87 35.60
C VAL G 410 -29.98 -13.53 36.28
N ASN G 411 -28.92 -13.47 37.08
CA ASN G 411 -28.59 -12.27 37.86
C ASN G 411 -27.53 -11.41 37.19
N TYR G 412 -27.52 -11.37 35.85
CA TYR G 412 -26.47 -10.66 35.13
C TYR G 412 -26.40 -9.20 35.53
N ASN G 413 -27.53 -8.51 35.59
CA ASN G 413 -27.54 -7.07 35.73
C ASN G 413 -27.40 -6.59 37.17
N SER G 414 -27.27 -7.49 38.14
CA SER G 414 -27.11 -7.11 39.54
C SER G 414 -25.74 -7.48 40.11
N GLU G 415 -24.83 -8.01 39.30
CA GLU G 415 -23.51 -8.44 39.76
C GLU G 415 -22.43 -7.65 39.04
N GLY G 416 -21.50 -7.07 39.82
CA GLY G 416 -20.46 -6.22 39.28
C GLY G 416 -19.18 -6.97 38.95
N ILE G 417 -18.22 -6.21 38.43
CA ILE G 417 -16.96 -6.76 37.94
C ILE G 417 -15.81 -5.91 38.48
N ALA G 418 -14.61 -6.48 38.46
CA ALA G 418 -13.38 -5.79 38.84
C ALA G 418 -12.68 -5.26 37.61
N ILE G 419 -12.30 -3.98 37.66
CA ILE G 419 -11.81 -3.27 36.49
C ILE G 419 -10.28 -3.31 36.47
N GLY G 420 -9.71 -3.02 35.30
CA GLY G 420 -8.27 -3.03 35.11
C GLY G 420 -7.67 -1.64 35.03
N PRO G 421 -6.39 -1.56 34.70
CA PRO G 421 -5.68 -0.29 34.75
C PRO G 421 -5.66 0.42 33.40
N PRO G 422 -5.73 1.75 33.40
CA PRO G 422 -5.68 2.49 32.13
C PRO G 422 -4.32 2.39 31.44
N VAL G 423 -4.34 2.56 30.12
CA VAL G 423 -3.12 2.63 29.30
C VAL G 423 -3.30 3.69 28.23
N PHE G 424 -2.20 3.97 27.52
CA PHE G 424 -2.21 4.86 26.36
C PHE G 424 -1.42 4.19 25.24
N THR G 425 -2.04 4.03 24.08
CA THR G 425 -1.47 3.23 22.99
C THR G 425 -0.85 4.06 21.87
N ASP G 426 -0.85 5.39 21.98
CA ASP G 426 -0.22 6.22 20.96
C ASP G 426 1.28 5.98 20.92
N LYS G 427 1.88 6.12 19.73
CA LYS G 427 3.27 5.75 19.53
C LYS G 427 4.22 6.69 20.29
N VAL G 428 3.97 7.99 20.22
CA VAL G 428 4.81 8.93 20.97
C VAL G 428 4.55 8.80 22.47
N ASP G 429 3.32 8.46 22.85
CA ASP G 429 3.00 8.25 24.26
C ASP G 429 3.75 7.05 24.82
N ILE G 430 4.08 6.06 23.98
CA ILE G 430 4.86 4.92 24.46
C ILE G 430 6.24 5.37 24.91
N SER G 431 6.91 6.18 24.09
CA SER G 431 8.22 6.72 24.47
C SER G 431 8.12 7.60 25.71
N SER G 432 7.07 8.43 25.77
CA SER G 432 6.90 9.29 26.94
C SER G 432 6.72 8.48 28.22
N GLN G 433 5.89 7.44 28.17
CA GLN G 433 5.65 6.59 29.34
C GLN G 433 6.90 5.83 29.74
N ILE G 434 7.65 5.30 28.76
CA ILE G 434 8.87 4.57 29.08
C ILE G 434 9.89 5.49 29.76
N SER G 435 10.03 6.71 29.24
CA SER G 435 10.96 7.67 29.84
C SER G 435 10.54 8.03 31.27
N SER G 436 9.24 8.29 31.48
CA SER G 436 8.78 8.64 32.82
C SER G 436 8.97 7.49 33.79
N MET G 437 8.71 6.26 33.35
CA MET G 437 8.90 5.10 34.22
C MET G 437 10.37 4.91 34.58
N ASN G 438 11.28 5.10 33.61
CA ASN G 438 12.69 5.02 33.93
C ASN G 438 13.11 6.10 34.93
N GLN G 439 12.59 7.31 34.76
CA GLN G 439 12.93 8.38 35.70
C GLN G 439 12.41 8.07 37.10
N SER G 440 11.19 7.54 37.21
CA SER G 440 10.68 7.14 38.52
C SER G 440 11.51 6.03 39.14
N LEU G 441 11.93 5.05 38.32
CA LEU G 441 12.75 3.97 38.83
C LEU G 441 14.09 4.48 39.35
N GLN G 442 14.68 5.46 38.66
CA GLN G 442 15.90 6.07 39.15
C GLN G 442 15.66 6.88 40.42
N GLN G 443 14.53 7.59 40.48
CA GLN G 443 14.22 8.41 41.65
C GLN G 443 14.03 7.57 42.91
N SER G 444 13.38 6.41 42.77
CA SER G 444 13.22 5.53 43.92
C SER G 444 14.57 5.04 44.44
N LYS G 445 15.48 4.69 43.54
CA LYS G 445 16.82 4.25 43.93
C LYS G 445 17.66 5.46 44.35
N ASP H 1 28.20 15.85 -21.64
CA ASP H 1 29.18 16.53 -20.79
C ASP H 1 28.75 17.98 -20.52
N ILE H 2 29.30 18.57 -19.47
CA ILE H 2 29.07 19.98 -19.18
C ILE H 2 30.13 20.80 -19.89
N GLN H 3 29.69 21.84 -20.59
CA GLN H 3 30.58 22.69 -21.38
C GLN H 3 30.78 24.03 -20.69
N LEU H 4 32.03 24.51 -20.72
CA LEU H 4 32.40 25.76 -20.08
C LEU H 4 32.91 26.75 -21.13
N THR H 5 32.53 28.01 -20.96
CA THR H 5 33.02 29.11 -21.77
C THR H 5 33.70 30.15 -20.87
N GLN H 6 34.55 30.98 -21.45
CA GLN H 6 35.22 32.02 -20.70
C GLN H 6 35.20 33.33 -21.47
N SER H 7 35.27 34.43 -20.72
CA SER H 7 35.29 35.76 -21.31
C SER H 7 35.97 36.76 -20.38
N PRO H 8 36.93 37.56 -20.88
CA PRO H 8 37.44 37.51 -22.25
C PRO H 8 38.53 36.45 -22.40
N SER H 9 39.27 36.50 -23.52
CA SER H 9 40.29 35.50 -23.81
C SER H 9 41.67 36.12 -24.02
N SER H 10 41.91 37.31 -23.47
CA SER H 10 43.18 38.02 -23.66
C SER H 10 43.72 38.47 -22.30
N LEU H 11 44.94 38.03 -21.97
CA LEU H 11 45.63 38.46 -20.75
C LEU H 11 47.08 38.77 -21.11
N SER H 12 47.32 40.02 -21.50
CA SER H 12 48.67 40.52 -21.78
C SER H 12 48.93 41.70 -20.86
N ALA H 13 49.70 41.46 -19.78
CA ALA H 13 49.85 42.46 -18.75
C ALA H 13 51.24 42.36 -18.14
N SER H 14 51.64 43.44 -17.47
CA SER H 14 52.92 43.55 -16.79
C SER H 14 52.67 43.74 -15.30
N VAL H 15 53.75 44.05 -14.57
CA VAL H 15 53.64 44.22 -13.12
C VAL H 15 52.73 45.39 -12.80
N GLY H 16 51.72 45.13 -11.98
CA GLY H 16 50.83 46.17 -11.50
C GLY H 16 49.59 46.40 -12.34
N ASP H 17 48.85 45.33 -12.65
CA ASP H 17 47.66 45.42 -13.47
C ASP H 17 46.53 44.63 -12.82
N THR H 18 45.30 45.13 -13.01
CA THR H 18 44.09 44.57 -12.40
C THR H 18 43.18 44.03 -13.50
N VAL H 19 42.71 42.79 -13.34
CA VAL H 19 41.87 42.14 -14.34
C VAL H 19 40.72 41.40 -13.66
N THR H 20 39.67 41.14 -14.45
CA THR H 20 38.54 40.31 -14.03
C THR H 20 38.11 39.45 -15.22
N ILE H 21 37.88 38.16 -14.96
CA ILE H 21 37.45 37.22 -16.00
C ILE H 21 36.25 36.43 -15.49
N THR H 22 35.50 35.88 -16.44
CA THR H 22 34.27 35.15 -16.14
C THR H 22 34.28 33.79 -16.81
N CYS H 23 33.76 32.80 -16.11
CA CYS H 23 33.59 31.44 -16.60
C CYS H 23 32.10 31.09 -16.49
N GLN H 24 31.51 30.64 -17.61
CA GLN H 24 30.10 30.29 -17.69
C GLN H 24 29.96 28.80 -17.96
N ALA H 25 28.86 28.22 -17.48
CA ALA H 25 28.61 26.79 -17.54
C ALA H 25 27.31 26.50 -18.28
N SER H 26 27.22 25.29 -18.84
CA SER H 26 26.02 24.90 -19.57
C SER H 26 24.82 24.73 -18.65
N GLN H 27 25.04 24.43 -17.38
CA GLN H 27 23.98 24.45 -16.38
C GLN H 27 24.61 24.72 -15.02
N GLY H 28 23.75 24.91 -14.02
CA GLY H 28 24.21 25.17 -12.67
C GLY H 28 25.04 24.05 -12.09
N ILE H 29 26.19 24.38 -11.49
CA ILE H 29 27.10 23.39 -10.92
C ILE H 29 27.41 23.68 -9.46
N GLY H 30 26.51 24.38 -8.76
CA GLY H 30 26.76 24.69 -7.36
C GLY H 30 27.98 25.58 -7.23
N ASN H 31 28.98 25.11 -6.49
CA ASN H 31 30.28 25.78 -6.41
C ASN H 31 31.41 24.83 -6.76
N ASN H 32 31.11 23.82 -7.58
CA ASN H 32 32.09 22.81 -7.99
C ASN H 32 32.94 23.31 -9.17
N LEU H 33 33.50 24.51 -9.03
CA LEU H 33 34.32 25.11 -10.07
C LEU H 33 35.59 25.66 -9.45
N HIS H 34 36.72 25.36 -10.08
CA HIS H 34 38.02 25.65 -9.51
C HIS H 34 38.90 26.39 -10.51
N TRP H 35 39.67 27.36 -10.02
CA TRP H 35 40.65 28.07 -10.84
C TRP H 35 42.03 27.51 -10.54
N TYR H 36 42.61 26.83 -11.52
CA TYR H 36 43.83 26.06 -11.37
C TYR H 36 45.09 26.85 -11.72
N GLN H 37 46.23 26.23 -11.42
CA GLN H 37 47.56 26.79 -11.68
C GLN H 37 48.39 25.70 -12.34
N GLN H 38 48.49 25.75 -13.66
CA GLN H 38 49.21 24.73 -14.43
C GLN H 38 50.67 25.13 -14.59
N LYS H 39 51.56 24.18 -14.35
CA LYS H 39 52.99 24.45 -14.41
C LYS H 39 53.61 23.72 -15.60
N PRO H 40 54.42 24.42 -16.41
CA PRO H 40 54.95 23.79 -17.63
C PRO H 40 55.98 22.71 -17.31
N GLY H 41 55.79 21.55 -17.94
CA GLY H 41 56.80 20.50 -17.90
C GLY H 41 56.90 19.71 -16.61
N LYS H 42 55.95 19.86 -15.71
CA LYS H 42 55.97 19.13 -14.44
C LYS H 42 54.57 19.19 -13.83
N ALA H 43 54.49 18.83 -12.55
CA ALA H 43 53.19 18.76 -11.88
C ALA H 43 52.59 20.15 -11.70
N PRO H 44 51.33 20.36 -12.08
CA PRO H 44 50.68 21.66 -11.86
C PRO H 44 50.29 21.88 -10.40
N LYS H 45 49.56 22.96 -10.14
CA LYS H 45 49.12 23.32 -8.79
C LYS H 45 47.76 24.00 -8.90
N LEU H 46 47.35 24.70 -7.85
CA LEU H 46 45.99 25.24 -7.73
C LEU H 46 46.02 26.66 -7.19
N LEU H 47 45.04 27.46 -7.62
CA LEU H 47 44.82 28.81 -7.10
C LEU H 47 43.63 28.87 -6.15
N ILE H 48 42.45 28.50 -6.62
CA ILE H 48 41.22 28.61 -5.85
C ILE H 48 40.39 27.36 -6.05
N TYR H 49 40.00 26.71 -4.95
CA TYR H 49 39.11 25.56 -5.02
C TYR H 49 37.80 25.91 -4.33
N ARG H 50 36.73 25.23 -4.74
CA ARG H 50 35.37 25.45 -4.26
C ARG H 50 34.88 26.87 -4.56
N ALA H 51 35.51 27.53 -5.52
CA ALA H 51 35.06 28.77 -6.15
C ALA H 51 35.21 30.01 -5.27
N SER H 52 35.54 29.84 -3.99
CA SER H 52 35.78 30.98 -3.13
C SER H 52 36.90 30.79 -2.12
N SER H 53 37.59 29.66 -2.13
CA SER H 53 38.58 29.34 -1.09
C SER H 53 39.98 29.49 -1.67
N LEU H 54 40.81 30.28 -0.99
CA LEU H 54 42.17 30.54 -1.43
C LEU H 54 43.08 29.39 -1.04
N GLN H 55 43.83 28.88 -2.02
CA GLN H 55 44.84 27.86 -1.74
C GLN H 55 45.96 28.45 -0.90
N SER H 56 46.57 27.60 -0.08
CA SER H 56 47.72 28.03 0.70
C SER H 56 48.89 28.35 -0.22
N GLY H 57 49.71 29.32 0.21
CA GLY H 57 50.86 29.73 -0.58
C GLY H 57 50.55 30.65 -1.73
N ILE H 58 49.34 31.22 -1.78
CA ILE H 58 48.91 32.06 -2.89
C ILE H 58 48.74 33.49 -2.39
N PRO H 59 49.16 34.50 -3.16
CA PRO H 59 48.94 35.89 -2.72
C PRO H 59 47.46 36.19 -2.52
N SER H 60 47.17 36.99 -1.49
CA SER H 60 45.80 37.30 -1.12
C SER H 60 45.11 38.28 -2.06
N ARG H 61 45.76 38.64 -3.17
CA ARG H 61 45.14 39.56 -4.13
C ARG H 61 44.04 38.88 -4.95
N PHE H 62 44.16 37.57 -5.16
CA PHE H 62 43.19 36.84 -5.96
C PHE H 62 41.88 36.67 -5.20
N SER H 63 40.76 36.78 -5.92
CA SER H 63 39.46 36.54 -5.32
C SER H 63 38.54 35.88 -6.34
N GLY H 64 37.56 35.14 -5.85
CA GLY H 64 36.61 34.47 -6.73
C GLY H 64 35.21 34.42 -6.16
N SER H 65 34.20 34.53 -7.02
CA SER H 65 32.82 34.53 -6.55
C SER H 65 31.89 34.21 -7.70
N GLY H 66 30.79 33.52 -7.41
CA GLY H 66 29.85 33.21 -8.47
C GLY H 66 28.64 32.47 -7.94
N SER H 67 27.70 32.22 -8.85
CA SER H 67 26.48 31.52 -8.51
C SER H 67 25.88 30.91 -9.78
N GLY H 68 25.13 29.84 -9.58
CA GLY H 68 24.40 29.21 -10.67
C GLY H 68 25.30 28.78 -11.81
N THR H 69 25.25 29.51 -12.92
CA THR H 69 26.03 29.21 -14.10
C THR H 69 27.17 30.19 -14.34
N ASP H 70 27.24 31.28 -13.58
CA ASP H 70 28.20 32.35 -13.86
C ASP H 70 29.14 32.52 -12.68
N TYR H 71 30.45 32.49 -12.96
CA TYR H 71 31.45 32.65 -11.92
C TYR H 71 32.50 33.62 -12.40
N THR H 72 33.15 34.32 -11.47
CA THR H 72 34.09 35.38 -11.78
C THR H 72 35.34 35.27 -10.92
N LEU H 73 36.47 35.66 -11.51
CA LEU H 73 37.76 35.70 -10.84
C LEU H 73 38.36 37.08 -11.02
N THR H 74 38.94 37.62 -9.93
CA THR H 74 39.49 38.97 -9.89
C THR H 74 40.94 38.92 -9.43
N ILE H 75 41.81 39.61 -10.18
CA ILE H 75 43.25 39.61 -9.95
C ILE H 75 43.75 41.05 -9.91
N SER H 76 44.76 41.30 -9.08
CA SER H 76 45.36 42.62 -8.99
C SER H 76 46.87 42.50 -8.91
N SER H 77 47.57 43.50 -9.46
CA SER H 77 49.02 43.67 -9.28
C SER H 77 49.80 42.44 -9.76
N LEU H 78 49.75 42.21 -11.06
CA LEU H 78 50.31 41.00 -11.65
C LEU H 78 51.82 40.91 -11.43
N GLN H 79 52.30 39.67 -11.23
CA GLN H 79 53.71 39.33 -11.39
C GLN H 79 53.83 38.41 -12.59
N PRO H 80 54.59 38.76 -13.62
CA PRO H 80 54.52 38.03 -14.89
C PRO H 80 55.38 36.77 -14.94
N GLU H 81 55.88 36.30 -13.81
CA GLU H 81 56.67 35.07 -13.81
C GLU H 81 55.78 33.83 -13.95
N ASP H 82 54.61 33.84 -13.31
CA ASP H 82 53.70 32.71 -13.39
C ASP H 82 53.16 32.55 -14.80
N PHE H 83 52.68 31.34 -15.12
CA PHE H 83 52.43 31.00 -16.52
C PHE H 83 50.97 30.69 -16.85
N ALA H 84 50.34 29.71 -16.19
CA ALA H 84 49.11 29.13 -16.72
C ALA H 84 48.02 28.99 -15.67
N TYR H 85 46.78 29.36 -16.05
CA TYR H 85 45.62 29.24 -15.18
C TYR H 85 44.38 28.94 -16.03
N TYR H 86 43.36 28.34 -15.39
CA TYR H 86 42.17 27.83 -16.07
C TYR H 86 40.99 27.77 -15.10
N CYS H 87 39.78 27.64 -15.64
CA CYS H 87 38.58 27.29 -14.87
C CYS H 87 38.17 25.87 -15.22
N GLN H 88 37.83 25.07 -14.20
CA GLN H 88 37.59 23.64 -14.35
C GLN H 88 36.40 23.21 -13.49
N GLN H 89 35.65 22.22 -13.98
CA GLN H 89 34.49 21.70 -13.27
C GLN H 89 34.73 20.26 -12.83
N GLY H 90 34.23 19.92 -11.64
CA GLY H 90 34.25 18.56 -11.15
C GLY H 90 32.87 18.07 -10.77
N TYR H 91 31.85 18.61 -11.45
CA TYR H 91 30.46 18.31 -11.12
C TYR H 91 29.98 17.04 -11.81
N SER H 92 30.38 16.81 -13.06
CA SER H 92 29.92 15.65 -13.83
C SER H 92 31.10 14.95 -14.47
N TYR H 93 30.96 13.64 -14.65
CA TYR H 93 31.97 12.79 -15.25
C TYR H 93 31.82 12.79 -16.76
N PRO H 94 32.92 12.95 -17.53
CA PRO H 94 34.29 13.14 -17.06
C PRO H 94 34.63 14.59 -16.71
N PHE H 95 35.68 14.79 -15.91
CA PHE H 95 36.11 16.13 -15.56
C PHE H 95 36.70 16.83 -16.78
N THR H 96 36.31 18.08 -17.01
CA THR H 96 36.71 18.81 -18.19
C THR H 96 37.18 20.22 -17.84
N PHE H 97 37.91 20.84 -18.77
CA PHE H 97 38.46 22.17 -18.61
C PHE H 97 37.83 23.13 -19.62
N GLY H 98 37.91 24.42 -19.31
CA GLY H 98 37.43 25.44 -20.23
C GLY H 98 38.51 25.89 -21.19
N PRO H 99 38.16 26.85 -22.05
CA PRO H 99 39.15 27.39 -22.99
C PRO H 99 40.29 28.11 -22.31
N GLY H 100 39.99 29.11 -21.49
CA GLY H 100 40.98 29.70 -20.61
C GLY H 100 41.73 30.90 -21.14
N THR H 101 42.20 31.74 -20.22
CA THR H 101 43.19 32.78 -20.51
C THR H 101 44.22 32.76 -19.40
N LYS H 102 45.49 32.78 -19.77
CA LYS H 102 46.58 32.64 -18.81
C LYS H 102 47.55 33.81 -18.96
N VAL H 103 48.56 33.81 -18.09
CA VAL H 103 49.57 34.87 -18.10
C VAL H 103 50.39 34.74 -19.38
N ASP H 104 50.44 35.82 -20.16
CA ASP H 104 51.13 35.83 -21.45
C ASP H 104 52.14 36.96 -21.50
N ILE H 105 53.27 36.69 -22.16
CA ILE H 105 54.37 37.65 -22.28
C ILE H 105 54.28 38.28 -23.67
N LYS H 106 54.31 39.60 -23.71
CA LYS H 106 54.30 40.32 -24.98
C LYS H 106 55.70 40.75 -25.38
N ASP I 1 -6.27 -36.51 -11.97
CA ASP I 1 -5.74 -37.48 -11.01
C ASP I 1 -4.28 -37.79 -11.30
N ILE I 2 -3.55 -38.22 -10.27
CA ILE I 2 -2.18 -38.68 -10.43
C ILE I 2 -2.21 -40.14 -10.86
N GLN I 3 -1.44 -40.47 -11.89
CA GLN I 3 -1.40 -41.81 -12.45
C GLN I 3 -0.11 -42.52 -12.07
N LEU I 4 -0.22 -43.80 -11.69
CA LEU I 4 0.91 -44.61 -11.30
C LEU I 4 1.13 -45.75 -12.27
N THR I 5 2.39 -46.04 -12.58
CA THR I 5 2.80 -47.18 -13.36
C THR I 5 3.77 -48.04 -12.55
N GLN I 6 3.90 -49.30 -12.93
CA GLN I 6 4.81 -50.21 -12.24
C GLN I 6 5.61 -51.02 -13.24
N SER I 7 6.80 -51.45 -12.81
CA SER I 7 7.68 -52.27 -13.65
C SER I 7 8.60 -53.13 -12.79
N PRO I 8 8.69 -54.44 -13.04
CA PRO I 8 7.90 -55.15 -14.06
C PRO I 8 6.54 -55.57 -13.51
N SER I 9 5.84 -56.46 -14.23
CA SER I 9 4.50 -56.88 -13.85
C SER I 9 4.39 -58.39 -13.63
N SER I 10 5.49 -59.06 -13.32
CA SER I 10 5.51 -60.51 -13.15
C SER I 10 6.20 -60.86 -11.84
N LEU I 11 5.52 -61.64 -10.99
CA LEU I 11 6.08 -62.14 -9.74
C LEU I 11 5.63 -63.60 -9.56
N SER I 12 6.43 -64.53 -10.10
CA SER I 12 6.19 -65.97 -9.94
C SER I 12 7.43 -66.56 -9.29
N ALA I 13 7.35 -66.83 -7.99
CA ALA I 13 8.54 -67.23 -7.24
C ALA I 13 8.13 -68.19 -6.13
N SER I 14 9.12 -68.93 -5.64
CA SER I 14 8.99 -69.88 -4.56
C SER I 14 9.86 -69.42 -3.38
N VAL I 15 9.98 -70.29 -2.38
CA VAL I 15 10.74 -69.95 -1.19
C VAL I 15 12.19 -69.70 -1.54
N GLY I 16 12.71 -68.55 -1.12
CA GLY I 16 14.12 -68.22 -1.29
C GLY I 16 14.45 -67.48 -2.58
N ASP I 17 13.71 -66.41 -2.87
CA ASP I 17 13.92 -65.64 -4.09
C ASP I 17 13.96 -64.16 -3.77
N THR I 18 14.76 -63.42 -4.53
CA THR I 18 15.00 -61.99 -4.33
C THR I 18 14.51 -61.21 -5.54
N VAL I 19 13.73 -60.15 -5.30
CA VAL I 19 13.15 -59.35 -6.37
C VAL I 19 13.25 -57.86 -6.03
N THR I 20 13.14 -57.04 -7.08
CA THR I 20 13.05 -55.59 -6.95
C THR I 20 12.05 -55.07 -7.98
N ILE I 21 11.17 -54.16 -7.56
CA ILE I 21 10.16 -53.58 -8.43
C ILE I 21 10.15 -52.07 -8.25
N THR I 22 9.59 -51.38 -9.25
CA THR I 22 9.57 -49.93 -9.28
C THR I 22 8.16 -49.42 -9.55
N CYS I 23 7.82 -48.30 -8.93
CA CYS I 23 6.56 -47.60 -9.11
C CYS I 23 6.89 -46.16 -9.51
N GLN I 24 6.31 -45.70 -10.61
CA GLN I 24 6.52 -44.35 -11.14
C GLN I 24 5.22 -43.56 -11.10
N ALA I 25 5.35 -42.25 -10.95
CA ALA I 25 4.22 -41.35 -10.78
C ALA I 25 4.20 -40.29 -11.87
N SER I 26 3.00 -39.74 -12.12
CA SER I 26 2.85 -38.71 -13.15
C SER I 26 3.59 -37.43 -12.78
N GLN I 27 3.82 -37.18 -11.49
CA GLN I 27 4.67 -36.09 -11.05
C GLN I 27 5.16 -36.41 -9.65
N GLY I 28 6.01 -35.52 -9.11
CA GLY I 28 6.55 -35.70 -7.78
C GLY I 28 5.50 -35.73 -6.70
N ILE I 29 5.60 -36.68 -5.77
CA ILE I 29 4.63 -36.83 -4.69
C ILE I 29 5.32 -36.88 -3.32
N GLY I 30 6.52 -36.33 -3.22
CA GLY I 30 7.23 -36.37 -1.94
C GLY I 30 7.55 -37.80 -1.56
N ASN I 31 7.04 -38.23 -0.41
CA ASN I 31 7.16 -39.61 0.03
C ASN I 31 5.79 -40.20 0.37
N ASN I 32 4.74 -39.64 -0.22
CA ASN I 32 3.36 -40.06 0.02
C ASN I 32 2.99 -41.30 -0.82
N LEU I 33 3.85 -42.31 -0.78
CA LEU I 33 3.65 -43.53 -1.53
C LEU I 33 3.85 -44.72 -0.61
N HIS I 34 2.89 -45.65 -0.66
CA HIS I 34 2.85 -46.75 0.30
C HIS I 34 2.73 -48.08 -0.42
N TRP I 35 3.41 -49.10 0.09
CA TRP I 35 3.30 -50.46 -0.42
C TRP I 35 2.40 -51.26 0.53
N TYR I 36 1.23 -51.64 0.03
CA TYR I 36 0.16 -52.23 0.83
C TYR I 36 0.19 -53.76 0.82
N GLN I 37 -0.65 -54.33 1.69
CA GLN I 37 -0.81 -55.77 1.84
C GLN I 37 -2.30 -56.08 1.82
N GLN I 38 -2.81 -56.51 0.66
CA GLN I 38 -4.23 -56.78 0.49
C GLN I 38 -4.53 -58.24 0.84
N LYS I 39 -5.61 -58.46 1.58
CA LYS I 39 -5.95 -59.79 2.04
C LYS I 39 -7.27 -60.23 1.40
N PRO I 40 -7.31 -61.44 0.83
CA PRO I 40 -8.51 -61.87 0.10
C PRO I 40 -9.69 -62.13 1.03
N GLY I 41 -10.82 -61.52 0.70
CA GLY I 41 -12.08 -61.83 1.37
C GLY I 41 -12.26 -61.23 2.74
N LYS I 42 -11.41 -60.30 3.16
CA LYS I 42 -11.53 -59.66 4.46
C LYS I 42 -10.70 -58.38 4.46
N ALA I 43 -10.44 -57.84 5.64
CA ALA I 43 -9.73 -56.57 5.75
C ALA I 43 -8.27 -56.73 5.37
N PRO I 44 -7.75 -55.89 4.48
CA PRO I 44 -6.32 -55.94 4.14
C PRO I 44 -5.42 -55.38 5.24
N LYS I 45 -4.13 -55.23 4.93
CA LYS I 45 -3.13 -54.73 5.88
C LYS I 45 -2.09 -53.93 5.09
N LEU I 46 -0.94 -53.69 5.69
CA LEU I 46 0.07 -52.79 5.13
C LEU I 46 1.46 -53.39 5.27
N LEU I 47 2.33 -53.08 4.31
CA LEU I 47 3.75 -53.44 4.37
C LEU I 47 4.64 -52.27 4.74
N ILE I 48 4.59 -51.19 3.95
CA ILE I 48 5.47 -50.05 4.13
C ILE I 48 4.67 -48.78 3.91
N TYR I 49 4.71 -47.87 4.89
CA TYR I 49 4.07 -46.57 4.77
C TYR I 49 5.13 -45.49 4.78
N ARG I 50 4.81 -44.36 4.15
CA ARG I 50 5.71 -43.21 4.02
C ARG I 50 6.97 -43.56 3.23
N ALA I 51 6.90 -44.64 2.45
CA ALA I 51 7.89 -45.03 1.43
C ALA I 51 9.20 -45.56 1.99
N SER I 52 9.41 -45.46 3.30
CA SER I 52 10.62 -46.02 3.90
C SER I 52 10.42 -46.64 5.27
N SER I 53 9.19 -46.68 5.79
CA SER I 53 8.94 -47.12 7.16
C SER I 53 8.30 -48.50 7.15
N LEU I 54 8.88 -49.41 7.92
CA LEU I 54 8.38 -50.79 8.00
C LEU I 54 7.20 -50.87 8.95
N GLN I 55 6.14 -51.53 8.50
CA GLN I 55 4.99 -51.78 9.37
C GLN I 55 5.34 -52.85 10.41
N SER I 56 4.65 -52.80 11.54
CA SER I 56 4.82 -53.82 12.56
C SER I 56 4.35 -55.18 12.04
N GLY I 57 4.98 -56.24 12.55
CA GLY I 57 4.62 -57.59 12.17
C GLY I 57 5.13 -58.02 10.82
N ILE I 58 6.03 -57.27 10.21
CA ILE I 58 6.52 -57.53 8.87
C ILE I 58 7.98 -57.98 8.94
N PRO I 59 8.38 -59.01 8.18
CA PRO I 59 9.79 -59.40 8.18
C PRO I 59 10.68 -58.26 7.72
N SER I 60 11.86 -58.17 8.33
CA SER I 60 12.81 -57.08 8.05
C SER I 60 13.51 -57.23 6.71
N ARG I 61 13.14 -58.22 5.91
CA ARG I 61 13.76 -58.39 4.59
C ARG I 61 13.29 -57.34 3.60
N PHE I 62 12.06 -56.86 3.75
CA PHE I 62 11.50 -55.88 2.83
C PHE I 62 12.15 -54.51 3.04
N SER I 63 12.38 -53.80 1.94
CA SER I 63 12.92 -52.44 2.04
C SER I 63 12.34 -51.59 0.91
N GLY I 64 12.30 -50.28 1.15
CA GLY I 64 11.77 -49.36 0.16
C GLY I 64 12.50 -48.04 0.13
N SER I 65 12.67 -47.44 -1.04
CA SER I 65 13.38 -46.18 -1.16
C SER I 65 13.03 -45.51 -2.47
N GLY I 66 13.00 -44.18 -2.48
CA GLY I 66 12.67 -43.48 -3.70
C GLY I 66 12.75 -41.98 -3.52
N SER I 67 12.54 -41.29 -4.64
CA SER I 67 12.58 -39.83 -4.65
C SER I 67 11.83 -39.32 -5.87
N GLY I 68 11.32 -38.10 -5.76
CA GLY I 68 10.67 -37.44 -6.87
C GLY I 68 9.50 -38.21 -7.43
N THR I 69 9.71 -38.81 -8.60
CA THR I 69 8.68 -39.58 -9.29
C THR I 69 8.93 -41.08 -9.28
N ASP I 70 10.11 -41.53 -8.83
CA ASP I 70 10.49 -42.93 -8.94
C ASP I 70 10.71 -43.53 -7.55
N TYR I 71 10.07 -44.66 -7.28
CA TYR I 71 10.20 -45.33 -6.00
C TYR I 71 10.42 -46.81 -6.26
N THR I 72 11.12 -47.48 -5.35
CA THR I 72 11.52 -48.87 -5.53
C THR I 72 11.30 -49.67 -4.26
N LEU I 73 10.97 -50.94 -4.43
CA LEU I 73 10.77 -51.89 -3.36
C LEU I 73 11.62 -53.12 -3.60
N THR I 74 12.24 -53.64 -2.53
CA THR I 74 13.17 -54.76 -2.58
C THR I 74 12.73 -55.84 -1.61
N ILE I 75 12.68 -57.09 -2.08
CA ILE I 75 12.21 -58.23 -1.33
C ILE I 75 13.24 -59.35 -1.43
N SER I 76 13.37 -60.14 -0.36
CA SER I 76 14.28 -61.27 -0.35
C SER I 76 13.62 -62.47 0.33
N SER I 77 13.95 -63.67 -0.16
CA SER I 77 13.59 -64.93 0.50
C SER I 77 12.08 -65.07 0.69
N LEU I 78 11.38 -65.17 -0.44
CA LEU I 78 9.93 -65.16 -0.43
C LEU I 78 9.34 -66.33 0.35
N GLN I 79 8.23 -66.07 1.04
CA GLN I 79 7.34 -67.11 1.54
C GLN I 79 6.05 -67.04 0.74
N PRO I 80 5.66 -68.11 0.02
CA PRO I 80 4.58 -67.98 -0.96
C PRO I 80 3.17 -68.10 -0.38
N GLU I 81 3.03 -68.00 0.94
CA GLU I 81 1.70 -68.03 1.53
C GLU I 81 0.97 -66.71 1.36
N ASP I 82 1.69 -65.59 1.44
CA ASP I 82 1.09 -64.27 1.28
C ASP I 82 0.61 -64.08 -0.17
N PHE I 83 -0.34 -63.16 -0.35
CA PHE I 83 -1.09 -63.11 -1.60
C PHE I 83 -0.93 -61.81 -2.38
N ALA I 84 -1.23 -60.64 -1.81
CA ALA I 84 -1.46 -59.45 -2.60
C ALA I 84 -0.74 -58.22 -2.06
N TYR I 85 -0.12 -57.45 -2.97
CA TYR I 85 0.58 -56.22 -2.62
C TYR I 85 0.48 -55.23 -3.79
N TYR I 86 0.63 -53.93 -3.48
CA TYR I 86 0.42 -52.84 -4.43
C TYR I 86 1.20 -51.61 -4.01
N CYS I 87 1.35 -50.65 -4.93
CA CYS I 87 1.83 -49.30 -4.62
C CYS I 87 0.67 -48.31 -4.77
N GLN I 88 0.52 -47.43 -3.78
CA GLN I 88 -0.62 -46.53 -3.68
C GLN I 88 -0.16 -45.13 -3.29
N GLN I 89 -0.89 -44.12 -3.76
CA GLN I 89 -0.59 -42.72 -3.46
C GLN I 89 -1.71 -42.10 -2.64
N GLY I 90 -1.34 -41.23 -1.70
CA GLY I 90 -2.28 -40.45 -0.93
C GLY I 90 -1.98 -38.96 -1.03
N TYR I 91 -1.38 -38.56 -2.15
CA TYR I 91 -0.96 -37.18 -2.34
C TYR I 91 -2.11 -36.30 -2.85
N SER I 92 -2.96 -36.84 -3.71
CA SER I 92 -4.04 -36.05 -4.31
C SER I 92 -5.35 -36.83 -4.27
N TYR I 93 -6.45 -36.08 -4.19
CA TYR I 93 -7.80 -36.65 -4.15
C TYR I 93 -8.31 -36.86 -5.57
N PRO I 94 -8.89 -38.03 -5.88
CA PRO I 94 -9.09 -39.18 -4.99
C PRO I 94 -7.88 -40.10 -4.87
N PHE I 95 -7.83 -40.90 -3.80
CA PHE I 95 -6.74 -41.85 -3.62
C PHE I 95 -6.86 -42.98 -4.64
N THR I 96 -5.74 -43.32 -5.28
CA THR I 96 -5.73 -44.29 -6.37
C THR I 96 -4.60 -45.30 -6.18
N PHE I 97 -4.72 -46.42 -6.88
CA PHE I 97 -3.76 -47.52 -6.83
C PHE I 97 -3.12 -47.72 -8.19
N GLY I 98 -1.93 -48.32 -8.19
CA GLY I 98 -1.23 -48.65 -9.41
C GLY I 98 -1.65 -49.99 -9.96
N PRO I 99 -1.04 -50.37 -11.09
CA PRO I 99 -1.35 -51.68 -11.68
C PRO I 99 -0.96 -52.85 -10.79
N GLY I 100 0.31 -52.93 -10.40
CA GLY I 100 0.73 -53.86 -9.37
C GLY I 100 1.20 -55.22 -9.84
N THR I 101 2.07 -55.84 -9.02
CA THR I 101 2.41 -57.25 -9.15
C THR I 101 2.44 -57.85 -7.75
N LYS I 102 1.80 -59.01 -7.59
CA LYS I 102 1.63 -59.62 -6.29
C LYS I 102 2.19 -61.04 -6.31
N VAL I 103 2.17 -61.68 -5.14
CA VAL I 103 2.65 -63.05 -5.03
C VAL I 103 1.72 -63.97 -5.80
N ASP I 104 2.28 -64.72 -6.75
CA ASP I 104 1.49 -65.57 -7.63
C ASP I 104 1.99 -67.01 -7.56
N ILE I 105 1.05 -67.95 -7.63
CA ILE I 105 1.34 -69.38 -7.55
C ILE I 105 1.40 -69.92 -8.98
N LYS I 106 2.50 -70.59 -9.31
CA LYS I 106 2.63 -71.20 -10.63
C LYS I 106 2.30 -72.69 -10.57
#